data_5DTW
#
_entry.id   5DTW
#
_cell.length_a   113.603
_cell.length_b   51.275
_cell.length_c   156.825
_cell.angle_alpha   90.00
_cell.angle_beta   106.80
_cell.angle_gamma   90.00
#
_symmetry.space_group_name_H-M   'P 1 21 1'
#
loop_
_entity.id
_entity.type
_entity.pdbx_description
1 polymer 'enoyl-CoA hydratase echA6'
2 non-polymer Arachinoyl-CoA
3 water water
#
_entity_poly.entity_id   1
_entity_poly.type   'polypeptide(L)'
_entity_poly.pdbx_seq_one_letter_code
;MGSSHHHHHHSSGLVPRGSHMIGITQAEAVLTIELQRPERRNALNSQLVEELTQAIRKAGDGSARAIVLTGQGTAFCAGA
DLSGDAFAADYPDRLIELHKAMDASPMPVVGAINGPAIGAGLQLAMQCDLRVVAPDAFFQFPTSKYGLALDNWSIRRLSS
LVGHGRARAMLLSAEKLTAEIALHTGMANRIGTLADAQAWAAEIARLAPLAIQHAKRVLNDDGAIEEAWPAHKELFDKAW
GSQDVIEAQVARMEKRPPKFQGA
;
_entity_poly.pdbx_strand_id   A,B,C,D,E,F
#
# COMPACT_ATOMS: atom_id res chain seq x y z
N HIS A 20 1.77 -20.31 8.85
CA HIS A 20 1.01 -20.19 7.61
C HIS A 20 1.81 -19.50 6.51
N MET A 21 2.80 -18.71 6.89
CA MET A 21 3.57 -17.93 5.92
C MET A 21 5.05 -18.30 5.73
N ILE A 22 5.52 -19.33 6.45
CA ILE A 22 6.88 -19.88 6.25
C ILE A 22 6.91 -21.39 6.10
N GLY A 23 7.92 -21.88 5.38
CA GLY A 23 8.20 -23.31 5.30
C GLY A 23 9.38 -23.68 6.19
N ILE A 24 9.24 -24.79 6.92
CA ILE A 24 10.30 -25.26 7.81
C ILE A 24 10.59 -26.73 7.53
N THR A 25 11.78 -27.03 7.04
CA THR A 25 12.17 -28.41 6.76
C THR A 25 13.50 -28.74 7.43
N GLN A 26 13.79 -30.04 7.56
CA GLN A 26 15.05 -30.45 8.17
C GLN A 26 15.61 -31.68 7.47
N ALA A 27 16.90 -31.59 7.12
CA ALA A 27 17.66 -32.70 6.53
C ALA A 27 19.06 -32.68 7.15
N GLU A 28 19.56 -33.85 7.53
CA GLU A 28 20.76 -33.92 8.37
C GLU A 28 20.48 -33.05 9.59
N ALA A 29 21.44 -32.21 9.96
CA ALA A 29 21.22 -31.39 11.14
C ALA A 29 21.06 -29.94 10.71
N VAL A 30 20.52 -29.75 9.50
CA VAL A 30 20.29 -28.43 8.91
C VAL A 30 18.82 -28.06 8.77
N LEU A 31 18.35 -27.20 9.67
CA LEU A 31 17.01 -26.62 9.55
C LEU A 31 16.96 -25.58 8.44
N THR A 32 16.03 -25.73 7.48
CA THR A 32 15.83 -24.72 6.45
C THR A 32 14.53 -23.95 6.67
N ILE A 33 14.65 -22.66 6.97
CA ILE A 33 13.51 -21.77 7.21
C ILE A 33 13.29 -20.94 5.95
N GLU A 34 12.14 -21.09 5.32
CA GLU A 34 11.85 -20.45 4.05
C GLU A 34 10.71 -19.45 4.12
N LEU A 35 11.00 -18.18 3.82
CA LEU A 35 9.97 -17.14 3.72
C LEU A 35 9.02 -17.49 2.58
N GLN A 36 7.73 -17.62 2.89
CA GLN A 36 6.73 -17.97 1.85
C GLN A 36 5.66 -16.89 1.58
N ARG A 37 6.10 -15.70 1.14
CA ARG A 37 5.19 -14.72 0.54
C ARG A 37 5.70 -14.30 -0.83
N PRO A 38 5.96 -15.26 -1.73
CA PRO A 38 6.57 -14.89 -3.02
C PRO A 38 5.77 -13.84 -3.80
N GLU A 39 4.44 -13.80 -3.61
CA GLU A 39 3.60 -12.87 -4.36
C GLU A 39 3.72 -11.43 -3.85
N ARG A 40 4.41 -11.27 -2.74
CA ARG A 40 4.78 -9.94 -2.25
C ARG A 40 6.31 -9.80 -2.17
N ARG A 41 7.02 -10.64 -2.93
CA ARG A 41 8.48 -10.71 -2.88
C ARG A 41 8.97 -10.83 -1.45
N ASN A 42 8.30 -11.69 -0.69
CA ASN A 42 8.59 -11.94 0.71
C ASN A 42 8.63 -10.72 1.65
N ALA A 43 8.03 -9.61 1.23
CA ALA A 43 7.81 -8.46 2.12
C ALA A 43 7.46 -8.89 3.56
N LEU A 44 8.06 -8.24 4.54
CA LEU A 44 7.82 -8.58 5.93
C LEU A 44 6.67 -7.78 6.51
N ASN A 45 5.51 -8.41 6.64
CA ASN A 45 4.46 -7.87 7.49
C ASN A 45 4.58 -8.40 8.92
N SER A 46 3.69 -7.95 9.79
CA SER A 46 3.75 -8.33 11.19
C SER A 46 3.65 -9.82 11.41
N GLN A 47 2.84 -10.51 10.61
CA GLN A 47 2.63 -11.92 10.88
C GLN A 47 3.86 -12.73 10.49
N LEU A 48 4.50 -12.35 9.38
CA LEU A 48 5.68 -13.05 8.92
C LEU A 48 6.79 -12.87 9.94
N VAL A 49 6.90 -11.66 10.49
CA VAL A 49 7.97 -11.34 11.43
C VAL A 49 7.83 -12.12 12.74
N GLU A 50 6.59 -12.32 13.18
CA GLU A 50 6.34 -13.12 14.36
C GLU A 50 6.64 -14.61 14.13
N GLU A 51 6.24 -15.13 12.97
CA GLU A 51 6.47 -16.55 12.64
C GLU A 51 7.94 -16.91 12.48
N LEU A 52 8.75 -15.95 12.03
CA LEU A 52 10.20 -16.13 11.89
C LEU A 52 10.87 -16.19 13.24
N THR A 53 10.58 -15.20 14.07
CA THR A 53 11.05 -15.11 15.43
C THR A 53 10.82 -16.44 16.12
N GLN A 54 9.58 -16.92 16.10
CA GLN A 54 9.25 -18.22 16.66
C GLN A 54 10.10 -19.37 16.07
N ALA A 55 10.30 -19.36 14.76
CA ALA A 55 11.00 -20.46 14.10
C ALA A 55 12.48 -20.47 14.48
N ILE A 56 13.00 -19.28 14.75
CA ILE A 56 14.39 -19.13 15.14
C ILE A 56 14.58 -19.63 16.57
N ARG A 57 13.63 -19.31 17.44
CA ARG A 57 13.76 -19.62 18.84
C ARG A 57 13.58 -21.11 19.06
N LYS A 58 12.79 -21.73 18.21
CA LYS A 58 12.50 -23.15 18.30
C LYS A 58 13.43 -23.99 17.40
N ALA A 59 14.39 -23.35 16.76
CA ALA A 59 15.34 -24.06 15.92
C ALA A 59 16.13 -25.03 16.78
N GLY A 60 16.34 -26.24 16.29
CA GLY A 60 16.97 -27.28 17.09
C GLY A 60 16.41 -27.40 18.51
N ASP A 61 15.10 -27.62 18.59
CA ASP A 61 14.46 -27.92 19.86
C ASP A 61 15.06 -29.10 20.66
N GLY A 62 15.36 -30.25 20.03
CA GLY A 62 15.34 -30.49 18.59
C GLY A 62 16.77 -30.72 18.15
N SER A 63 16.97 -31.39 17.01
CA SER A 63 18.33 -31.86 16.70
C SER A 63 19.13 -31.07 15.66
N ALA A 64 18.66 -29.90 15.26
CA ALA A 64 19.38 -29.15 14.22
C ALA A 64 20.61 -28.46 14.81
N ARG A 65 21.67 -28.38 14.00
CA ARG A 65 22.92 -27.73 14.43
C ARG A 65 23.16 -26.47 13.63
N ALA A 66 22.41 -26.34 12.55
CA ALA A 66 22.49 -25.13 11.74
C ALA A 66 21.15 -24.80 11.07
N ILE A 67 20.98 -23.52 10.78
CA ILE A 67 19.83 -23.00 10.08
C ILE A 67 20.24 -22.44 8.72
N VAL A 68 19.46 -22.74 7.70
CA VAL A 68 19.53 -21.97 6.47
C VAL A 68 18.25 -21.14 6.40
N LEU A 69 18.38 -19.89 6.03
CA LEU A 69 17.28 -18.95 5.95
C LEU A 69 17.22 -18.42 4.53
N THR A 70 16.06 -18.54 3.90
CA THR A 70 15.98 -18.25 2.49
C THR A 70 14.56 -17.87 2.12
N GLY A 71 14.38 -17.32 0.91
CA GLY A 71 13.09 -16.90 0.42
C GLY A 71 12.61 -17.62 -0.83
N GLN A 72 11.32 -17.96 -0.85
CA GLN A 72 10.68 -18.56 -2.02
C GLN A 72 10.60 -17.57 -3.18
N GLY A 73 10.83 -18.05 -4.40
CA GLY A 73 10.64 -17.23 -5.59
C GLY A 73 11.86 -16.42 -5.93
N THR A 74 11.65 -15.25 -6.50
CA THR A 74 12.77 -14.49 -7.03
C THR A 74 13.42 -13.52 -6.03
N ALA A 75 12.82 -13.35 -4.86
CA ALA A 75 13.40 -12.46 -3.87
C ALA A 75 13.68 -13.15 -2.52
N PHE A 76 14.74 -12.70 -1.86
CA PHE A 76 15.01 -13.15 -0.52
C PHE A 76 14.03 -12.42 0.38
N CYS A 77 14.05 -11.09 0.33
CA CYS A 77 13.18 -10.30 1.16
C CYS A 77 13.13 -8.83 0.74
N ALA A 78 11.93 -8.35 0.48
CA ALA A 78 11.75 -7.07 -0.20
C ALA A 78 11.62 -5.96 0.81
N GLY A 79 11.79 -6.30 2.07
CA GLY A 79 11.68 -5.32 3.13
C GLY A 79 10.35 -5.34 3.84
N ALA A 80 10.14 -4.29 4.63
CA ALA A 80 8.89 -4.07 5.35
C ALA A 80 7.75 -3.91 4.37
N ASP A 81 6.60 -4.41 4.77
CA ASP A 81 5.41 -4.40 3.94
C ASP A 81 4.87 -2.97 3.78
N LEU A 82 4.90 -2.44 2.56
CA LEU A 82 4.39 -1.10 2.27
C LEU A 82 2.86 -0.95 2.39
N SER A 83 2.18 -2.01 2.80
CA SER A 83 0.71 -1.96 2.88
C SER A 83 0.01 -1.04 3.91
N GLY A 84 0.59 -0.66 5.04
CA GLY A 84 1.91 -1.00 5.50
C GLY A 84 2.10 -1.17 6.99
N ASP A 85 2.82 -2.21 7.36
CA ASP A 85 3.30 -2.37 8.71
C ASP A 85 4.56 -1.53 8.81
N ALA A 86 5.21 -1.35 7.66
CA ALA A 86 6.36 -0.49 7.52
C ALA A 86 6.23 0.79 8.33
N PHE A 87 5.07 1.43 8.25
CA PHE A 87 4.89 2.70 8.93
C PHE A 87 4.01 2.58 10.17
N ALA A 88 3.62 1.35 10.51
CA ALA A 88 2.93 1.13 11.76
C ALA A 88 3.89 1.34 12.94
N ALA A 89 3.35 1.92 14.01
CA ALA A 89 4.16 2.36 15.13
C ALA A 89 4.75 1.23 15.99
N ASP A 90 4.10 0.07 16.06
CA ASP A 90 4.66 -1.00 16.87
C ASP A 90 5.34 -2.10 16.04
N TYR A 91 5.66 -1.77 14.79
CA TYR A 91 6.32 -2.70 13.88
C TYR A 91 7.82 -2.78 14.12
N PRO A 92 8.49 -1.65 14.37
CA PRO A 92 9.93 -1.79 14.66
C PRO A 92 10.25 -2.73 15.83
N ASP A 93 9.45 -2.76 16.89
CA ASP A 93 9.72 -3.63 18.04
C ASP A 93 9.72 -5.11 17.66
N ARG A 94 8.89 -5.48 16.70
CA ARG A 94 8.81 -6.87 16.29
C ARG A 94 10.08 -7.23 15.52
N LEU A 95 10.54 -6.27 14.72
CA LEU A 95 11.76 -6.38 13.95
C LEU A 95 12.95 -6.52 14.90
N ILE A 96 13.00 -5.65 15.91
CA ILE A 96 14.06 -5.71 16.90
C ILE A 96 14.09 -7.06 17.61
N GLU A 97 12.91 -7.58 17.96
CA GLU A 97 12.81 -8.88 18.61
C GLU A 97 13.22 -10.05 17.71
N LEU A 98 12.89 -9.93 16.43
CA LEU A 98 13.40 -10.88 15.44
C LEU A 98 14.94 -10.86 15.47
N HIS A 99 15.52 -9.68 15.41
CA HIS A 99 16.96 -9.57 15.31
C HIS A 99 17.62 -10.06 16.59
N LYS A 100 16.99 -9.79 17.74
CA LYS A 100 17.50 -10.25 19.01
C LYS A 100 17.50 -11.77 19.06
N ALA A 101 16.49 -12.38 18.46
CA ALA A 101 16.38 -13.82 18.47
C ALA A 101 17.51 -14.46 17.67
N MET A 102 17.84 -13.88 16.52
CA MET A 102 18.90 -14.45 15.70
C MET A 102 20.26 -14.30 16.37
N ASP A 103 20.52 -13.11 16.90
CA ASP A 103 21.74 -12.75 17.59
C ASP A 103 22.00 -13.65 18.79
N ALA A 104 20.93 -14.08 19.44
CA ALA A 104 21.03 -14.85 20.67
C ALA A 104 21.12 -16.34 20.39
N SER A 105 20.65 -16.76 19.21
CA SER A 105 20.64 -18.18 18.87
C SER A 105 22.07 -18.71 18.75
N PRO A 106 22.31 -19.89 19.33
CA PRO A 106 23.61 -20.53 19.27
C PRO A 106 23.82 -21.22 17.93
N MET A 107 22.79 -21.20 17.08
CA MET A 107 22.90 -21.79 15.76
C MET A 107 23.53 -20.80 14.82
N PRO A 108 24.46 -21.26 13.98
CA PRO A 108 24.90 -20.38 12.90
C PRO A 108 23.78 -20.30 11.87
N VAL A 109 23.46 -19.10 11.39
CA VAL A 109 22.44 -18.97 10.35
C VAL A 109 23.07 -18.71 8.98
N VAL A 110 23.07 -19.68 8.08
CA VAL A 110 23.50 -19.37 6.73
C VAL A 110 22.37 -18.77 5.90
N GLY A 111 22.54 -17.51 5.52
CA GLY A 111 21.53 -16.91 4.68
C GLY A 111 21.70 -17.35 3.24
N ALA A 112 20.69 -18.01 2.69
CA ALA A 112 20.70 -18.31 1.27
C ALA A 112 19.97 -17.20 0.52
N ILE A 113 20.69 -16.17 0.13
CA ILE A 113 20.06 -14.97 -0.44
C ILE A 113 19.79 -15.16 -1.93
N ASN A 114 18.57 -15.56 -2.24
CA ASN A 114 18.23 -16.08 -3.54
C ASN A 114 17.80 -15.00 -4.53
N GLY A 115 17.66 -13.79 -4.04
CA GLY A 115 17.32 -12.67 -4.87
C GLY A 115 17.37 -11.44 -3.99
N PRO A 116 16.81 -10.33 -4.47
CA PRO A 116 16.99 -9.03 -3.84
C PRO A 116 16.67 -9.00 -2.36
N ALA A 117 17.44 -8.22 -1.63
CA ALA A 117 17.22 -7.99 -0.22
C ALA A 117 17.29 -6.49 -0.02
N ILE A 118 16.17 -5.89 0.38
CA ILE A 118 16.07 -4.45 0.47
C ILE A 118 15.52 -4.05 1.83
N GLY A 119 15.96 -2.92 2.35
CA GLY A 119 15.38 -2.37 3.55
C GLY A 119 15.53 -3.33 4.71
N ALA A 120 14.47 -3.52 5.48
CA ALA A 120 14.43 -4.53 6.52
C ALA A 120 14.95 -5.88 6.00
N GLY A 121 14.85 -6.07 4.69
CA GLY A 121 15.29 -7.30 4.07
C GLY A 121 16.81 -7.36 4.00
N LEU A 122 17.43 -6.20 3.79
CA LEU A 122 18.89 -6.13 3.85
C LEU A 122 19.30 -6.42 5.29
N GLN A 123 18.54 -5.84 6.22
CA GLN A 123 18.81 -5.97 7.65
C GLN A 123 18.75 -7.45 8.01
N LEU A 124 17.70 -8.10 7.55
CA LEU A 124 17.58 -9.52 7.77
C LEU A 124 18.81 -10.26 7.23
N ALA A 125 19.21 -9.92 6.00
CA ALA A 125 20.31 -10.63 5.34
C ALA A 125 21.62 -10.50 6.15
N MET A 126 21.85 -9.31 6.68
CA MET A 126 23.07 -8.99 7.40
C MET A 126 23.09 -9.62 8.78
N GLN A 127 21.92 -9.97 9.28
CA GLN A 127 21.83 -10.57 10.61
C GLN A 127 22.14 -12.07 10.51
N CYS A 128 22.19 -12.60 9.29
CA CYS A 128 22.65 -13.96 9.15
C CYS A 128 24.15 -13.99 9.49
N ASP A 129 24.61 -15.17 9.90
CA ASP A 129 25.99 -15.34 10.32
C ASP A 129 26.93 -15.44 9.13
N LEU A 130 26.45 -16.06 8.05
CA LEU A 130 27.16 -16.19 6.78
C LEU A 130 26.14 -15.99 5.62
N ARG A 131 26.62 -15.63 4.45
CA ARG A 131 25.73 -15.43 3.32
C ARG A 131 26.23 -16.09 2.02
N VAL A 132 25.40 -16.97 1.48
CA VAL A 132 25.59 -17.53 0.15
C VAL A 132 24.57 -16.86 -0.78
N VAL A 133 25.05 -16.12 -1.78
CA VAL A 133 24.20 -15.21 -2.58
C VAL A 133 24.05 -15.62 -4.05
N ALA A 134 22.81 -15.69 -4.53
CA ALA A 134 22.50 -15.97 -5.93
C ALA A 134 22.99 -14.86 -6.85
N PRO A 135 23.49 -15.20 -8.03
CA PRO A 135 24.08 -14.23 -8.96
C PRO A 135 23.19 -13.06 -9.33
N ASP A 136 21.87 -13.24 -9.32
CA ASP A 136 20.96 -12.14 -9.68
C ASP A 136 20.44 -11.39 -8.46
N ALA A 137 20.90 -11.79 -7.28
CA ALA A 137 20.45 -11.11 -6.06
C ALA A 137 21.17 -9.78 -5.99
N PHE A 138 20.50 -8.77 -5.44
CA PHE A 138 21.19 -7.53 -5.06
C PHE A 138 20.74 -7.03 -3.69
N PHE A 139 21.47 -6.06 -3.15
CA PHE A 139 21.26 -5.54 -1.80
C PHE A 139 21.08 -4.02 -1.87
N GLN A 140 20.17 -3.47 -1.09
CA GLN A 140 19.92 -2.03 -1.14
C GLN A 140 19.19 -1.51 0.06
N PHE A 141 19.65 -0.36 0.55
CA PHE A 141 18.93 0.43 1.53
C PHE A 141 18.39 1.66 0.81
N PRO A 142 17.10 1.65 0.47
CA PRO A 142 16.51 2.74 -0.29
C PRO A 142 16.02 3.83 0.67
N THR A 143 16.58 3.83 1.87
CA THR A 143 16.27 4.83 2.88
C THR A 143 16.27 6.28 2.35
N SER A 144 17.34 6.67 1.66
CA SER A 144 17.43 8.02 1.11
C SER A 144 16.39 8.35 0.02
N LYS A 145 15.70 7.34 -0.50
CA LYS A 145 14.62 7.61 -1.46
C LYS A 145 13.26 7.83 -0.80
N TYR A 146 13.13 7.39 0.45
CA TYR A 146 11.86 7.38 1.13
C TYR A 146 11.90 8.29 2.34
N GLY A 147 13.02 9.00 2.49
CA GLY A 147 13.22 9.92 3.58
C GLY A 147 13.28 9.26 4.96
N LEU A 148 13.54 7.96 5.01
CA LEU A 148 13.58 7.27 6.31
C LEU A 148 14.96 7.42 6.98
N ALA A 149 15.16 6.71 8.08
CA ALA A 149 16.47 6.65 8.72
C ALA A 149 16.64 5.31 9.41
N LEU A 150 17.86 4.82 9.41
CA LEU A 150 18.22 3.53 9.99
C LEU A 150 18.67 3.60 11.44
N ASP A 151 18.59 2.46 12.10
CA ASP A 151 19.16 2.30 13.43
C ASP A 151 20.68 2.18 13.27
N ASN A 152 21.41 2.45 14.35
CA ASN A 152 22.88 2.39 14.34
C ASN A 152 23.45 1.04 13.89
N TRP A 153 22.94 -0.05 14.47
CA TRP A 153 23.42 -1.41 14.10
C TRP A 153 23.45 -1.67 12.60
N SER A 154 22.35 -1.34 11.91
CA SER A 154 22.26 -1.52 10.47
C SER A 154 23.43 -0.85 9.78
N ILE A 155 23.69 0.39 10.16
CA ILE A 155 24.75 1.19 9.57
C ILE A 155 26.14 0.62 9.86
N ARG A 156 26.40 0.29 11.12
CA ARG A 156 27.69 -0.28 11.51
C ARG A 156 27.97 -1.61 10.81
N ARG A 157 26.99 -2.52 10.88
CA ARG A 157 27.14 -3.83 10.30
C ARG A 157 27.32 -3.74 8.80
N LEU A 158 26.57 -2.85 8.16
CA LEU A 158 26.73 -2.66 6.72
C LEU A 158 28.16 -2.20 6.42
N SER A 159 28.60 -1.16 7.15
CA SER A 159 29.99 -0.69 7.09
C SER A 159 31.03 -1.80 7.23
N SER A 160 30.82 -2.77 8.11
CA SER A 160 31.78 -3.85 8.28
C SER A 160 31.73 -4.86 7.13
N LEU A 161 30.61 -4.92 6.43
CA LEU A 161 30.40 -5.92 5.39
C LEU A 161 30.74 -5.45 3.98
N VAL A 162 30.59 -4.15 3.74
CA VAL A 162 30.93 -3.64 2.41
C VAL A 162 31.99 -2.58 2.49
N GLY A 163 32.48 -2.31 3.71
CA GLY A 163 33.53 -1.33 3.91
C GLY A 163 32.88 0.04 3.97
N HIS A 164 33.47 0.92 4.77
CA HIS A 164 32.93 2.23 5.03
C HIS A 164 32.58 3.08 3.77
N GLY A 165 33.38 2.97 2.72
CA GLY A 165 33.19 3.78 1.53
C GLY A 165 31.95 3.45 0.72
N ARG A 166 31.76 2.17 0.43
CA ARG A 166 30.58 1.73 -0.24
C ARG A 166 29.35 1.94 0.67
N ALA A 167 29.52 1.81 1.99
CA ALA A 167 28.40 2.00 2.91
C ALA A 167 27.87 3.42 2.76
N ARG A 168 28.78 4.37 2.69
CA ARG A 168 28.42 5.76 2.53
C ARG A 168 27.57 5.94 1.27
N ALA A 169 27.86 5.16 0.23
CA ALA A 169 27.21 5.33 -1.06
C ALA A 169 25.86 4.64 -1.02
N MET A 170 25.82 3.51 -0.34
CA MET A 170 24.58 2.81 -0.14
C MET A 170 23.62 3.62 0.74
N LEU A 171 24.13 4.25 1.78
CA LEU A 171 23.28 4.97 2.74
C LEU A 171 22.94 6.35 2.29
N LEU A 172 23.79 6.98 1.51
CA LEU A 172 23.52 8.38 1.15
C LEU A 172 22.87 8.54 -0.23
N SER A 173 22.84 7.45 -1.00
CA SER A 173 22.43 7.55 -2.40
C SER A 173 21.75 6.29 -2.89
N ALA A 174 21.45 5.39 -1.96
CA ALA A 174 20.65 4.20 -2.25
C ALA A 174 21.30 3.29 -3.28
N GLU A 175 22.61 3.26 -3.30
CA GLU A 175 23.31 2.47 -4.29
C GLU A 175 23.02 0.98 -4.16
N LYS A 176 22.68 0.35 -5.26
CA LYS A 176 22.50 -1.08 -5.27
C LYS A 176 23.85 -1.78 -5.16
N LEU A 177 23.94 -2.74 -4.25
CA LEU A 177 25.14 -3.55 -4.10
C LEU A 177 24.90 -4.82 -4.85
N THR A 178 25.58 -5.00 -5.98
CA THR A 178 25.41 -6.24 -6.75
C THR A 178 26.03 -7.46 -6.06
N ALA A 179 25.64 -8.63 -6.54
CA ALA A 179 26.13 -9.89 -6.00
C ALA A 179 27.65 -9.98 -6.13
N GLU A 180 28.15 -9.69 -7.32
CA GLU A 180 29.59 -9.81 -7.60
C GLU A 180 30.36 -8.89 -6.68
N ILE A 181 29.90 -7.65 -6.60
CA ILE A 181 30.49 -6.71 -5.69
C ILE A 181 30.26 -7.09 -4.21
N ALA A 182 29.14 -7.74 -3.91
CA ALA A 182 28.97 -8.27 -2.56
C ALA A 182 30.01 -9.35 -2.23
N LEU A 183 30.38 -10.13 -3.25
CA LEU A 183 31.39 -11.18 -3.10
C LEU A 183 32.76 -10.53 -2.92
N HIS A 184 32.94 -9.38 -3.56
CA HIS A 184 34.19 -8.61 -3.51
C HIS A 184 34.46 -8.09 -2.11
N THR A 185 33.47 -7.44 -1.52
CA THR A 185 33.67 -6.77 -0.24
C THR A 185 33.58 -7.71 0.95
N GLY A 186 32.89 -8.83 0.77
CA GLY A 186 32.75 -9.79 1.84
C GLY A 186 31.32 -10.01 2.31
N MET A 187 30.41 -9.10 1.96
CA MET A 187 28.99 -9.21 2.33
C MET A 187 28.41 -10.56 1.89
N ALA A 188 28.82 -11.01 0.72
CA ALA A 188 28.55 -12.38 0.30
C ALA A 188 29.82 -13.22 0.58
N ASN A 189 29.68 -14.32 1.30
CA ASN A 189 30.80 -15.27 1.43
C ASN A 189 31.01 -16.11 0.18
N ARG A 190 29.91 -16.57 -0.39
CA ARG A 190 29.97 -17.33 -1.62
C ARG A 190 28.87 -16.83 -2.49
N ILE A 191 29.07 -16.93 -3.81
CA ILE A 191 28.00 -16.74 -4.75
C ILE A 191 27.52 -18.13 -5.14
N GLY A 192 26.21 -18.37 -5.00
CA GLY A 192 25.67 -19.68 -5.27
C GLY A 192 24.22 -19.86 -4.87
N THR A 193 23.81 -21.13 -4.79
CA THR A 193 22.40 -21.49 -4.69
C THR A 193 21.99 -21.93 -3.28
N LEU A 194 20.70 -22.21 -3.12
CA LEU A 194 20.20 -22.69 -1.85
C LEU A 194 20.88 -24.02 -1.49
N ALA A 195 21.00 -24.91 -2.48
CA ALA A 195 21.64 -26.22 -2.30
C ALA A 195 23.09 -26.08 -1.84
N ASP A 196 23.75 -25.05 -2.36
CA ASP A 196 25.09 -24.73 -1.95
C ASP A 196 25.07 -24.27 -0.51
N ALA A 197 24.07 -23.48 -0.15
CA ALA A 197 24.03 -22.95 1.21
C ALA A 197 23.74 -24.09 2.17
N GLN A 198 22.83 -24.96 1.77
CA GLN A 198 22.48 -26.12 2.59
C GLN A 198 23.64 -27.09 2.78
N ALA A 199 24.51 -27.22 1.76
CA ALA A 199 25.68 -28.11 1.84
C ALA A 199 26.75 -27.57 2.79
N TRP A 200 26.95 -26.25 2.73
CA TRP A 200 27.87 -25.58 3.62
C TRP A 200 27.36 -25.67 5.05
N ALA A 201 26.06 -25.50 5.23
CA ALA A 201 25.51 -25.56 6.57
C ALA A 201 25.69 -26.97 7.14
N ALA A 202 25.65 -27.98 6.28
CA ALA A 202 25.88 -29.36 6.68
C ALA A 202 27.28 -29.53 7.28
N GLU A 203 28.29 -28.97 6.60
CA GLU A 203 29.65 -28.98 7.12
C GLU A 203 29.69 -28.34 8.48
N ILE A 204 29.22 -27.11 8.52
CA ILE A 204 29.22 -26.31 9.74
C ILE A 204 28.47 -27.02 10.88
N ALA A 205 27.45 -27.78 10.52
CA ALA A 205 26.67 -28.53 11.49
C ALA A 205 27.46 -29.73 12.05
N ARG A 206 28.58 -30.05 11.40
CA ARG A 206 29.43 -31.13 11.87
C ARG A 206 30.64 -30.61 12.65
N LEU A 207 30.68 -29.29 12.86
CA LEU A 207 31.77 -28.66 13.62
C LEU A 207 31.41 -28.56 15.08
N ALA A 208 32.37 -28.15 15.90
CA ALA A 208 32.10 -28.03 17.32
C ALA A 208 31.21 -26.83 17.64
N PRO A 209 30.01 -27.09 18.16
CA PRO A 209 29.02 -26.04 18.46
C PRO A 209 29.54 -24.96 19.42
N LEU A 210 30.20 -25.35 20.51
CA LEU A 210 30.75 -24.39 21.48
C LEU A 210 31.76 -23.43 20.87
N ALA A 211 32.58 -23.94 19.96
CA ALA A 211 33.51 -23.06 19.25
C ALA A 211 32.74 -22.07 18.37
N ILE A 212 31.71 -22.55 17.71
CA ILE A 212 30.94 -21.68 16.85
C ILE A 212 30.18 -20.63 17.65
N GLN A 213 29.57 -21.05 18.77
CA GLN A 213 28.82 -20.15 19.63
C GLN A 213 29.73 -19.06 20.18
N HIS A 214 30.96 -19.44 20.49
CA HIS A 214 31.90 -18.43 20.96
C HIS A 214 32.25 -17.42 19.85
N ALA A 215 32.54 -17.91 18.64
CA ALA A 215 32.94 -17.01 17.55
C ALA A 215 31.84 -16.00 17.27
N LYS A 216 30.64 -16.54 17.11
CA LYS A 216 29.47 -15.78 16.77
C LYS A 216 29.27 -14.65 17.78
N ARG A 217 29.23 -15.01 19.06
CA ARG A 217 28.93 -14.02 20.08
C ARG A 217 29.97 -12.89 20.06
N VAL A 218 31.24 -13.26 19.94
CA VAL A 218 32.29 -12.26 19.94
C VAL A 218 32.20 -11.40 18.68
N LEU A 219 31.97 -12.05 17.55
CA LEU A 219 31.80 -11.32 16.29
C LEU A 219 30.70 -10.27 16.36
N ASN A 220 29.51 -10.70 16.79
CA ASN A 220 28.35 -9.81 16.91
C ASN A 220 28.58 -8.70 17.92
N ASP A 221 29.47 -8.94 18.88
CA ASP A 221 29.84 -7.92 19.84
C ASP A 221 31.01 -7.08 19.37
N ASP A 222 31.11 -6.84 18.07
CA ASP A 222 32.20 -6.00 17.55
C ASP A 222 31.92 -4.51 17.81
N GLY A 223 30.72 -4.21 18.31
CA GLY A 223 30.30 -2.83 18.48
C GLY A 223 29.25 -2.38 17.48
N ALA A 224 28.91 -3.26 16.55
CA ALA A 224 27.79 -2.99 15.62
C ALA A 224 26.56 -2.63 16.42
N ILE A 225 26.29 -3.42 17.46
CA ILE A 225 25.15 -3.19 18.31
C ILE A 225 25.36 -1.93 19.13
N GLU A 226 24.81 -0.82 18.68
CA GLU A 226 25.10 0.48 19.28
C GLU A 226 23.82 1.26 19.50
N GLU A 227 23.64 1.74 20.72
CA GLU A 227 22.52 2.65 20.96
C GLU A 227 22.82 3.99 20.29
N ALA A 228 21.81 4.51 19.60
CA ALA A 228 21.89 5.79 18.90
C ALA A 228 22.32 6.93 19.81
N TRP A 229 23.26 7.75 19.36
CA TRP A 229 23.64 8.94 20.12
C TRP A 229 22.46 9.91 20.11
N PRO A 230 22.40 10.83 21.09
CA PRO A 230 21.32 11.81 21.12
C PRO A 230 21.08 12.52 19.78
N ALA A 231 22.12 13.02 19.11
CA ALA A 231 21.91 13.64 17.80
C ALA A 231 21.35 12.65 16.76
N HIS A 232 21.70 11.37 16.91
CA HIS A 232 21.24 10.34 15.97
C HIS A 232 19.74 10.14 16.13
N LYS A 233 19.31 10.00 17.38
CA LYS A 233 17.90 9.84 17.69
C LYS A 233 17.05 11.02 17.18
N GLU A 234 17.56 12.22 17.36
CA GLU A 234 16.83 13.40 16.93
C GLU A 234 16.70 13.45 15.43
N LEU A 235 17.82 13.23 14.74
CA LEU A 235 17.79 13.17 13.28
C LEU A 235 16.92 12.02 12.77
N PHE A 236 16.91 10.91 13.49
CA PHE A 236 16.09 9.76 13.14
C PHE A 236 14.59 10.09 13.21
N ASP A 237 14.14 10.63 14.35
CA ASP A 237 12.73 10.98 14.53
C ASP A 237 12.29 12.05 13.52
N LYS A 238 13.13 13.08 13.36
CA LYS A 238 12.91 14.16 12.41
C LYS A 238 12.70 13.64 10.99
N ALA A 239 13.55 12.71 10.55
CA ALA A 239 13.33 12.05 9.27
C ALA A 239 11.98 11.28 9.22
N TRP A 240 11.70 10.51 10.27
CA TRP A 240 10.51 9.67 10.29
C TRP A 240 9.17 10.43 10.35
N GLY A 241 9.07 11.46 11.17
CA GLY A 241 7.88 12.25 11.20
C GLY A 241 7.91 13.44 10.23
N SER A 242 8.48 13.25 9.06
CA SER A 242 8.61 14.37 8.13
C SER A 242 7.59 14.25 7.01
N GLN A 243 7.25 15.38 6.40
CA GLN A 243 6.29 15.40 5.30
C GLN A 243 6.85 14.65 4.10
N ASP A 244 8.18 14.67 3.98
CA ASP A 244 8.87 14.05 2.85
C ASP A 244 8.57 12.57 2.75
N VAL A 245 8.30 11.96 3.90
CA VAL A 245 7.88 10.57 3.95
C VAL A 245 6.60 10.35 3.12
N ILE A 246 5.64 11.27 3.23
CA ILE A 246 4.41 11.14 2.46
C ILE A 246 4.73 11.30 0.99
N GLU A 247 5.41 12.39 0.69
CA GLU A 247 5.76 12.72 -0.68
C GLU A 247 6.50 11.56 -1.36
N ALA A 248 7.37 10.88 -0.62
CA ALA A 248 8.14 9.79 -1.21
C ALA A 248 7.26 8.63 -1.70
N GLN A 249 6.31 8.20 -0.90
CA GLN A 249 5.43 7.11 -1.30
C GLN A 249 4.48 7.55 -2.43
N VAL A 250 3.98 8.79 -2.34
CA VAL A 250 3.09 9.33 -3.35
C VAL A 250 3.76 9.38 -4.73
N ALA A 251 4.99 9.88 -4.78
CA ALA A 251 5.67 10.00 -6.07
C ALA A 251 5.88 8.61 -6.67
N ARG A 252 6.23 7.65 -5.82
CA ARG A 252 6.44 6.27 -6.24
C ARG A 252 5.18 5.67 -6.87
N MET A 253 4.05 5.76 -6.15
CA MET A 253 2.81 5.21 -6.64
C MET A 253 2.33 5.99 -7.87
N GLU A 254 2.45 7.31 -7.82
CA GLU A 254 2.12 8.16 -8.97
C GLU A 254 3.14 7.98 -10.10
N LYS A 255 4.17 7.16 -9.86
CA LYS A 255 5.21 6.89 -10.83
C LYS A 255 5.77 8.19 -11.41
N ARG A 256 6.16 9.09 -10.50
CA ARG A 256 6.73 10.37 -10.87
C ARG A 256 7.91 10.68 -9.95
N PRO A 257 8.78 11.64 -10.35
CA PRO A 257 9.87 12.01 -9.44
C PRO A 257 9.36 12.75 -8.21
N PRO A 258 9.99 12.52 -7.04
CA PRO A 258 9.58 13.20 -5.82
C PRO A 258 10.12 14.61 -5.79
N LYS A 259 9.48 15.48 -5.02
CA LYS A 259 10.02 16.80 -4.76
C LYS A 259 10.08 16.98 -3.24
N PHE A 260 11.19 16.58 -2.64
CA PHE A 260 11.36 16.69 -1.20
C PHE A 260 11.59 18.13 -0.81
N GLN A 261 11.34 18.46 0.45
CA GLN A 261 11.48 19.83 0.91
C GLN A 261 12.45 19.92 2.09
N GLY A 262 12.93 18.76 2.53
CA GLY A 262 13.77 18.67 3.71
C GLY A 262 13.00 18.92 5.00
N ALA A 263 11.74 18.47 5.05
CA ALA A 263 10.90 18.68 6.23
C ALA A 263 9.64 17.80 6.24
N HIS B 20 69.23 -22.15 19.70
CA HIS B 20 69.22 -23.35 18.87
C HIS B 20 68.00 -23.45 17.93
N MET B 21 66.96 -22.67 18.20
CA MET B 21 65.69 -22.78 17.45
C MET B 21 65.32 -21.62 16.52
N ILE B 22 66.10 -20.55 16.53
CA ILE B 22 65.92 -19.47 15.56
C ILE B 22 67.24 -19.01 14.94
N GLY B 23 67.14 -18.46 13.73
CA GLY B 23 68.28 -17.93 13.02
C GLY B 23 68.18 -16.42 12.91
N ILE B 24 69.24 -15.74 13.33
CA ILE B 24 69.27 -14.28 13.27
C ILE B 24 70.42 -13.84 12.36
N THR B 25 70.11 -12.97 11.40
CA THR B 25 71.12 -12.44 10.50
C THR B 25 70.85 -10.95 10.29
N GLN B 26 71.77 -10.29 9.59
CA GLN B 26 71.60 -8.88 9.30
C GLN B 26 72.31 -8.47 8.02
N ALA B 27 71.59 -7.70 7.20
CA ALA B 27 72.15 -7.11 6.01
C ALA B 27 71.78 -5.62 6.01
N GLU B 28 72.81 -4.79 6.17
CA GLU B 28 72.65 -3.36 6.32
C GLU B 28 71.77 -3.04 7.53
N ALA B 29 70.57 -2.55 7.27
CA ALA B 29 69.74 -2.06 8.35
C ALA B 29 68.67 -3.06 8.76
N VAL B 30 68.61 -4.18 8.04
CA VAL B 30 67.51 -5.15 8.19
C VAL B 30 67.87 -6.44 8.93
N LEU B 31 67.24 -6.63 10.10
CA LEU B 31 67.39 -7.84 10.88
C LEU B 31 66.38 -8.92 10.46
N THR B 32 66.86 -10.11 10.08
CA THR B 32 65.96 -11.18 9.68
C THR B 32 65.89 -12.27 10.78
N ILE B 33 64.69 -12.56 11.25
CA ILE B 33 64.50 -13.61 12.24
C ILE B 33 63.81 -14.81 11.62
N GLU B 34 64.50 -15.95 11.58
CA GLU B 34 63.94 -17.13 10.94
C GLU B 34 63.59 -18.22 11.94
N LEU B 35 62.33 -18.65 11.91
CA LEU B 35 61.90 -19.79 12.69
C LEU B 35 62.62 -21.02 12.14
N GLN B 36 63.21 -21.82 13.01
CA GLN B 36 63.99 -22.97 12.59
C GLN B 36 63.52 -24.23 13.29
N ARG B 37 62.26 -24.56 13.10
CA ARG B 37 61.76 -25.82 13.60
C ARG B 37 60.98 -26.53 12.48
N PRO B 38 61.60 -26.61 11.27
CA PRO B 38 60.81 -27.00 10.10
C PRO B 38 60.38 -28.45 10.16
N GLU B 39 60.87 -29.19 11.16
CA GLU B 39 60.44 -30.57 11.38
C GLU B 39 59.01 -30.63 11.95
N ARG B 40 58.63 -29.58 12.68
CA ARG B 40 57.28 -29.48 13.21
C ARG B 40 56.55 -28.32 12.52
N ARG B 41 57.03 -28.00 11.33
CA ARG B 41 56.49 -26.91 10.51
C ARG B 41 56.43 -25.62 11.27
N ASN B 42 57.46 -25.42 12.10
CA ASN B 42 57.62 -24.20 12.89
C ASN B 42 56.56 -23.99 13.95
N ALA B 43 55.96 -25.08 14.41
CA ALA B 43 55.04 -25.00 15.53
C ALA B 43 55.78 -24.44 16.74
N LEU B 44 55.13 -23.50 17.40
CA LEU B 44 55.68 -22.84 18.58
C LEU B 44 55.70 -23.78 19.77
N ASN B 45 56.67 -23.59 20.67
CA ASN B 45 56.61 -24.20 21.99
C ASN B 45 57.27 -23.31 23.04
N SER B 46 57.36 -23.85 24.25
CA SER B 46 57.96 -23.20 25.39
C SER B 46 59.19 -22.37 25.00
N GLN B 47 60.11 -23.01 24.30
CA GLN B 47 61.44 -22.47 24.03
C GLN B 47 61.50 -21.52 22.83
N LEU B 48 61.00 -21.98 21.70
CA LEU B 48 61.02 -21.20 20.45
C LEU B 48 60.34 -19.84 20.61
N VAL B 49 59.32 -19.77 21.46
CA VAL B 49 58.65 -18.51 21.74
C VAL B 49 59.54 -17.60 22.59
N GLU B 50 60.10 -18.16 23.66
CA GLU B 50 60.96 -17.41 24.56
C GLU B 50 62.20 -16.89 23.83
N GLU B 51 62.69 -17.65 22.87
CA GLU B 51 63.85 -17.23 22.08
C GLU B 51 63.44 -16.07 21.19
N LEU B 52 62.27 -16.22 20.59
CA LEU B 52 61.72 -15.22 19.70
C LEU B 52 61.54 -13.89 20.42
N THR B 53 61.07 -13.93 21.65
CA THR B 53 60.87 -12.71 22.43
C THR B 53 62.17 -11.91 22.52
N GLN B 54 63.26 -12.61 22.80
CA GLN B 54 64.59 -12.00 22.94
C GLN B 54 65.07 -11.40 21.63
N ALA B 55 64.86 -12.12 20.54
CA ALA B 55 65.26 -11.65 19.22
C ALA B 55 64.59 -10.32 18.90
N ILE B 56 63.32 -10.17 19.29
CA ILE B 56 62.58 -8.91 19.09
C ILE B 56 63.09 -7.77 19.99
N ARG B 57 63.29 -8.06 21.27
CA ARG B 57 63.83 -7.07 22.21
C ARG B 57 65.22 -6.64 21.80
N LYS B 58 66.11 -7.61 21.62
CA LYS B 58 67.51 -7.33 21.34
C LYS B 58 67.75 -6.99 19.86
N ALA B 59 66.70 -6.55 19.18
CA ALA B 59 66.84 -6.07 17.82
C ALA B 59 67.00 -4.55 17.87
N GLY B 60 67.73 -4.00 16.90
CA GLY B 60 68.11 -2.60 16.97
C GLY B 60 68.93 -2.36 18.22
N ASP B 61 69.73 -3.35 18.59
CA ASP B 61 70.60 -3.30 19.77
C ASP B 61 72.00 -2.64 19.65
N GLY B 62 72.67 -2.67 18.49
CA GLY B 62 72.20 -3.12 17.19
C GLY B 62 71.85 -1.89 16.38
N SER B 63 72.09 -1.95 15.07
CA SER B 63 71.76 -0.82 14.20
C SER B 63 70.67 -1.21 13.21
N ALA B 64 69.62 -1.85 13.72
CA ALA B 64 68.53 -2.29 12.85
C ALA B 64 67.38 -1.28 12.84
N ARG B 65 66.86 -0.99 11.65
CA ARG B 65 65.72 -0.10 11.51
C ARG B 65 64.47 -0.84 11.00
N ALA B 66 64.63 -2.15 10.80
CA ALA B 66 63.56 -2.97 10.23
C ALA B 66 63.82 -4.45 10.44
N ILE B 67 62.76 -5.20 10.76
CA ILE B 67 62.83 -6.64 10.95
C ILE B 67 62.05 -7.40 9.88
N VAL B 68 62.64 -8.47 9.33
CA VAL B 68 61.86 -9.41 8.56
C VAL B 68 61.66 -10.65 9.40
N LEU B 69 60.42 -11.14 9.45
CA LEU B 69 60.08 -12.33 10.21
C LEU B 69 59.64 -13.43 9.25
N THR B 70 60.16 -14.64 9.44
CA THR B 70 59.95 -15.70 8.46
C THR B 70 60.17 -17.09 9.05
N GLY B 71 59.92 -18.11 8.23
CA GLY B 71 60.04 -19.48 8.68
C GLY B 71 60.79 -20.38 7.70
N GLN B 72 61.51 -21.34 8.26
CA GLN B 72 62.31 -22.23 7.45
C GLN B 72 61.45 -23.34 6.88
N GLY B 73 61.69 -23.68 5.61
CA GLY B 73 61.01 -24.79 5.00
C GLY B 73 59.66 -24.42 4.40
N THR B 74 58.70 -25.33 4.50
CA THR B 74 57.47 -25.15 3.76
C THR B 74 56.41 -24.32 4.52
N ALA B 75 56.55 -24.24 5.84
CA ALA B 75 55.55 -23.58 6.67
C ALA B 75 56.06 -22.32 7.36
N PHE B 76 55.25 -21.26 7.40
CA PHE B 76 55.59 -20.13 8.24
C PHE B 76 55.52 -20.52 9.70
N CYS B 77 54.36 -21.04 10.12
CA CYS B 77 54.19 -21.62 11.45
C CYS B 77 52.82 -22.29 11.49
N ALA B 78 52.79 -23.59 11.70
CA ALA B 78 51.54 -24.34 11.55
C ALA B 78 50.75 -24.48 12.84
N GLY B 79 51.19 -23.78 13.87
CA GLY B 79 50.43 -23.75 15.11
C GLY B 79 51.29 -23.93 16.33
N ALA B 80 50.91 -24.88 17.17
CA ALA B 80 51.63 -25.11 18.41
C ALA B 80 51.85 -26.61 18.65
N ASP B 81 53.04 -26.96 19.15
CA ASP B 81 53.40 -28.36 19.39
C ASP B 81 54.28 -28.46 20.62
N LEU B 82 53.67 -28.85 21.73
CA LEU B 82 54.35 -28.85 23.01
C LEU B 82 54.70 -30.26 23.49
N SER B 83 54.92 -31.17 22.53
CA SER B 83 55.36 -32.52 22.86
C SER B 83 56.89 -32.58 23.12
N ALA B 88 56.63 -25.33 29.50
CA ALA B 88 55.48 -25.86 28.79
C ALA B 88 54.17 -25.41 29.44
N ALA B 89 54.19 -25.32 30.77
CA ALA B 89 53.01 -24.85 31.49
C ALA B 89 52.90 -23.33 31.41
N ASP B 90 54.04 -22.65 31.31
CA ASP B 90 54.02 -21.19 31.13
C ASP B 90 54.12 -20.77 29.66
N TYR B 91 53.88 -21.73 28.77
CA TYR B 91 53.81 -21.43 27.33
C TYR B 91 52.88 -20.26 26.97
N PRO B 92 51.66 -20.21 27.56
CA PRO B 92 50.80 -19.08 27.20
C PRO B 92 51.34 -17.74 27.68
N ASP B 93 52.02 -17.74 28.83
CA ASP B 93 52.67 -16.54 29.32
C ASP B 93 53.73 -16.08 28.35
N ARG B 94 54.64 -16.99 28.01
CA ARG B 94 55.72 -16.68 27.09
C ARG B 94 55.14 -16.21 25.76
N LEU B 95 54.01 -16.80 25.38
CA LEU B 95 53.33 -16.41 24.16
C LEU B 95 52.80 -14.98 24.27
N ILE B 96 52.18 -14.69 25.41
CA ILE B 96 51.64 -13.38 25.70
C ILE B 96 52.73 -12.31 25.67
N GLU B 97 53.89 -12.64 26.23
CA GLU B 97 54.98 -11.68 26.31
C GLU B 97 55.57 -11.42 24.94
N LEU B 98 55.65 -12.50 24.14
CA LEU B 98 56.06 -12.40 22.75
C LEU B 98 55.24 -11.36 21.99
N HIS B 99 53.92 -11.45 22.14
CA HIS B 99 53.03 -10.52 21.47
C HIS B 99 53.22 -9.10 22.00
N LYS B 100 53.35 -8.98 23.32
CA LYS B 100 53.60 -7.68 23.93
C LYS B 100 54.84 -7.05 23.31
N ALA B 101 55.81 -7.90 23.00
CA ALA B 101 57.10 -7.44 22.51
C ALA B 101 56.99 -6.90 21.10
N MET B 102 56.30 -7.63 20.23
CA MET B 102 56.13 -7.13 18.87
C MET B 102 55.25 -5.89 18.82
N ASP B 103 54.29 -5.83 19.75
CA ASP B 103 53.42 -4.69 19.88
C ASP B 103 54.18 -3.47 20.40
N ALA B 104 54.93 -3.67 21.47
CA ALA B 104 55.66 -2.58 22.08
C ALA B 104 56.88 -2.18 21.26
N SER B 105 57.35 -3.08 20.42
CA SER B 105 58.57 -2.85 19.65
C SER B 105 58.42 -1.59 18.83
N PRO B 106 59.51 -0.81 18.69
CA PRO B 106 59.49 0.47 17.98
C PRO B 106 59.82 0.33 16.50
N MET B 107 60.01 -0.89 16.03
CA MET B 107 60.32 -1.04 14.61
C MET B 107 59.29 -1.85 13.81
N PRO B 108 59.15 -1.52 12.51
CA PRO B 108 58.23 -2.25 11.65
C PRO B 108 58.68 -3.69 11.43
N VAL B 109 57.76 -4.64 11.54
CA VAL B 109 58.07 -6.05 11.31
C VAL B 109 57.35 -6.57 10.06
N VAL B 110 58.09 -6.81 8.98
CA VAL B 110 57.52 -7.37 7.77
C VAL B 110 57.49 -8.89 7.85
N GLY B 111 56.29 -9.47 7.92
CA GLY B 111 56.20 -10.90 7.98
C GLY B 111 56.40 -11.53 6.62
N ALA B 112 57.50 -12.27 6.46
CA ALA B 112 57.72 -12.99 5.22
C ALA B 112 57.02 -14.33 5.34
N ILE B 113 55.73 -14.32 5.04
CA ILE B 113 54.90 -15.51 5.20
C ILE B 113 55.17 -16.49 4.07
N ASN B 114 56.10 -17.40 4.32
CA ASN B 114 56.67 -18.26 3.30
C ASN B 114 55.82 -19.48 3.01
N GLY B 115 54.96 -19.83 3.97
CA GLY B 115 54.04 -20.94 3.83
C GLY B 115 52.86 -20.78 4.76
N PRO B 116 52.05 -21.84 4.92
CA PRO B 116 50.86 -21.85 5.78
C PRO B 116 51.08 -21.21 7.15
N ALA B 117 50.13 -20.37 7.55
CA ALA B 117 50.19 -19.71 8.85
C ALA B 117 48.90 -20.05 9.56
N ILE B 118 49.00 -20.96 10.55
CA ILE B 118 47.82 -21.57 11.15
C ILE B 118 47.81 -21.44 12.67
N GLY B 119 46.64 -21.15 13.21
CA GLY B 119 46.49 -21.03 14.65
C GLY B 119 47.34 -19.93 15.23
N ALA B 120 48.13 -20.30 16.25
CA ALA B 120 49.14 -19.43 16.83
C ALA B 120 50.08 -18.84 15.76
N GLY B 121 50.19 -19.54 14.64
CA GLY B 121 50.96 -19.04 13.52
C GLY B 121 50.29 -17.89 12.80
N LEU B 122 48.98 -17.97 12.60
CA LEU B 122 48.23 -16.85 12.09
C LEU B 122 48.21 -15.70 13.11
N GLN B 123 48.15 -16.06 14.39
CA GLN B 123 48.29 -15.06 15.45
C GLN B 123 49.57 -14.27 15.24
N LEU B 124 50.69 -14.98 15.15
CA LEU B 124 52.00 -14.37 15.01
C LEU B 124 52.10 -13.56 13.71
N ALA B 125 51.59 -14.11 12.61
CA ALA B 125 51.66 -13.41 11.33
C ALA B 125 50.93 -12.06 11.39
N MET B 126 49.79 -12.02 12.09
CA MET B 126 48.98 -10.81 12.25
C MET B 126 49.66 -9.78 13.15
N GLN B 127 50.54 -10.26 14.02
CA GLN B 127 51.22 -9.38 14.95
C GLN B 127 52.34 -8.62 14.24
N CYS B 128 52.73 -9.07 13.06
CA CYS B 128 53.62 -8.29 12.21
C CYS B 128 52.90 -7.02 11.76
N ASP B 129 53.66 -5.98 11.51
CA ASP B 129 53.10 -4.72 11.07
C ASP B 129 52.70 -4.72 9.60
N LEU B 130 53.39 -5.55 8.83
CA LEU B 130 53.15 -5.70 7.39
C LEU B 130 53.27 -7.16 6.99
N ARG B 131 52.87 -7.50 5.77
CA ARG B 131 52.97 -8.88 5.30
C ARG B 131 53.26 -9.04 3.80
N VAL B 132 54.23 -9.88 3.50
CA VAL B 132 54.51 -10.34 2.12
C VAL B 132 54.28 -11.85 2.13
N VAL B 133 53.41 -12.32 1.26
CA VAL B 133 52.95 -13.70 1.35
C VAL B 133 53.31 -14.50 0.12
N ALA B 134 53.95 -15.63 0.35
CA ALA B 134 54.28 -16.58 -0.71
C ALA B 134 53.01 -17.11 -1.35
N PRO B 135 53.02 -17.25 -2.67
CA PRO B 135 51.87 -17.65 -3.50
C PRO B 135 51.11 -18.91 -3.04
N ASP B 136 51.77 -19.81 -2.34
CA ASP B 136 51.11 -21.05 -1.92
C ASP B 136 50.87 -21.09 -0.41
N ALA B 137 51.18 -19.98 0.26
CA ALA B 137 50.86 -19.83 1.68
C ALA B 137 49.37 -19.61 1.85
N PHE B 138 48.80 -20.12 2.92
CA PHE B 138 47.42 -19.77 3.28
C PHE B 138 47.32 -19.45 4.76
N PHE B 139 46.19 -18.89 5.18
CA PHE B 139 45.98 -18.52 6.57
C PHE B 139 44.76 -19.22 7.15
N GLN B 140 44.86 -19.70 8.38
CA GLN B 140 43.73 -20.40 8.97
C GLN B 140 43.65 -20.34 10.49
N PHE B 141 42.42 -20.24 10.98
CA PHE B 141 42.07 -20.56 12.37
C PHE B 141 41.15 -21.76 12.34
N PRO B 142 41.68 -22.95 12.65
CA PRO B 142 40.81 -24.12 12.58
C PRO B 142 40.11 -24.42 13.89
N THR B 143 39.91 -23.39 14.72
CA THR B 143 39.33 -23.56 16.05
C THR B 143 38.03 -24.34 16.06
N SER B 144 37.20 -24.12 15.06
CA SER B 144 35.92 -24.81 15.05
C SER B 144 36.04 -26.30 14.69
N LYS B 145 37.18 -26.73 14.14
CA LYS B 145 37.43 -28.18 13.96
C LYS B 145 37.92 -28.83 15.26
N TYR B 146 38.42 -28.04 16.20
CA TYR B 146 39.00 -28.60 17.43
C TYR B 146 38.26 -28.19 18.69
N GLY B 147 37.21 -27.39 18.49
CA GLY B 147 36.32 -27.00 19.56
C GLY B 147 36.93 -26.02 20.54
N LEU B 148 37.88 -25.23 20.07
CA LEU B 148 38.54 -24.29 20.95
C LEU B 148 37.95 -22.89 20.71
N ALA B 149 38.49 -21.89 21.40
CA ALA B 149 38.12 -20.48 21.24
C ALA B 149 39.34 -19.58 21.16
N LEU B 150 39.18 -18.45 20.48
CA LEU B 150 40.26 -17.47 20.40
C LEU B 150 40.10 -16.35 21.41
N ASP B 151 41.20 -15.65 21.68
CA ASP B 151 41.14 -14.40 22.43
C ASP B 151 40.45 -13.36 21.54
N ASN B 152 40.03 -12.26 22.14
CA ASN B 152 39.39 -11.19 21.35
C ASN B 152 40.26 -10.53 20.30
N TRP B 153 41.50 -10.18 20.67
CA TRP B 153 42.39 -9.50 19.76
C TRP B 153 42.51 -10.25 18.43
N SER B 154 42.68 -11.57 18.48
CA SER B 154 42.85 -12.35 17.24
C SER B 154 41.67 -12.17 16.33
N ILE B 155 40.48 -12.12 16.92
CA ILE B 155 39.23 -12.01 16.17
C ILE B 155 39.09 -10.62 15.57
N ARG B 156 39.28 -9.60 16.41
CA ARG B 156 39.24 -8.21 15.99
C ARG B 156 40.25 -7.91 14.87
N ARG B 157 41.52 -8.27 15.07
CA ARG B 157 42.54 -7.97 14.06
C ARG B 157 42.32 -8.71 12.73
N LEU B 158 41.94 -10.00 12.81
CA LEU B 158 41.60 -10.77 11.62
C LEU B 158 40.45 -10.09 10.87
N SER B 159 39.54 -9.49 11.62
CA SER B 159 38.38 -8.82 11.03
C SER B 159 38.86 -7.58 10.29
N SER B 160 39.78 -6.84 10.90
CA SER B 160 40.34 -5.63 10.30
C SER B 160 41.18 -5.95 9.05
N LEU B 161 41.77 -7.15 9.02
CA LEU B 161 42.64 -7.52 7.91
C LEU B 161 41.91 -8.20 6.75
N VAL B 162 40.90 -9.02 7.02
CA VAL B 162 40.20 -9.69 5.91
C VAL B 162 38.77 -9.23 5.73
N GLY B 163 38.35 -8.25 6.52
CA GLY B 163 36.98 -7.77 6.42
C GLY B 163 36.07 -8.64 7.24
N HIS B 164 35.12 -8.01 7.91
CA HIS B 164 34.21 -8.73 8.79
C HIS B 164 33.53 -9.97 8.17
N GLY B 165 33.22 -9.92 6.89
CA GLY B 165 32.46 -10.97 6.23
C GLY B 165 33.28 -12.24 6.04
N ARG B 166 34.45 -12.09 5.45
CA ARG B 166 35.34 -13.23 5.35
C ARG B 166 35.81 -13.69 6.74
N ALA B 167 35.86 -12.78 7.70
CA ALA B 167 36.32 -13.18 9.02
C ALA B 167 35.33 -14.14 9.62
N ARG B 168 34.04 -13.88 9.43
CA ARG B 168 33.03 -14.80 9.94
C ARG B 168 33.23 -16.20 9.34
N ALA B 169 33.57 -16.27 8.06
CA ALA B 169 33.70 -17.57 7.42
C ALA B 169 34.92 -18.30 7.95
N MET B 170 35.99 -17.57 8.22
CA MET B 170 37.16 -18.19 8.79
C MET B 170 36.88 -18.68 10.22
N LEU B 171 36.15 -17.89 11.00
CA LEU B 171 35.91 -18.20 12.40
C LEU B 171 34.86 -19.27 12.64
N LEU B 172 33.75 -19.20 11.89
CA LEU B 172 32.63 -20.14 12.06
C LEU B 172 32.79 -21.44 11.27
N SER B 173 33.60 -21.44 10.20
CA SER B 173 33.70 -22.63 9.37
C SER B 173 35.13 -23.18 9.14
N ALA B 174 36.13 -22.49 9.68
CA ALA B 174 37.53 -22.89 9.56
C ALA B 174 38.04 -22.82 8.12
N GLU B 175 37.58 -21.82 7.40
CA GLU B 175 37.91 -21.71 5.99
C GLU B 175 39.30 -21.11 5.83
N LYS B 176 40.08 -21.63 4.89
CA LYS B 176 41.39 -21.08 4.64
C LYS B 176 41.28 -19.80 3.83
N LEU B 177 42.21 -18.90 4.08
CA LEU B 177 42.38 -17.70 3.28
C LEU B 177 43.62 -17.88 2.44
N THR B 178 43.41 -18.07 1.14
CA THR B 178 44.51 -18.26 0.23
C THR B 178 45.21 -16.93 0.00
N ALA B 179 46.39 -17.01 -0.62
CA ALA B 179 47.22 -15.83 -0.79
C ALA B 179 46.55 -14.78 -1.66
N GLU B 180 45.92 -15.23 -2.73
CA GLU B 180 45.25 -14.31 -3.65
C GLU B 180 44.18 -13.47 -2.93
N ILE B 181 43.43 -14.10 -2.01
CA ILE B 181 42.41 -13.39 -1.24
C ILE B 181 43.07 -12.53 -0.15
N ALA B 182 44.17 -13.02 0.41
CA ALA B 182 44.94 -12.21 1.35
C ALA B 182 45.37 -10.91 0.71
N LEU B 183 45.78 -10.98 -0.56
CA LEU B 183 46.16 -9.78 -1.33
C LEU B 183 44.95 -8.90 -1.60
N HIS B 184 43.85 -9.56 -1.96
CA HIS B 184 42.57 -8.90 -2.16
C HIS B 184 42.13 -8.09 -0.94
N THR B 185 42.14 -8.72 0.23
CA THR B 185 41.56 -8.09 1.39
C THR B 185 42.49 -7.12 2.09
N GLY B 186 43.79 -7.31 1.93
CA GLY B 186 44.76 -6.50 2.65
C GLY B 186 45.59 -7.28 3.67
N MET B 187 45.28 -8.56 3.89
CA MET B 187 46.04 -9.39 4.84
C MET B 187 47.50 -9.53 4.41
N ALA B 188 47.67 -9.79 3.12
CA ALA B 188 48.94 -9.58 2.41
C ALA B 188 49.00 -8.18 1.78
N ASN B 189 50.07 -7.44 2.08
CA ASN B 189 50.39 -6.22 1.34
C ASN B 189 50.99 -6.56 -0.02
N ARG B 190 51.70 -7.68 -0.11
CA ARG B 190 52.18 -8.14 -1.40
C ARG B 190 52.25 -9.65 -1.47
N ILE B 191 52.18 -10.17 -2.67
CA ILE B 191 52.62 -11.53 -2.89
C ILE B 191 54.09 -11.54 -3.34
N GLY B 192 54.91 -12.32 -2.64
CA GLY B 192 56.31 -12.45 -2.99
C GLY B 192 57.13 -13.35 -2.06
N THR B 193 58.44 -13.27 -2.21
CA THR B 193 59.34 -14.17 -1.50
C THR B 193 59.96 -13.52 -0.28
N LEU B 194 60.74 -14.30 0.46
CA LEU B 194 61.56 -13.74 1.53
C LEU B 194 62.45 -12.66 0.96
N ALA B 195 63.00 -12.91 -0.23
CA ALA B 195 63.86 -11.94 -0.91
C ALA B 195 63.13 -10.61 -1.11
N ASP B 196 61.90 -10.70 -1.62
CA ASP B 196 61.04 -9.53 -1.83
C ASP B 196 60.81 -8.77 -0.54
N ALA B 197 60.45 -9.50 0.51
CA ALA B 197 60.23 -8.92 1.83
C ALA B 197 61.46 -8.13 2.29
N GLN B 198 62.63 -8.74 2.17
CA GLN B 198 63.89 -8.08 2.52
C GLN B 198 64.14 -6.80 1.72
N ALA B 199 63.94 -6.87 0.39
CA ALA B 199 64.03 -5.69 -0.47
C ALA B 199 63.10 -4.56 -0.01
N TRP B 200 61.89 -4.92 0.38
CA TRP B 200 60.95 -3.90 0.84
C TRP B 200 61.35 -3.40 2.22
N ALA B 201 61.71 -4.32 3.10
CA ALA B 201 62.17 -3.97 4.45
C ALA B 201 63.36 -2.99 4.43
N ALA B 202 64.19 -3.06 3.40
CA ALA B 202 65.35 -2.17 3.31
C ALA B 202 64.94 -0.74 2.95
N GLU B 203 63.94 -0.59 2.08
CA GLU B 203 63.45 0.74 1.74
C GLU B 203 62.82 1.34 2.98
N ILE B 204 62.21 0.49 3.79
CA ILE B 204 61.54 0.94 5.02
C ILE B 204 62.58 1.41 6.05
N ALA B 205 63.69 0.69 6.15
CA ALA B 205 64.76 1.06 7.08
C ALA B 205 65.27 2.48 6.84
N ARG B 206 65.11 2.96 5.60
CA ARG B 206 65.53 4.30 5.21
C ARG B 206 64.48 5.38 5.55
N LEU B 207 63.35 4.98 6.12
CA LEU B 207 62.34 5.94 6.52
C LEU B 207 62.53 6.36 7.97
N ALA B 208 62.08 7.58 8.28
CA ALA B 208 62.28 8.18 9.59
C ALA B 208 61.54 7.43 10.69
N PRO B 209 62.30 6.85 11.62
CA PRO B 209 61.82 6.02 12.73
C PRO B 209 60.67 6.59 13.54
N LEU B 210 60.73 7.87 13.92
CA LEU B 210 59.71 8.43 14.80
C LEU B 210 58.31 8.43 14.18
N ALA B 211 58.28 8.63 12.85
CA ALA B 211 57.05 8.58 12.08
C ALA B 211 56.48 7.17 12.11
N ILE B 212 57.30 6.19 11.75
CA ILE B 212 56.91 4.78 11.84
C ILE B 212 56.43 4.38 13.25
N GLN B 213 57.10 4.85 14.30
CA GLN B 213 56.71 4.49 15.67
C GLN B 213 55.34 5.00 16.04
N HIS B 214 55.06 6.27 15.73
CA HIS B 214 53.78 6.86 16.08
C HIS B 214 52.63 6.16 15.37
N ALA B 215 52.81 5.89 14.08
CA ALA B 215 51.78 5.25 13.29
C ALA B 215 51.46 3.85 13.82
N LYS B 216 52.51 3.10 14.15
CA LYS B 216 52.35 1.73 14.63
C LYS B 216 51.56 1.67 15.94
N ARG B 217 51.96 2.49 16.91
CA ARG B 217 51.27 2.53 18.20
C ARG B 217 49.78 2.90 18.05
N VAL B 218 49.49 3.90 17.22
CA VAL B 218 48.09 4.29 16.99
C VAL B 218 47.32 3.23 16.22
N LEU B 219 47.95 2.65 15.20
CA LEU B 219 47.31 1.59 14.43
C LEU B 219 46.96 0.40 15.30
N ASN B 220 47.92 -0.04 16.12
CA ASN B 220 47.65 -1.13 17.06
C ASN B 220 46.60 -0.79 18.12
N ASP B 221 46.40 0.50 18.36
CA ASP B 221 45.43 0.96 19.35
C ASP B 221 44.04 1.23 18.74
N ASP B 222 43.71 0.53 17.66
CA ASP B 222 42.46 0.76 16.94
C ASP B 222 41.26 0.16 17.67
N GLY B 223 41.52 -0.53 18.78
CA GLY B 223 40.47 -1.19 19.53
C GLY B 223 40.57 -2.70 19.51
N ALA B 224 41.38 -3.26 18.59
CA ALA B 224 41.57 -4.71 18.55
C ALA B 224 42.15 -5.29 19.86
N ILE B 225 43.09 -4.58 20.49
CA ILE B 225 43.54 -4.97 21.82
C ILE B 225 42.38 -4.79 22.79
N GLU B 226 41.59 -5.84 22.94
CA GLU B 226 40.33 -5.78 23.67
C GLU B 226 40.25 -6.88 24.71
N GLU B 227 39.78 -6.50 25.90
CA GLU B 227 39.57 -7.46 26.95
C GLU B 227 38.21 -8.15 26.76
N ALA B 228 38.17 -9.46 26.97
CA ALA B 228 36.96 -10.26 26.73
C ALA B 228 35.78 -9.83 27.58
N TRP B 229 34.61 -9.71 26.94
CA TRP B 229 33.36 -9.48 27.66
C TRP B 229 33.05 -10.73 28.50
N PRO B 230 32.26 -10.58 29.59
CA PRO B 230 31.81 -11.73 30.39
C PRO B 230 31.29 -12.92 29.57
N ALA B 231 30.30 -12.70 28.70
CA ALA B 231 29.78 -13.80 27.89
C ALA B 231 30.87 -14.42 27.04
N HIS B 232 31.83 -13.60 26.60
CA HIS B 232 32.94 -14.11 25.79
C HIS B 232 33.75 -15.08 26.62
N LYS B 233 34.06 -14.67 27.85
CA LYS B 233 34.81 -15.50 28.79
C LYS B 233 34.06 -16.77 29.17
N GLU B 234 32.77 -16.67 29.43
CA GLU B 234 31.98 -17.88 29.68
C GLU B 234 32.08 -18.88 28.55
N LEU B 235 31.92 -18.42 27.30
CA LEU B 235 31.95 -19.31 26.14
C LEU B 235 33.35 -19.86 25.85
N PHE B 236 34.35 -19.03 26.08
CA PHE B 236 35.75 -19.44 25.98
C PHE B 236 36.05 -20.62 26.92
N ASP B 237 35.84 -20.42 28.22
CA ASP B 237 36.16 -21.43 29.21
C ASP B 237 35.36 -22.71 28.95
N LYS B 238 34.10 -22.51 28.58
CA LYS B 238 33.18 -23.59 28.26
C LYS B 238 33.74 -24.44 27.11
N ALA B 239 34.19 -23.77 26.05
CA ALA B 239 34.75 -24.49 24.92
C ALA B 239 36.05 -25.23 25.32
N TRP B 240 36.94 -24.54 26.02
CA TRP B 240 38.23 -25.14 26.36
C TRP B 240 38.13 -26.36 27.27
N GLY B 241 37.22 -26.32 28.25
CA GLY B 241 37.02 -27.43 29.15
C GLY B 241 35.99 -28.43 28.69
N SER B 242 35.62 -28.35 27.41
CA SER B 242 34.59 -29.25 26.91
C SER B 242 35.15 -30.63 26.58
N GLN B 243 34.26 -31.61 26.52
CA GLN B 243 34.59 -32.96 26.14
C GLN B 243 34.84 -33.02 24.62
N ASP B 244 34.19 -32.14 23.87
CA ASP B 244 34.38 -32.03 22.43
C ASP B 244 35.84 -31.80 21.99
N VAL B 245 36.59 -31.08 22.81
CA VAL B 245 38.00 -30.84 22.55
C VAL B 245 38.78 -32.16 22.45
N ILE B 246 38.45 -33.10 23.34
CA ILE B 246 39.02 -34.43 23.34
C ILE B 246 38.55 -35.23 22.13
N GLU B 247 37.25 -35.18 21.90
CA GLU B 247 36.63 -35.80 20.73
C GLU B 247 37.30 -35.37 19.43
N ALA B 248 37.62 -34.09 19.29
CA ALA B 248 38.27 -33.62 18.08
C ALA B 248 39.63 -34.31 17.90
N GLN B 249 40.40 -34.41 18.99
CA GLN B 249 41.71 -35.03 18.95
C GLN B 249 41.62 -36.54 18.70
N VAL B 250 40.76 -37.22 19.46
CA VAL B 250 40.57 -38.66 19.30
C VAL B 250 40.03 -39.01 17.91
N ALA B 251 39.14 -38.15 17.38
CA ALA B 251 38.66 -38.39 16.04
C ALA B 251 39.77 -38.30 15.00
N ARG B 252 40.60 -37.27 15.06
CA ARG B 252 41.77 -37.17 14.18
C ARG B 252 42.67 -38.42 14.27
N MET B 253 43.06 -38.79 15.49
CA MET B 253 43.89 -39.96 15.70
C MET B 253 43.27 -41.25 15.16
N GLU B 254 41.95 -41.27 15.01
CA GLU B 254 41.28 -42.48 14.51
C GLU B 254 40.81 -42.30 13.08
N LYS B 255 41.31 -41.25 12.42
CA LYS B 255 40.93 -40.93 11.03
C LYS B 255 39.44 -41.13 10.76
N ARG B 256 38.63 -40.46 11.58
CA ARG B 256 37.19 -40.57 11.54
C ARG B 256 36.55 -39.21 11.74
N PRO B 257 35.27 -39.10 11.38
CA PRO B 257 34.58 -37.83 11.60
C PRO B 257 34.28 -37.64 13.07
N PRO B 258 34.39 -36.41 13.57
CA PRO B 258 33.99 -36.07 14.93
C PRO B 258 32.49 -36.15 15.12
N LYS B 259 32.06 -36.55 16.31
CA LYS B 259 30.67 -36.47 16.69
C LYS B 259 30.58 -35.56 17.91
N PHE B 260 30.48 -34.26 17.69
CA PHE B 260 30.47 -33.33 18.82
C PHE B 260 29.14 -33.37 19.57
N GLN B 261 29.17 -33.11 20.87
CA GLN B 261 27.94 -33.11 21.66
C GLN B 261 27.52 -31.68 21.98
N GLY B 262 28.46 -30.75 21.87
CA GLY B 262 28.21 -29.38 22.27
C GLY B 262 28.40 -29.30 23.75
N ALA B 263 29.25 -30.18 24.25
CA ALA B 263 29.57 -30.23 25.69
C ALA B 263 30.99 -30.79 25.89
N GLY C 18 41.87 42.35 -5.96
CA GLY C 18 41.87 41.07 -5.28
C GLY C 18 41.72 39.94 -6.28
N SER C 19 41.42 38.76 -5.73
CA SER C 19 41.22 37.51 -6.45
C SER C 19 40.97 36.44 -5.38
N HIS C 20 40.53 35.26 -5.80
CA HIS C 20 40.29 34.21 -4.83
C HIS C 20 41.05 32.93 -5.15
N MET C 21 41.14 32.06 -4.14
CA MET C 21 41.86 30.80 -4.28
C MET C 21 40.90 29.68 -4.64
N ILE C 22 39.60 29.98 -4.62
CA ILE C 22 38.57 29.01 -5.02
C ILE C 22 37.53 29.59 -5.98
N GLY C 23 36.94 28.71 -6.80
CA GLY C 23 35.86 29.09 -7.68
C GLY C 23 34.55 28.44 -7.26
N ILE C 24 33.48 29.22 -7.25
CA ILE C 24 32.18 28.70 -6.86
C ILE C 24 31.18 28.90 -7.99
N THR C 25 30.63 27.80 -8.50
CA THR C 25 29.53 27.86 -9.47
C THR C 25 28.39 26.96 -9.00
N GLN C 26 27.20 27.17 -9.57
CA GLN C 26 26.04 26.34 -9.26
C GLN C 26 25.20 25.98 -10.50
N ALA C 27 24.92 24.68 -10.66
CA ALA C 27 24.11 24.15 -11.75
C ALA C 27 22.93 23.35 -11.18
N GLU C 28 21.72 23.88 -11.35
CA GLU C 28 20.55 23.38 -10.65
C GLU C 28 20.81 23.43 -9.14
N ALA C 29 20.76 22.29 -8.48
CA ALA C 29 21.01 22.26 -7.03
C ALA C 29 22.39 21.68 -6.67
N VAL C 30 23.33 21.75 -7.60
CA VAL C 30 24.68 21.29 -7.29
C VAL C 30 25.69 22.45 -7.21
N LEU C 31 26.27 22.66 -6.03
CA LEU C 31 27.32 23.66 -5.85
C LEU C 31 28.71 23.06 -6.05
N THR C 32 29.38 23.45 -7.12
CA THR C 32 30.73 22.95 -7.36
C THR C 32 31.80 23.93 -6.82
N ILE C 33 32.61 23.46 -5.88
CA ILE C 33 33.69 24.25 -5.33
C ILE C 33 35.03 23.75 -5.88
N GLU C 34 35.75 24.64 -6.55
CA GLU C 34 37.01 24.29 -7.21
C GLU C 34 38.20 24.98 -6.57
N LEU C 35 39.14 24.18 -6.07
CA LEU C 35 40.39 24.72 -5.51
C LEU C 35 41.24 25.29 -6.65
N GLN C 36 41.65 26.55 -6.51
CA GLN C 36 42.41 27.21 -7.59
C GLN C 36 43.78 27.74 -7.18
N ARG C 37 44.65 26.83 -6.73
CA ARG C 37 46.09 27.11 -6.60
C ARG C 37 46.89 26.16 -7.47
N PRO C 38 46.58 26.09 -8.77
CA PRO C 38 47.20 25.03 -9.60
C PRO C 38 48.71 25.22 -9.73
N GLU C 39 49.15 26.47 -9.65
CA GLU C 39 50.56 26.82 -9.56
C GLU C 39 51.24 26.00 -8.47
N ARG C 40 50.56 25.80 -7.35
CA ARG C 40 51.13 25.02 -6.24
C ARG C 40 50.49 23.60 -6.13
N ARG C 41 49.89 23.14 -7.22
CA ARG C 41 49.12 21.89 -7.23
C ARG C 41 48.05 21.89 -6.14
N ASN C 42 47.41 23.05 -5.97
CA ASN C 42 46.34 23.25 -4.99
C ASN C 42 46.76 23.00 -3.55
N ALA C 43 48.06 23.16 -3.28
CA ALA C 43 48.59 23.10 -1.91
C ALA C 43 47.87 24.11 -1.02
N LEU C 44 47.47 23.67 0.17
CA LEU C 44 46.63 24.50 1.01
C LEU C 44 47.45 25.60 1.66
N ASN C 45 46.82 26.75 1.89
CA ASN C 45 47.36 27.77 2.79
C ASN C 45 46.24 28.38 3.62
N SER C 46 46.56 29.36 4.45
CA SER C 46 45.59 29.90 5.38
C SER C 46 44.42 30.57 4.70
N GLN C 47 44.69 31.22 3.56
CA GLN C 47 43.64 31.89 2.81
C GLN C 47 42.69 30.92 2.10
N LEU C 48 43.28 29.96 1.38
CA LEU C 48 42.54 28.94 0.67
C LEU C 48 41.65 28.17 1.63
N VAL C 49 42.20 27.80 2.79
CA VAL C 49 41.45 27.05 3.79
C VAL C 49 40.28 27.88 4.32
N GLU C 50 40.52 29.17 4.57
CA GLU C 50 39.48 30.09 5.03
C GLU C 50 38.37 30.25 4.00
N GLU C 51 38.75 30.47 2.74
CA GLU C 51 37.79 30.63 1.66
C GLU C 51 36.93 29.36 1.49
N LEU C 52 37.57 28.21 1.62
CA LEU C 52 36.91 26.90 1.56
C LEU C 52 35.93 26.68 2.71
N THR C 53 36.31 27.06 3.94
CA THR C 53 35.41 26.91 5.09
C THR C 53 34.14 27.73 4.84
N GLN C 54 34.35 29.00 4.46
CA GLN C 54 33.25 29.91 4.17
C GLN C 54 32.34 29.41 3.07
N ALA C 55 32.93 28.81 2.04
CA ALA C 55 32.13 28.31 0.92
C ALA C 55 31.28 27.10 1.31
N ILE C 56 31.69 26.41 2.38
CA ILE C 56 30.95 25.22 2.85
C ILE C 56 29.79 25.58 3.78
N ARG C 57 29.98 26.53 4.68
CA ARG C 57 28.90 26.96 5.55
C ARG C 57 27.79 27.63 4.75
N LYS C 58 28.19 28.49 3.81
CA LYS C 58 27.23 29.31 3.08
C LYS C 58 26.59 28.55 1.92
N ALA C 59 26.96 27.29 1.72
CA ALA C 59 26.31 26.47 0.69
C ALA C 59 24.93 26.03 1.18
N GLY C 60 24.00 25.84 0.26
CA GLY C 60 22.63 25.51 0.62
C GLY C 60 21.94 26.63 1.40
N ASP C 61 22.39 27.85 1.15
CA ASP C 61 21.83 29.05 1.79
C ASP C 61 20.73 29.87 1.04
N GLY C 62 20.55 29.79 -0.28
CA GLY C 62 21.16 28.87 -1.23
C GLY C 62 20.23 27.71 -1.51
N SER C 63 19.93 27.46 -2.79
CA SER C 63 19.07 26.33 -3.14
C SER C 63 19.84 25.02 -3.39
N ALA C 64 21.11 25.00 -3.02
CA ALA C 64 21.94 23.82 -3.30
C ALA C 64 21.64 22.67 -2.33
N ARG C 65 21.62 21.45 -2.85
CA ARG C 65 21.36 20.27 -2.02
C ARG C 65 22.54 19.30 -2.00
N ALA C 66 23.65 19.67 -2.64
CA ALA C 66 24.83 18.82 -2.68
C ALA C 66 26.06 19.61 -3.12
N ILE C 67 27.22 19.18 -2.65
CA ILE C 67 28.48 19.83 -2.96
C ILE C 67 29.42 18.90 -3.74
N VAL C 68 29.90 19.39 -4.87
CA VAL C 68 31.00 18.73 -5.55
C VAL C 68 32.29 19.50 -5.25
N LEU C 69 33.25 18.81 -4.66
CA LEU C 69 34.55 19.41 -4.35
C LEU C 69 35.60 18.89 -5.33
N THR C 70 36.43 19.79 -5.84
CA THR C 70 37.36 19.43 -6.90
C THR C 70 38.53 20.41 -6.96
N GLY C 71 39.58 20.02 -7.68
CA GLY C 71 40.79 20.82 -7.78
C GLY C 71 41.07 21.24 -9.21
N GLN C 72 41.66 22.42 -9.37
CA GLN C 72 42.03 22.93 -10.68
C GLN C 72 43.39 22.42 -11.11
N GLY C 73 43.48 21.99 -12.37
CA GLY C 73 44.74 21.54 -12.92
C GLY C 73 44.89 20.03 -12.91
N THR C 74 46.05 19.59 -12.45
CA THR C 74 46.41 18.19 -12.55
C THR C 74 46.28 17.49 -11.20
N ALA C 75 46.37 18.25 -10.12
CA ALA C 75 46.25 17.67 -8.79
C ALA C 75 44.94 18.06 -8.11
N PHE C 76 44.38 17.15 -7.31
CA PHE C 76 43.26 17.51 -6.46
C PHE C 76 43.78 18.50 -5.44
N CYS C 77 44.70 18.03 -4.61
CA CYS C 77 45.37 18.88 -3.63
C CYS C 77 46.64 18.20 -3.18
N ALA C 78 47.77 18.86 -3.37
CA ALA C 78 49.06 18.22 -3.11
C ALA C 78 49.59 18.40 -1.68
N GLY C 79 48.73 18.84 -0.77
CA GLY C 79 49.17 19.02 0.60
C GLY C 79 49.18 20.47 1.00
N ALA C 80 50.25 20.88 1.70
CA ALA C 80 50.32 22.23 2.27
C ALA C 80 51.55 23.04 1.81
N ASP C 81 51.40 24.35 1.72
CA ASP C 81 52.47 25.24 1.32
C ASP C 81 52.30 26.64 1.93
N LEU C 82 52.63 26.77 3.22
CA LEU C 82 52.51 28.03 3.97
C LEU C 82 53.54 29.10 3.61
N SER C 83 54.22 28.94 2.48
CA SER C 83 55.38 29.78 2.14
C SER C 83 55.10 31.28 2.23
N GLY C 84 54.34 31.82 1.28
CA GLY C 84 54.10 33.26 1.23
C GLY C 84 53.06 33.72 2.24
N ASP C 85 52.58 32.78 3.04
CA ASP C 85 51.44 32.97 3.94
C ASP C 85 51.66 33.95 5.08
N ALA C 86 50.79 34.95 5.19
CA ALA C 86 50.86 35.98 6.23
C ALA C 86 50.33 35.50 7.57
N PHE C 87 49.27 34.67 7.49
CA PHE C 87 48.66 34.09 8.67
C PHE C 87 48.81 32.57 8.64
N ALA C 88 50.01 32.11 8.31
CA ALA C 88 50.34 30.68 8.37
C ALA C 88 50.40 30.22 9.82
N ALA C 89 50.40 31.19 10.74
CA ALA C 89 50.45 30.93 12.17
C ALA C 89 49.16 30.28 12.66
N ASP C 90 48.01 30.90 12.34
CA ASP C 90 46.72 30.26 12.57
C ASP C 90 46.22 29.56 11.30
N TYR C 91 47.05 28.64 10.83
CA TYR C 91 46.71 27.66 9.80
C TYR C 91 46.32 26.30 10.39
N PRO C 92 46.94 25.88 11.50
CA PRO C 92 46.47 24.60 12.04
C PRO C 92 45.04 24.70 12.54
N ASP C 93 44.70 25.84 13.13
CA ASP C 93 43.36 26.01 13.70
C ASP C 93 42.36 26.29 12.60
N ARG C 94 42.77 27.05 11.58
CA ARG C 94 41.94 27.29 10.41
C ARG C 94 41.65 25.97 9.69
N LEU C 95 42.57 25.02 9.82
CA LEU C 95 42.39 23.70 9.23
C LEU C 95 41.40 22.84 10.02
N ILE C 96 41.38 23.01 11.34
CA ILE C 96 40.43 22.28 12.18
C ILE C 96 39.01 22.78 11.96
N GLU C 97 38.89 24.07 11.69
CA GLU C 97 37.60 24.68 11.43
C GLU C 97 36.98 24.16 10.15
N LEU C 98 37.79 24.08 9.10
CA LEU C 98 37.32 23.55 7.82
C LEU C 98 36.77 22.14 7.99
N HIS C 99 37.49 21.30 8.73
CA HIS C 99 37.06 19.94 8.95
C HIS C 99 35.78 19.82 9.79
N LYS C 100 35.56 20.74 10.73
CA LYS C 100 34.31 20.72 11.48
C LYS C 100 33.12 21.12 10.60
N ALA C 101 33.33 22.16 9.79
CA ALA C 101 32.30 22.63 8.88
C ALA C 101 31.95 21.58 7.83
N MET C 102 32.93 20.82 7.36
CA MET C 102 32.58 19.75 6.44
C MET C 102 31.83 18.65 7.17
N ASP C 103 32.32 18.27 8.36
CA ASP C 103 31.62 17.28 9.19
C ASP C 103 30.22 17.72 9.62
N ALA C 104 30.01 19.01 9.79
CA ALA C 104 28.73 19.53 10.30
C ALA C 104 27.74 19.86 9.18
N SER C 105 28.26 20.05 7.97
CA SER C 105 27.44 20.41 6.83
C SER C 105 26.32 19.40 6.58
N PRO C 106 25.09 19.90 6.37
CA PRO C 106 24.00 18.98 6.07
C PRO C 106 24.13 18.47 4.65
N MET C 107 24.91 19.16 3.85
CA MET C 107 25.05 18.79 2.46
C MET C 107 26.00 17.64 2.30
N PRO C 108 25.61 16.64 1.52
CA PRO C 108 26.59 15.62 1.14
C PRO C 108 27.67 16.26 0.26
N VAL C 109 28.92 15.88 0.47
CA VAL C 109 30.02 16.45 -0.30
C VAL C 109 30.70 15.37 -1.13
N VAL C 110 30.57 15.49 -2.45
CA VAL C 110 31.20 14.57 -3.38
C VAL C 110 32.52 15.15 -3.88
N GLY C 111 33.63 14.66 -3.37
CA GLY C 111 34.92 15.07 -3.91
C GLY C 111 35.21 14.49 -5.28
N ALA C 112 35.50 15.35 -6.23
CA ALA C 112 35.99 14.93 -7.53
C ALA C 112 37.52 14.96 -7.49
N ILE C 113 38.12 13.83 -7.12
CA ILE C 113 39.57 13.76 -7.00
C ILE C 113 40.17 13.56 -8.39
N ASN C 114 40.48 14.70 -9.00
CA ASN C 114 40.89 14.80 -10.40
C ASN C 114 42.37 14.54 -10.55
N GLY C 115 43.06 14.45 -9.42
CA GLY C 115 44.50 14.22 -9.41
C GLY C 115 45.00 13.84 -8.02
N PRO C 116 46.33 13.77 -7.84
CA PRO C 116 46.91 13.36 -6.57
C PRO C 116 46.34 14.12 -5.39
N ALA C 117 46.04 13.38 -4.33
CA ALA C 117 45.61 13.96 -3.07
C ALA C 117 46.60 13.47 -2.04
N ILE C 118 47.49 14.36 -1.62
CA ILE C 118 48.60 13.99 -0.76
C ILE C 118 48.55 14.78 0.53
N GLY C 119 48.89 14.15 1.65
CA GLY C 119 48.96 14.84 2.93
C GLY C 119 47.63 15.46 3.33
N ALA C 120 47.64 16.76 3.53
CA ALA C 120 46.43 17.49 3.89
C ALA C 120 45.41 17.33 2.78
N GLY C 121 45.91 17.18 1.56
CA GLY C 121 45.07 16.88 0.41
C GLY C 121 44.38 15.54 0.55
N LEU C 122 45.04 14.58 1.19
CA LEU C 122 44.41 13.29 1.44
C LEU C 122 43.44 13.37 2.61
N GLN C 123 43.76 14.18 3.62
CA GLN C 123 42.82 14.46 4.71
C GLN C 123 41.51 15.04 4.16
N LEU C 124 41.63 16.09 3.34
CA LEU C 124 40.49 16.77 2.71
C LEU C 124 39.63 15.82 1.90
N ALA C 125 40.29 14.97 1.12
CA ALA C 125 39.62 13.98 0.31
C ALA C 125 38.77 13.04 1.16
N MET C 126 39.28 12.69 2.35
CA MET C 126 38.60 11.71 3.20
C MET C 126 37.40 12.30 3.95
N GLN C 127 37.44 13.63 4.12
CA GLN C 127 36.36 14.38 4.76
C GLN C 127 35.15 14.57 3.82
N CYS C 128 35.35 14.31 2.54
CA CYS C 128 34.24 14.26 1.60
C CYS C 128 33.36 13.05 1.89
N ASP C 129 32.07 13.19 1.64
CA ASP C 129 31.12 12.13 1.92
C ASP C 129 31.23 11.01 0.90
N LEU C 130 31.55 11.38 -0.34
CA LEU C 130 31.73 10.44 -1.45
C LEU C 130 32.88 10.90 -2.31
N ARG C 131 33.47 9.97 -3.06
CA ARG C 131 34.64 10.27 -3.88
C ARG C 131 34.55 9.68 -5.29
N VAL C 132 34.65 10.55 -6.27
CA VAL C 132 34.70 10.14 -7.65
C VAL C 132 36.09 10.51 -8.15
N VAL C 133 36.88 9.49 -8.45
CA VAL C 133 38.32 9.64 -8.61
C VAL C 133 38.76 9.45 -10.06
N ALA C 134 39.65 10.34 -10.53
CA ALA C 134 40.20 10.26 -11.89
C ALA C 134 41.11 9.04 -12.04
N PRO C 135 41.32 8.56 -13.27
CA PRO C 135 42.17 7.38 -13.39
C PRO C 135 43.68 7.63 -13.08
N ASP C 136 44.12 8.89 -13.15
CA ASP C 136 45.53 9.15 -12.88
C ASP C 136 45.80 9.59 -11.44
N ALA C 137 44.75 9.77 -10.65
CA ALA C 137 44.95 10.20 -9.27
C ALA C 137 45.58 9.09 -8.42
N PHE C 138 46.24 9.50 -7.34
CA PHE C 138 46.64 8.55 -6.31
C PHE C 138 46.42 9.19 -4.96
N PHE C 139 46.45 8.38 -3.90
CA PHE C 139 46.36 8.90 -2.55
C PHE C 139 47.64 8.57 -1.77
N GLN C 140 48.07 9.49 -0.92
CA GLN C 140 49.32 9.27 -0.20
C GLN C 140 49.47 10.10 1.07
N PHE C 141 49.78 9.39 2.15
CA PHE C 141 50.25 9.99 3.38
C PHE C 141 51.78 9.77 3.46
N PRO C 142 52.58 10.74 2.98
CA PRO C 142 54.02 10.45 2.92
C PRO C 142 54.76 10.81 4.21
N THR C 143 54.05 10.77 5.35
CA THR C 143 54.60 11.23 6.62
C THR C 143 55.87 10.52 7.08
N SER C 144 56.07 9.29 6.65
CA SER C 144 57.27 8.55 7.02
C SER C 144 58.54 9.01 6.26
N LYS C 145 58.34 9.59 5.08
CA LYS C 145 59.41 10.21 4.31
C LYS C 145 59.83 11.57 4.89
N TYR C 146 58.95 12.19 5.67
CA TYR C 146 59.21 13.52 6.20
C TYR C 146 59.34 13.48 7.71
N GLY C 147 59.12 12.31 8.28
CA GLY C 147 59.19 12.14 9.73
C GLY C 147 58.17 12.90 10.56
N LEU C 148 56.94 13.00 10.09
CA LEU C 148 55.88 13.65 10.85
C LEU C 148 54.90 12.62 11.44
N ALA C 149 53.94 13.09 12.24
CA ALA C 149 52.88 12.22 12.73
C ALA C 149 51.47 12.73 12.35
N LEU C 150 50.52 11.81 12.24
CA LEU C 150 49.13 12.14 11.90
C LEU C 150 48.23 12.18 13.13
N ASP C 151 47.13 12.94 13.05
CA ASP C 151 46.11 12.93 14.10
C ASP C 151 45.38 11.61 13.97
N ASN C 152 44.70 11.17 15.03
CA ASN C 152 44.04 9.87 15.03
C ASN C 152 42.95 9.72 13.96
N TRP C 153 42.19 10.79 13.71
CA TRP C 153 41.12 10.74 12.70
C TRP C 153 41.59 10.37 11.31
N SER C 154 42.66 11.02 10.86
CA SER C 154 43.23 10.71 9.53
C SER C 154 43.56 9.23 9.44
N ILE C 155 44.09 8.68 10.53
CA ILE C 155 44.46 7.27 10.58
C ILE C 155 43.24 6.33 10.64
N ARG C 156 42.28 6.65 11.51
CA ARG C 156 41.07 5.84 11.61
C ARG C 156 40.29 5.83 10.30
N ARG C 157 40.02 7.00 9.77
CA ARG C 157 39.20 7.12 8.57
C ARG C 157 39.89 6.48 7.36
N LEU C 158 41.21 6.65 7.24
CA LEU C 158 41.97 5.89 6.24
C LEU C 158 41.73 4.37 6.40
N SER C 159 41.87 3.90 7.65
CA SER C 159 41.69 2.47 7.96
C SER C 159 40.35 1.95 7.45
N SER C 160 39.31 2.78 7.59
CA SER C 160 37.95 2.39 7.22
C SER C 160 37.78 2.38 5.73
N LEU C 161 38.49 3.27 5.06
CA LEU C 161 38.36 3.44 3.61
C LEU C 161 39.25 2.52 2.75
N VAL C 162 40.40 2.10 3.29
CA VAL C 162 41.25 1.22 2.48
C VAL C 162 41.56 -0.10 3.18
N GLY C 163 41.00 -0.28 4.36
CA GLY C 163 41.19 -1.49 5.13
C GLY C 163 42.42 -1.37 6.00
N HIS C 164 42.42 -2.07 7.12
CA HIS C 164 43.53 -1.99 8.05
C HIS C 164 44.90 -2.40 7.46
N GLY C 165 44.92 -3.51 6.71
CA GLY C 165 46.15 -3.97 6.10
C GLY C 165 46.83 -2.91 5.24
N ARG C 166 46.11 -2.40 4.27
CA ARG C 166 46.68 -1.42 3.35
C ARG C 166 46.93 -0.10 4.06
N ALA C 167 46.30 0.09 5.22
CA ALA C 167 46.49 1.31 6.01
C ALA C 167 47.88 1.33 6.66
N ARG C 168 48.29 0.19 7.21
CA ARG C 168 49.65 0.06 7.71
C ARG C 168 50.67 0.34 6.59
N ALA C 169 50.42 -0.21 5.39
CA ALA C 169 51.32 0.02 4.27
C ALA C 169 51.39 1.48 3.85
N MET C 170 50.26 2.19 3.89
CA MET C 170 50.30 3.59 3.50
C MET C 170 51.01 4.42 4.57
N LEU C 171 50.78 4.08 5.83
CA LEU C 171 51.30 4.89 6.92
C LEU C 171 52.74 4.57 7.30
N LEU C 172 53.12 3.30 7.23
CA LEU C 172 54.47 2.89 7.62
C LEU C 172 55.49 3.00 6.49
N SER C 173 55.04 2.97 5.24
CA SER C 173 56.00 3.04 4.15
C SER C 173 55.66 4.02 3.04
N ALA C 174 54.71 4.91 3.32
CA ALA C 174 54.29 5.96 2.39
C ALA C 174 53.78 5.41 1.04
N GLU C 175 53.16 4.23 1.09
CA GLU C 175 52.67 3.57 -0.11
C GLU C 175 51.58 4.40 -0.77
N LYS C 176 51.69 4.53 -2.09
CA LYS C 176 50.71 5.23 -2.88
C LYS C 176 49.53 4.34 -3.28
N LEU C 177 48.32 4.76 -2.89
CA LEU C 177 47.09 4.09 -3.26
C LEU C 177 46.66 4.65 -4.60
N THR C 178 46.67 3.81 -5.64
CA THR C 178 46.26 4.23 -6.98
C THR C 178 44.75 4.37 -7.08
N ALA C 179 44.30 4.97 -8.17
CA ALA C 179 42.89 5.10 -8.48
C ALA C 179 42.25 3.73 -8.44
N GLU C 180 42.94 2.79 -9.08
CA GLU C 180 42.41 1.46 -9.30
C GLU C 180 42.23 0.70 -8.00
N ILE C 181 43.16 0.89 -7.06
CA ILE C 181 43.08 0.23 -5.76
C ILE C 181 42.28 1.10 -4.78
N ALA C 182 42.04 2.36 -5.14
CA ALA C 182 41.05 3.15 -4.42
C ALA C 182 39.63 2.61 -4.66
N LEU C 183 39.33 2.22 -5.91
CA LEU C 183 38.02 1.66 -6.25
C LEU C 183 37.87 0.32 -5.58
N HIS C 184 38.97 -0.42 -5.55
CA HIS C 184 38.94 -1.77 -5.01
C HIS C 184 38.53 -1.75 -3.53
N THR C 185 39.21 -0.93 -2.73
CA THR C 185 38.97 -0.92 -1.29
C THR C 185 37.69 -0.21 -0.89
N GLY C 186 37.30 0.77 -1.69
CA GLY C 186 36.13 1.58 -1.43
C GLY C 186 36.48 3.04 -1.19
N MET C 187 37.75 3.39 -1.22
CA MET C 187 38.19 4.78 -1.08
C MET C 187 37.61 5.63 -2.21
N ALA C 188 37.61 5.05 -3.40
CA ALA C 188 36.98 5.68 -4.55
C ALA C 188 35.66 5.02 -4.79
N ASN C 189 34.56 5.77 -4.68
CA ASN C 189 33.24 5.20 -4.93
C ASN C 189 33.07 4.90 -6.42
N ARG C 190 33.50 5.84 -7.24
CA ARG C 190 33.64 5.62 -8.67
C ARG C 190 34.97 6.10 -9.23
N ILE C 191 35.32 5.59 -10.40
CA ILE C 191 36.36 6.19 -11.21
C ILE C 191 35.68 6.98 -12.31
N GLY C 192 35.73 8.30 -12.21
CA GLY C 192 35.06 9.16 -13.19
C GLY C 192 35.62 10.56 -13.33
N THR C 193 35.03 11.34 -14.23
CA THR C 193 35.45 12.73 -14.45
C THR C 193 34.69 13.66 -13.51
N LEU C 194 35.07 14.93 -13.49
CA LEU C 194 34.32 15.95 -12.74
C LEU C 194 32.83 16.04 -13.16
N ALA C 195 32.56 15.98 -14.46
CA ALA C 195 31.19 15.94 -14.94
C ALA C 195 30.44 14.75 -14.32
N ASP C 196 31.06 13.57 -14.35
CA ASP C 196 30.49 12.37 -13.73
C ASP C 196 30.19 12.57 -12.26
N ALA C 197 31.07 13.30 -11.59
CA ALA C 197 30.87 13.59 -10.18
C ALA C 197 29.65 14.48 -10.02
N GLN C 198 29.47 15.41 -10.95
CA GLN C 198 28.35 16.35 -10.91
C GLN C 198 26.99 15.72 -11.29
N ALA C 199 26.98 14.86 -12.29
CA ALA C 199 25.78 14.10 -12.62
C ALA C 199 25.31 13.27 -11.42
N TRP C 200 26.26 12.64 -10.71
CA TRP C 200 25.92 11.85 -9.52
C TRP C 200 25.40 12.74 -8.38
N ALA C 201 26.12 13.82 -8.10
CA ALA C 201 25.70 14.75 -7.07
C ALA C 201 24.29 15.28 -7.38
N ALA C 202 24.02 15.51 -8.67
CA ALA C 202 22.69 15.95 -9.11
C ALA C 202 21.59 14.99 -8.66
N GLU C 203 21.83 13.69 -8.81
CA GLU C 203 20.88 12.66 -8.39
C GLU C 203 20.64 12.68 -6.90
N ILE C 204 21.75 12.82 -6.18
CA ILE C 204 21.75 12.85 -4.73
C ILE C 204 20.98 14.08 -4.24
N ALA C 205 21.04 15.14 -5.06
CA ALA C 205 20.32 16.39 -4.76
C ALA C 205 18.81 16.21 -4.92
N ARG C 206 18.41 15.16 -5.61
CA ARG C 206 17.00 14.87 -5.73
C ARG C 206 16.54 13.81 -4.71
N LEU C 207 17.40 13.48 -3.76
CA LEU C 207 17.03 12.54 -2.70
C LEU C 207 16.57 13.33 -1.48
N ALA C 208 16.11 12.61 -0.46
CA ALA C 208 15.51 13.27 0.69
C ALA C 208 16.59 13.72 1.65
N PRO C 209 16.70 15.06 1.84
CA PRO C 209 17.77 15.66 2.62
C PRO C 209 17.87 15.10 4.03
N LEU C 210 16.74 14.94 4.73
CA LEU C 210 16.75 14.42 6.10
C LEU C 210 17.37 13.03 6.25
N ALA C 211 17.08 12.12 5.31
CA ALA C 211 17.68 10.79 5.33
C ALA C 211 19.19 10.88 5.16
N ILE C 212 19.62 11.73 4.23
CA ILE C 212 21.03 11.95 3.97
C ILE C 212 21.70 12.55 5.19
N GLN C 213 21.03 13.50 5.83
CA GLN C 213 21.60 14.19 6.98
C GLN C 213 21.81 13.25 8.15
N HIS C 214 20.84 12.37 8.36
CA HIS C 214 20.93 11.38 9.42
C HIS C 214 22.06 10.39 9.20
N ALA C 215 22.11 9.79 8.02
CA ALA C 215 23.15 8.82 7.68
C ALA C 215 24.59 9.41 7.81
N LYS C 216 24.83 10.54 7.16
CA LYS C 216 26.12 11.22 7.25
C LYS C 216 26.59 11.39 8.69
N ARG C 217 25.69 11.92 9.54
CA ARG C 217 26.02 12.16 10.94
C ARG C 217 26.35 10.87 11.67
N VAL C 218 25.59 9.81 11.41
CA VAL C 218 25.87 8.51 12.04
C VAL C 218 27.20 7.93 11.50
N LEU C 219 27.35 7.96 10.17
CA LEU C 219 28.58 7.50 9.51
C LEU C 219 29.83 8.20 10.02
N ASN C 220 29.76 9.53 10.22
CA ASN C 220 30.91 10.27 10.74
C ASN C 220 31.17 9.97 12.20
N ASP C 221 30.16 9.42 12.88
CA ASP C 221 30.30 9.10 14.29
C ASP C 221 30.60 7.61 14.50
N ASP C 222 31.33 7.03 13.58
CA ASP C 222 31.74 5.62 13.68
C ASP C 222 32.85 5.38 14.73
N GLY C 223 33.48 6.46 15.18
CA GLY C 223 34.57 6.39 16.13
C GLY C 223 35.87 6.96 15.59
N ALA C 224 35.93 7.16 14.28
CA ALA C 224 37.09 7.76 13.65
C ALA C 224 37.46 9.09 14.26
N ILE C 225 36.48 9.81 14.80
CA ILE C 225 36.75 11.06 15.48
C ILE C 225 37.21 10.75 16.89
N GLU C 226 38.51 10.67 17.07
CA GLU C 226 39.08 10.16 18.31
C GLU C 226 40.12 11.12 18.87
N GLU C 227 40.01 11.39 20.16
CA GLU C 227 41.07 12.12 20.83
C GLU C 227 42.27 11.21 20.97
N ALA C 228 43.45 11.77 20.71
CA ALA C 228 44.71 11.07 20.89
C ALA C 228 44.84 10.52 22.31
N TRP C 229 45.18 9.24 22.41
CA TRP C 229 45.55 8.64 23.69
C TRP C 229 46.79 9.37 24.24
N PRO C 230 47.08 9.23 25.55
CA PRO C 230 48.27 9.95 26.03
C PRO C 230 49.55 9.49 25.35
N ALA C 231 49.72 8.18 25.14
CA ALA C 231 50.95 7.67 24.52
C ALA C 231 51.06 8.12 23.08
N HIS C 232 49.91 8.30 22.44
CA HIS C 232 49.86 8.80 21.07
C HIS C 232 50.37 10.23 21.00
N LYS C 233 49.94 11.06 21.95
CA LYS C 233 50.29 12.48 21.94
C LYS C 233 51.78 12.69 22.05
N GLU C 234 52.43 11.87 22.88
CA GLU C 234 53.86 11.97 23.12
C GLU C 234 54.65 11.60 21.89
N LEU C 235 54.25 10.52 21.23
CA LEU C 235 54.92 10.10 20.00
C LEU C 235 54.74 11.13 18.91
N PHE C 236 53.55 11.74 18.88
CA PHE C 236 53.23 12.81 17.94
C PHE C 236 54.09 14.03 18.23
N ASP C 237 54.19 14.42 19.50
CA ASP C 237 54.96 15.59 19.90
C ASP C 237 56.46 15.40 19.65
N LYS C 238 56.96 14.18 19.86
CA LYS C 238 58.36 13.85 19.58
C LYS C 238 58.62 13.94 18.08
N ALA C 239 57.87 13.17 17.30
CA ALA C 239 58.03 13.18 15.84
C ALA C 239 58.14 14.60 15.29
N TRP C 240 57.30 15.49 15.79
CA TRP C 240 57.25 16.87 15.31
C TRP C 240 58.40 17.72 15.85
N GLY C 241 58.87 17.41 17.05
CA GLY C 241 60.00 18.12 17.63
C GLY C 241 61.36 17.55 17.21
N SER C 242 61.31 16.46 16.46
CA SER C 242 62.49 15.71 16.07
C SER C 242 63.41 16.49 15.15
N GLN C 243 64.71 16.17 15.24
CA GLN C 243 65.69 16.71 14.32
C GLN C 243 65.47 16.20 12.89
N ASP C 244 65.00 14.96 12.77
CA ASP C 244 64.82 14.34 11.46
C ASP C 244 63.84 15.08 10.56
N VAL C 245 62.92 15.83 11.17
CA VAL C 245 61.98 16.61 10.38
C VAL C 245 62.77 17.69 9.66
N ILE C 246 63.71 18.30 10.39
CA ILE C 246 64.57 19.32 9.84
C ILE C 246 65.38 18.72 8.70
N GLU C 247 66.01 17.58 9.01
CA GLU C 247 66.87 16.85 8.09
C GLU C 247 66.20 16.52 6.76
N ALA C 248 64.97 16.04 6.82
CA ALA C 248 64.23 15.57 5.64
C ALA C 248 63.94 16.71 4.66
N GLN C 249 63.78 17.91 5.20
CA GLN C 249 63.60 19.12 4.39
C GLN C 249 64.91 19.55 3.77
N VAL C 250 65.98 19.51 4.57
CA VAL C 250 67.32 19.81 4.06
C VAL C 250 67.61 18.90 2.88
N ALA C 251 67.58 17.59 3.14
CA ALA C 251 67.85 16.57 2.13
C ALA C 251 67.07 16.78 0.83
N ARG C 252 65.85 17.30 0.93
CA ARG C 252 65.06 17.58 -0.27
C ARG C 252 65.46 18.90 -0.93
N MET C 253 65.53 19.98 -0.13
CA MET C 253 65.96 21.27 -0.64
C MET C 253 67.41 21.20 -1.09
N GLU C 254 68.08 20.09 -0.77
CA GLU C 254 69.44 19.82 -1.21
C GLU C 254 69.49 18.81 -2.36
N LYS C 255 68.35 18.18 -2.62
CA LYS C 255 68.23 17.13 -3.67
C LYS C 255 69.09 15.89 -3.39
N ARG C 256 68.89 15.28 -2.23
CA ARG C 256 69.61 14.06 -1.86
C ARG C 256 68.84 13.23 -0.81
N PRO C 257 69.10 11.91 -0.75
CA PRO C 257 68.57 11.06 0.31
C PRO C 257 68.88 11.58 1.72
N PRO C 258 67.89 11.48 2.64
CA PRO C 258 68.10 11.90 4.03
C PRO C 258 68.77 10.80 4.85
N LYS C 259 69.42 11.21 5.93
CA LYS C 259 69.99 10.25 6.87
C LYS C 259 69.27 10.42 8.20
N PHE C 260 68.21 9.66 8.40
CA PHE C 260 67.38 9.82 9.58
C PHE C 260 68.06 9.20 10.78
N GLN C 261 67.89 9.86 11.93
CA GLN C 261 68.62 9.52 13.13
C GLN C 261 67.74 8.85 14.17
N GLY C 262 66.44 9.09 14.04
CA GLY C 262 65.47 8.59 15.00
C GLY C 262 65.47 9.44 16.26
N ALA C 263 65.57 10.76 16.06
CA ALA C 263 65.63 11.69 17.18
C ALA C 263 65.33 13.09 16.70
N HIS D 20 -2.17 -11.53 -19.77
CA HIS D 20 -1.39 -11.82 -18.58
C HIS D 20 -2.21 -11.67 -17.29
N MET D 21 -3.11 -10.69 -17.24
CA MET D 21 -3.94 -10.49 -16.04
C MET D 21 -5.41 -10.93 -16.14
N ILE D 22 -5.83 -11.32 -17.35
CA ILE D 22 -7.16 -11.88 -17.58
C ILE D 22 -7.14 -13.19 -18.39
N GLY D 23 -8.09 -14.07 -18.11
CA GLY D 23 -8.31 -15.26 -18.91
C GLY D 23 -9.56 -15.11 -19.78
N ILE D 24 -9.46 -15.53 -21.03
CA ILE D 24 -10.55 -15.40 -21.98
C ILE D 24 -10.85 -16.75 -22.60
N THR D 25 -12.03 -17.28 -22.33
CA THR D 25 -12.41 -18.57 -22.89
C THR D 25 -13.81 -18.54 -23.50
N GLN D 26 -14.04 -19.38 -24.49
CA GLN D 26 -15.31 -19.40 -25.21
C GLN D 26 -15.90 -20.79 -25.36
N ALA D 27 -17.09 -20.97 -24.79
CA ALA D 27 -17.86 -22.21 -24.92
C ALA D 27 -19.12 -21.93 -25.75
N GLU D 28 -19.18 -22.58 -26.91
CA GLU D 28 -20.22 -22.33 -27.87
C GLU D 28 -20.22 -20.84 -28.19
N ALA D 29 -21.16 -20.09 -27.60
CA ALA D 29 -21.28 -18.67 -27.93
C ALA D 29 -21.23 -17.74 -26.72
N VAL D 30 -20.65 -18.22 -25.64
CA VAL D 30 -20.45 -17.43 -24.42
C VAL D 30 -18.97 -17.17 -24.18
N LEU D 31 -18.58 -15.91 -24.33
CA LEU D 31 -17.25 -15.47 -24.01
C LEU D 31 -17.20 -15.29 -22.50
N THR D 32 -16.22 -15.91 -21.85
CA THR D 32 -16.07 -15.76 -20.40
C THR D 32 -14.75 -15.06 -20.10
N ILE D 33 -14.86 -13.81 -19.63
CA ILE D 33 -13.68 -13.04 -19.30
C ILE D 33 -13.40 -13.14 -17.79
N GLU D 34 -12.21 -13.58 -17.44
CA GLU D 34 -11.88 -13.83 -16.04
C GLU D 34 -10.82 -12.85 -15.52
N LEU D 35 -11.15 -12.15 -14.45
CA LEU D 35 -10.13 -11.37 -13.72
C LEU D 35 -9.19 -12.39 -13.11
N GLN D 36 -7.91 -12.21 -13.33
CA GLN D 36 -6.95 -13.22 -12.91
C GLN D 36 -5.82 -12.62 -12.08
N ARG D 37 -6.21 -11.98 -10.99
CA ARG D 37 -5.26 -11.45 -10.06
C ARG D 37 -5.75 -11.79 -8.66
N PRO D 38 -5.92 -13.09 -8.38
CA PRO D 38 -6.55 -13.45 -7.11
C PRO D 38 -5.78 -13.00 -5.86
N GLU D 39 -4.45 -12.93 -5.95
CA GLU D 39 -3.64 -12.67 -4.75
C GLU D 39 -3.73 -11.22 -4.31
N ARG D 40 -4.30 -10.38 -5.16
CA ARG D 40 -4.64 -9.03 -4.75
C ARG D 40 -6.17 -8.83 -4.86
N ARG D 41 -6.90 -9.94 -4.77
CA ARG D 41 -8.37 -9.98 -4.82
C ARG D 41 -8.94 -9.28 -6.03
N ASN D 42 -8.23 -9.41 -7.14
CA ASN D 42 -8.65 -8.82 -8.42
C ASN D 42 -8.74 -7.29 -8.39
N ALA D 43 -8.01 -6.67 -7.48
CA ALA D 43 -7.85 -5.22 -7.51
C ALA D 43 -7.48 -4.74 -8.91
N LEU D 44 -8.13 -3.66 -9.35
CA LEU D 44 -7.93 -3.13 -10.70
C LEU D 44 -6.74 -2.18 -10.78
N ASN D 45 -5.59 -2.71 -11.19
CA ASN D 45 -4.52 -1.84 -11.66
C ASN D 45 -4.74 -1.43 -13.12
N SER D 46 -3.87 -0.55 -13.60
CA SER D 46 -4.03 0.02 -14.93
C SER D 46 -3.98 -1.01 -16.05
N GLN D 47 -3.15 -2.04 -15.89
CA GLN D 47 -3.02 -3.09 -16.90
C GLN D 47 -4.30 -3.91 -16.97
N LEU D 48 -4.79 -4.31 -15.81
CA LEU D 48 -5.98 -5.12 -15.72
C LEU D 48 -7.17 -4.39 -16.37
N VAL D 49 -7.32 -3.11 -16.07
CA VAL D 49 -8.32 -2.28 -16.70
C VAL D 49 -8.18 -2.19 -18.22
N GLU D 50 -6.98 -1.90 -18.71
CA GLU D 50 -6.76 -1.84 -20.16
C GLU D 50 -6.92 -3.21 -20.83
N GLU D 51 -6.62 -4.28 -20.11
CA GLU D 51 -6.84 -5.61 -20.64
C GLU D 51 -8.33 -5.98 -20.68
N LEU D 52 -9.10 -5.54 -19.68
CA LEU D 52 -10.55 -5.77 -19.69
C LEU D 52 -11.22 -4.96 -20.77
N THR D 53 -10.69 -3.77 -21.01
CA THR D 53 -11.33 -2.85 -21.94
C THR D 53 -11.20 -3.37 -23.38
N GLN D 54 -10.02 -3.89 -23.70
CA GLN D 54 -9.76 -4.44 -25.03
C GLN D 54 -10.59 -5.70 -25.23
N ALA D 55 -10.75 -6.47 -24.16
CA ALA D 55 -11.44 -7.74 -24.24
C ALA D 55 -12.93 -7.53 -24.49
N ILE D 56 -13.49 -6.49 -23.88
CA ILE D 56 -14.89 -6.16 -24.11
C ILE D 56 -15.11 -5.69 -25.57
N ARG D 57 -14.32 -4.72 -26.00
CA ARG D 57 -14.37 -4.23 -27.38
C ARG D 57 -14.28 -5.33 -28.42
N LYS D 58 -13.36 -6.27 -28.20
CA LYS D 58 -13.05 -7.30 -29.19
C LYS D 58 -13.92 -8.52 -28.97
N ALA D 59 -14.79 -8.45 -27.97
CA ALA D 59 -15.67 -9.59 -27.65
C ALA D 59 -16.55 -10.03 -28.82
N GLY D 60 -16.98 -9.07 -29.64
CA GLY D 60 -17.74 -9.37 -30.84
C GLY D 60 -16.86 -9.39 -32.06
N ASP D 61 -16.18 -10.50 -32.31
CA ASP D 61 -15.16 -10.52 -33.36
C ASP D 61 -15.19 -11.57 -34.50
N GLY D 62 -15.46 -12.85 -34.24
CA GLY D 62 -15.93 -13.38 -32.97
C GLY D 62 -17.33 -13.93 -33.18
N SER D 63 -17.66 -15.04 -32.55
CA SER D 63 -18.98 -15.63 -32.71
C SER D 63 -19.79 -15.57 -31.42
N ALA D 64 -19.18 -15.08 -30.36
CA ALA D 64 -19.86 -15.02 -29.07
C ALA D 64 -21.08 -14.08 -29.11
N ARG D 65 -22.15 -14.46 -28.42
CA ARG D 65 -23.36 -13.66 -28.37
C ARG D 65 -23.62 -13.12 -26.97
N ALA D 66 -22.84 -13.60 -26.02
CA ALA D 66 -22.93 -13.11 -24.65
C ALA D 66 -21.59 -13.26 -23.96
N ILE D 67 -21.39 -12.40 -22.97
CA ILE D 67 -20.18 -12.37 -22.18
C ILE D 67 -20.54 -12.75 -20.75
N VAL D 68 -19.66 -13.47 -20.09
CA VAL D 68 -19.69 -13.63 -18.65
C VAL D 68 -18.43 -12.98 -18.11
N LEU D 69 -18.62 -12.07 -17.17
CA LEU D 69 -17.51 -11.38 -16.54
C LEU D 69 -17.41 -11.88 -15.12
N THR D 70 -16.25 -12.41 -14.75
CA THR D 70 -16.12 -12.94 -13.41
C THR D 70 -14.68 -12.84 -12.89
N GLY D 71 -14.49 -13.16 -11.61
CA GLY D 71 -13.19 -13.11 -10.97
C GLY D 71 -12.70 -14.48 -10.51
N GLN D 72 -11.40 -14.67 -10.56
CA GLN D 72 -10.78 -15.89 -10.11
C GLN D 72 -10.61 -15.76 -8.60
N GLY D 73 -10.89 -16.85 -7.88
CA GLY D 73 -10.68 -16.88 -6.43
C GLY D 73 -11.89 -16.47 -5.61
N THR D 74 -11.65 -15.84 -4.46
CA THR D 74 -12.71 -15.57 -3.50
C THR D 74 -13.37 -14.19 -3.65
N ALA D 75 -12.81 -13.34 -4.49
CA ALA D 75 -13.32 -12.00 -4.65
C ALA D 75 -13.65 -11.68 -6.10
N PHE D 76 -14.76 -10.97 -6.32
CA PHE D 76 -15.05 -10.49 -7.66
C PHE D 76 -14.03 -9.42 -8.04
N CYS D 77 -14.01 -8.34 -7.28
CA CYS D 77 -13.10 -7.25 -7.57
C CYS D 77 -13.05 -6.26 -6.42
N ALA D 78 -11.89 -6.23 -5.79
CA ALA D 78 -11.64 -5.49 -4.57
C ALA D 78 -11.49 -3.98 -4.82
N GLY D 79 -11.64 -3.57 -6.07
CA GLY D 79 -11.64 -2.16 -6.39
C GLY D 79 -10.30 -1.64 -6.90
N ALA D 80 -10.13 -0.34 -6.72
CA ALA D 80 -8.92 0.33 -7.15
C ALA D 80 -7.74 -0.25 -6.35
N ASP D 81 -6.59 -0.31 -7.02
CA ASP D 81 -5.41 -0.91 -6.46
C ASP D 81 -4.67 0.09 -5.58
N LEU D 82 -4.79 -0.05 -4.26
CA LEU D 82 -4.01 0.76 -3.34
C LEU D 82 -2.50 0.52 -3.44
N SER D 83 -2.09 -0.44 -4.28
CA SER D 83 -0.68 -0.86 -4.38
C SER D 83 0.38 0.17 -4.86
N GLY D 84 0.13 0.96 -5.92
CA GLY D 84 -1.02 0.87 -6.79
C GLY D 84 -1.16 1.99 -7.84
N ASP D 85 -1.71 1.61 -8.98
CA ASP D 85 -2.05 2.55 -10.03
C ASP D 85 -3.29 3.39 -9.69
N ALA D 86 -3.87 3.20 -8.50
CA ALA D 86 -5.06 3.95 -8.12
C ALA D 86 -4.77 5.43 -8.02
N PHE D 87 -3.50 5.75 -7.76
CA PHE D 87 -3.08 7.11 -7.55
C PHE D 87 -2.57 7.73 -8.86
N ALA D 88 -2.51 6.91 -9.90
CA ALA D 88 -2.01 7.35 -11.20
C ALA D 88 -2.91 8.43 -11.80
N ALA D 89 -2.32 9.35 -12.55
CA ALA D 89 -3.05 10.50 -13.06
C ALA D 89 -4.10 10.04 -14.06
N ASP D 90 -3.72 9.11 -14.92
CA ASP D 90 -4.59 8.66 -15.99
C ASP D 90 -5.41 7.45 -15.55
N TYR D 91 -5.45 7.18 -14.25
CA TYR D 91 -6.22 6.02 -13.77
C TYR D 91 -7.73 6.17 -13.91
N PRO D 92 -8.32 7.25 -13.37
CA PRO D 92 -9.79 7.31 -13.49
C PRO D 92 -10.32 7.43 -14.94
N ASP D 93 -9.50 7.90 -15.87
CA ASP D 93 -9.92 7.99 -17.26
C ASP D 93 -9.94 6.59 -17.87
N ARG D 94 -9.05 5.73 -17.40
CA ARG D 94 -9.06 4.33 -17.81
C ARG D 94 -10.35 3.62 -17.34
N LEU D 95 -10.77 3.89 -16.11
CA LEU D 95 -11.99 3.28 -15.60
C LEU D 95 -13.16 3.74 -16.44
N ILE D 96 -13.24 5.03 -16.73
CA ILE D 96 -14.29 5.59 -17.57
C ILE D 96 -14.34 4.93 -18.96
N GLU D 97 -13.21 4.74 -19.60
CA GLU D 97 -13.19 4.05 -20.89
C GLU D 97 -13.80 2.66 -20.83
N LEU D 98 -13.40 1.89 -19.83
CA LEU D 98 -13.93 0.56 -19.60
C LEU D 98 -15.47 0.57 -19.52
N HIS D 99 -16.01 1.48 -18.70
CA HIS D 99 -17.46 1.57 -18.53
C HIS D 99 -18.16 1.92 -19.85
N LYS D 100 -17.62 2.90 -20.58
CA LYS D 100 -18.14 3.19 -21.92
C LYS D 100 -18.10 1.96 -22.83
N ALA D 101 -17.02 1.19 -22.79
CA ALA D 101 -16.94 0.01 -23.65
C ALA D 101 -18.04 -0.98 -23.29
N MET D 102 -18.27 -1.18 -22.00
CA MET D 102 -19.31 -2.08 -21.53
C MET D 102 -20.68 -1.54 -21.88
N ASP D 103 -20.90 -0.26 -21.60
CA ASP D 103 -22.13 0.44 -21.95
C ASP D 103 -22.47 0.37 -23.45
N ALA D 104 -21.45 0.44 -24.28
CA ALA D 104 -21.64 0.47 -25.73
C ALA D 104 -21.69 -0.92 -26.37
N SER D 105 -21.26 -1.94 -25.62
CA SER D 105 -21.22 -3.30 -26.16
C SER D 105 -22.63 -3.80 -26.50
N PRO D 106 -22.80 -4.24 -27.75
CA PRO D 106 -24.06 -4.81 -28.23
C PRO D 106 -24.40 -6.09 -27.48
N MET D 107 -23.44 -6.64 -26.73
CA MET D 107 -23.66 -7.89 -26.06
C MET D 107 -24.05 -7.73 -24.62
N PRO D 108 -24.84 -8.67 -24.12
CA PRO D 108 -25.25 -8.62 -22.72
C PRO D 108 -24.15 -9.17 -21.83
N VAL D 109 -23.84 -8.47 -20.77
CA VAL D 109 -22.77 -8.93 -19.90
C VAL D 109 -23.36 -9.53 -18.65
N VAL D 110 -23.18 -10.83 -18.47
CA VAL D 110 -23.59 -11.46 -17.23
C VAL D 110 -22.41 -11.55 -16.25
N GLY D 111 -22.46 -10.68 -15.23
CA GLY D 111 -21.48 -10.75 -14.16
C GLY D 111 -21.73 -11.94 -13.27
N ALA D 112 -20.78 -12.87 -13.22
CA ALA D 112 -20.82 -13.94 -12.24
C ALA D 112 -20.09 -13.42 -11.02
N ILE D 113 -20.79 -12.75 -10.12
CA ILE D 113 -20.13 -12.07 -9.02
C ILE D 113 -19.75 -13.06 -7.91
N ASN D 114 -18.56 -13.61 -8.02
CA ASN D 114 -18.14 -14.79 -7.26
C ASN D 114 -17.72 -14.46 -5.84
N GLY D 115 -17.65 -13.19 -5.51
CA GLY D 115 -17.22 -12.78 -4.20
C GLY D 115 -17.40 -11.28 -4.09
N PRO D 116 -16.94 -10.70 -2.98
CA PRO D 116 -17.15 -9.27 -2.70
C PRO D 116 -16.79 -8.37 -3.89
N ALA D 117 -17.59 -7.33 -4.12
CA ALA D 117 -17.27 -6.31 -5.12
C ALA D 117 -17.23 -4.96 -4.42
N ILE D 118 -16.06 -4.33 -4.42
CA ILE D 118 -15.91 -3.13 -3.61
C ILE D 118 -15.40 -1.98 -4.45
N GLY D 119 -15.91 -0.78 -4.15
CA GLY D 119 -15.48 0.46 -4.76
C GLY D 119 -15.69 0.45 -6.25
N ALA D 120 -14.63 0.61 -7.02
CA ALA D 120 -14.72 0.54 -8.47
C ALA D 120 -15.09 -0.88 -8.86
N GLY D 121 -14.91 -1.82 -7.93
CA GLY D 121 -15.42 -3.17 -8.08
C GLY D 121 -16.93 -3.29 -8.00
N LEU D 122 -17.58 -2.52 -7.13
CA LEU D 122 -19.06 -2.42 -7.17
C LEU D 122 -19.51 -1.75 -8.48
N GLN D 123 -18.81 -0.70 -8.89
CA GLN D 123 -19.09 -0.08 -10.18
C GLN D 123 -19.01 -1.07 -11.35
N LEU D 124 -17.94 -1.88 -11.37
CA LEU D 124 -17.78 -2.87 -12.43
C LEU D 124 -18.95 -3.86 -12.43
N ALA D 125 -19.32 -4.35 -11.26
CA ALA D 125 -20.51 -5.20 -11.14
C ALA D 125 -21.80 -4.53 -11.64
N MET D 126 -21.99 -3.26 -11.29
CA MET D 126 -23.23 -2.58 -11.65
C MET D 126 -23.33 -2.25 -13.15
N GLN D 127 -22.19 -2.22 -13.81
CA GLN D 127 -22.16 -1.93 -15.23
C GLN D 127 -22.47 -3.20 -16.03
N CYS D 128 -22.54 -4.34 -15.34
CA CYS D 128 -22.96 -5.57 -15.99
C CYS D 128 -24.45 -5.45 -16.30
N ASP D 129 -24.91 -6.22 -17.28
CA ASP D 129 -26.33 -6.17 -17.66
C ASP D 129 -27.16 -6.97 -16.68
N LEU D 130 -26.62 -8.08 -16.20
CA LEU D 130 -27.32 -9.00 -15.31
C LEU D 130 -26.30 -9.53 -14.30
N ARG D 131 -26.78 -9.94 -13.13
CA ARG D 131 -25.90 -10.39 -12.06
C ARG D 131 -26.33 -11.70 -11.40
N VAL D 132 -25.51 -12.74 -11.54
CA VAL D 132 -25.65 -13.96 -10.78
C VAL D 132 -24.60 -13.92 -9.66
N VAL D 133 -25.03 -13.95 -8.40
CA VAL D 133 -24.11 -13.64 -7.28
C VAL D 133 -23.86 -14.81 -6.33
N ALA D 134 -22.61 -15.04 -5.97
CA ALA D 134 -22.31 -16.14 -5.04
C ALA D 134 -22.87 -15.87 -3.65
N PRO D 135 -23.25 -16.93 -2.91
CA PRO D 135 -23.82 -16.83 -1.56
C PRO D 135 -22.99 -15.99 -0.59
N ASP D 136 -21.66 -16.03 -0.73
CA ASP D 136 -20.78 -15.39 0.22
C ASP D 136 -20.27 -14.03 -0.20
N ALA D 137 -20.67 -13.57 -1.38
CA ALA D 137 -20.29 -12.23 -1.87
C ALA D 137 -21.05 -11.16 -1.11
N PHE D 138 -20.52 -9.94 -1.18
CA PHE D 138 -21.20 -8.76 -0.67
C PHE D 138 -20.75 -7.55 -1.48
N PHE D 139 -21.47 -6.44 -1.37
CA PHE D 139 -21.20 -5.27 -2.21
C PHE D 139 -21.00 -4.08 -1.30
N GLN D 140 -20.08 -3.19 -1.63
CA GLN D 140 -19.87 -2.03 -0.78
C GLN D 140 -19.21 -0.86 -1.50
N PHE D 141 -19.68 0.34 -1.16
CA PHE D 141 -19.03 1.59 -1.52
C PHE D 141 -18.44 2.21 -0.25
N PRO D 142 -17.17 1.89 0.07
CA PRO D 142 -16.65 2.32 1.36
C PRO D 142 -16.14 3.75 1.28
N THR D 143 -16.63 4.52 0.33
CA THR D 143 -16.28 5.94 0.15
C THR D 143 -16.27 6.84 1.39
N SER D 144 -17.21 6.63 2.31
CA SER D 144 -17.29 7.48 3.51
C SER D 144 -16.17 7.15 4.49
N LYS D 145 -15.62 5.96 4.38
CA LYS D 145 -14.48 5.57 5.21
C LYS D 145 -13.19 6.19 4.67
N TYR D 146 -13.23 6.69 3.43
CA TYR D 146 -12.03 7.18 2.78
C TYR D 146 -12.09 8.65 2.41
N GLY D 147 -13.24 9.28 2.62
CA GLY D 147 -13.40 10.68 2.25
C GLY D 147 -13.54 10.96 0.76
N LEU D 148 -13.85 9.92 -0.02
CA LEU D 148 -14.01 10.09 -1.46
C LEU D 148 -15.44 10.45 -1.89
N ALA D 149 -15.57 11.00 -3.08
CA ALA D 149 -16.89 11.24 -3.65
C ALA D 149 -17.01 10.45 -4.94
N LEU D 150 -18.19 9.84 -5.16
CA LEU D 150 -18.43 9.09 -6.39
C LEU D 150 -18.98 10.00 -7.47
N ASP D 151 -18.87 9.56 -8.73
CA ASP D 151 -19.52 10.19 -9.87
C ASP D 151 -21.02 9.97 -9.72
N ASN D 152 -21.83 10.65 -10.53
CA ASN D 152 -23.27 10.54 -10.38
C ASN D 152 -23.84 9.19 -10.82
N TRP D 153 -23.32 8.62 -11.91
CA TRP D 153 -23.78 7.31 -12.37
C TRP D 153 -23.80 6.25 -11.27
N SER D 154 -22.67 6.06 -10.60
CA SER D 154 -22.54 5.09 -9.52
C SER D 154 -23.69 5.28 -8.56
N ILE D 155 -23.98 6.52 -8.22
CA ILE D 155 -25.01 6.82 -7.22
C ILE D 155 -26.40 6.54 -7.76
N ARG D 156 -26.65 6.93 -9.00
CA ARG D 156 -27.96 6.68 -9.61
C ARG D 156 -28.19 5.20 -9.81
N ARG D 157 -27.25 4.53 -10.48
CA ARG D 157 -27.41 3.11 -10.78
C ARG D 157 -27.53 2.26 -9.52
N LEU D 158 -26.74 2.57 -8.50
CA LEU D 158 -26.93 1.95 -7.19
C LEU D 158 -28.36 2.18 -6.67
N SER D 159 -28.83 3.42 -6.75
CA SER D 159 -30.18 3.71 -6.31
C SER D 159 -31.21 2.86 -7.06
N SER D 160 -31.00 2.66 -8.35
CA SER D 160 -31.96 1.89 -9.14
C SER D 160 -31.91 0.42 -8.78
N LEU D 161 -30.74 -0.05 -8.37
CA LEU D 161 -30.54 -1.48 -8.14
C LEU D 161 -30.88 -1.96 -6.73
N VAL D 162 -30.70 -1.11 -5.72
CA VAL D 162 -30.95 -1.57 -4.36
C VAL D 162 -32.00 -0.76 -3.64
N GLY D 163 -32.58 0.20 -4.35
CA GLY D 163 -33.57 1.08 -3.77
C GLY D 163 -32.89 2.29 -3.17
N HIS D 164 -33.57 3.41 -3.18
CA HIS D 164 -33.07 4.67 -2.63
C HIS D 164 -32.69 4.60 -1.14
N GLY D 165 -33.51 3.94 -0.33
CA GLY D 165 -33.27 3.93 1.10
C GLY D 165 -32.02 3.15 1.45
N ARG D 166 -31.80 2.03 0.77
CA ARG D 166 -30.59 1.30 0.99
C ARG D 166 -29.37 2.01 0.37
N ALA D 167 -29.57 2.71 -0.75
CA ALA D 167 -28.51 3.53 -1.32
C ALA D 167 -28.01 4.61 -0.36
N ARG D 168 -28.94 5.34 0.28
CA ARG D 168 -28.53 6.31 1.29
C ARG D 168 -27.68 5.65 2.38
N ALA D 169 -28.01 4.40 2.73
CA ALA D 169 -27.26 3.72 3.78
C ALA D 169 -25.88 3.29 3.28
N MET D 170 -25.82 2.74 2.08
CA MET D 170 -24.56 2.31 1.52
C MET D 170 -23.67 3.53 1.26
N LEU D 171 -24.26 4.62 0.81
CA LEU D 171 -23.46 5.79 0.46
C LEU D 171 -23.06 6.61 1.68
N LEU D 172 -23.96 6.77 2.63
CA LEU D 172 -23.65 7.65 3.76
C LEU D 172 -22.94 6.96 4.91
N SER D 173 -22.97 5.64 4.98
CA SER D 173 -22.35 4.95 6.11
C SER D 173 -21.64 3.67 5.72
N ALA D 174 -21.38 3.50 4.42
CA ALA D 174 -20.60 2.36 3.92
C ALA D 174 -21.18 1.01 4.35
N GLU D 175 -22.50 0.91 4.31
CA GLU D 175 -23.15 -0.34 4.66
C GLU D 175 -22.86 -1.38 3.60
N LYS D 176 -22.50 -2.58 4.05
CA LYS D 176 -22.30 -3.71 3.16
C LYS D 176 -23.66 -4.25 2.73
N LEU D 177 -23.78 -4.58 1.45
CA LEU D 177 -25.00 -5.20 0.96
C LEU D 177 -24.78 -6.70 0.74
N THR D 178 -25.35 -7.52 1.62
CA THR D 178 -25.16 -8.98 1.54
C THR D 178 -25.83 -9.55 0.29
N ALA D 179 -25.47 -10.77 -0.10
CA ALA D 179 -26.02 -11.38 -1.31
C ALA D 179 -27.52 -11.60 -1.19
N GLU D 180 -27.94 -12.06 -0.02
CA GLU D 180 -29.35 -12.37 0.23
C GLU D 180 -30.17 -11.11 0.07
N ILE D 181 -29.70 -10.00 0.61
CA ILE D 181 -30.36 -8.73 0.44
C ILE D 181 -30.19 -8.15 -0.98
N ALA D 182 -29.05 -8.43 -1.61
CA ALA D 182 -28.88 -8.06 -3.01
C ALA D 182 -29.89 -8.82 -3.90
N LEU D 183 -30.18 -10.08 -3.56
CA LEU D 183 -31.24 -10.80 -4.24
C LEU D 183 -32.61 -10.15 -3.97
N HIS D 184 -32.83 -9.80 -2.72
CA HIS D 184 -34.06 -9.14 -2.30
C HIS D 184 -34.37 -7.87 -3.11
N THR D 185 -33.38 -7.00 -3.31
CA THR D 185 -33.64 -5.69 -3.90
C THR D 185 -33.55 -5.70 -5.42
N GLY D 186 -32.86 -6.69 -5.95
CA GLY D 186 -32.70 -6.81 -7.38
C GLY D 186 -31.30 -6.51 -7.89
N MET D 187 -30.37 -6.23 -6.98
CA MET D 187 -28.95 -6.11 -7.33
C MET D 187 -28.44 -7.43 -7.93
N ALA D 188 -28.85 -8.55 -7.31
CA ALA D 188 -28.61 -9.88 -7.84
C ALA D 188 -29.90 -10.40 -8.43
N ASN D 189 -29.82 -10.90 -9.66
CA ASN D 189 -30.97 -11.53 -10.29
C ASN D 189 -31.16 -12.93 -9.79
N ARG D 190 -30.04 -13.65 -9.64
CA ARG D 190 -30.04 -14.99 -9.09
C ARG D 190 -28.92 -15.14 -8.09
N ILE D 191 -29.11 -15.99 -7.10
CA ILE D 191 -27.97 -16.38 -6.31
C ILE D 191 -27.48 -17.70 -6.85
N GLY D 192 -26.21 -17.74 -7.24
CA GLY D 192 -25.63 -18.91 -7.85
C GLY D 192 -24.15 -18.80 -8.23
N THR D 193 -23.72 -19.75 -9.03
CA THR D 193 -22.31 -19.92 -9.34
C THR D 193 -22.02 -19.49 -10.77
N LEU D 194 -20.74 -19.49 -11.11
CA LEU D 194 -20.28 -19.14 -12.44
C LEU D 194 -20.90 -20.02 -13.52
N ALA D 195 -21.06 -21.32 -13.21
CA ALA D 195 -21.64 -22.27 -14.17
C ALA D 195 -23.12 -21.91 -14.43
N ASP D 196 -23.81 -21.52 -13.37
CA ASP D 196 -25.15 -20.99 -13.50
C ASP D 196 -25.17 -19.76 -14.42
N ALA D 197 -24.28 -18.81 -14.17
CA ALA D 197 -24.21 -17.63 -15.02
C ALA D 197 -23.87 -17.97 -16.49
N GLN D 198 -22.99 -18.94 -16.69
CA GLN D 198 -22.65 -19.35 -18.07
C GLN D 198 -23.80 -20.05 -18.76
N ALA D 199 -24.59 -20.81 -18.00
CA ALA D 199 -25.78 -21.48 -18.58
C ALA D 199 -26.81 -20.45 -19.01
N TRP D 200 -26.99 -19.42 -18.17
CA TRP D 200 -28.01 -18.43 -18.39
C TRP D 200 -27.58 -17.60 -19.59
N ALA D 201 -26.30 -17.30 -19.63
CA ALA D 201 -25.71 -16.56 -20.74
C ALA D 201 -25.93 -17.34 -22.03
N ALA D 202 -25.81 -18.67 -21.96
CA ALA D 202 -26.04 -19.52 -23.14
C ALA D 202 -27.44 -19.31 -23.71
N GLU D 203 -28.46 -19.35 -22.85
CA GLU D 203 -29.83 -19.17 -23.28
C GLU D 203 -30.02 -17.81 -23.90
N ILE D 204 -29.35 -16.83 -23.30
CA ILE D 204 -29.52 -15.46 -23.69
C ILE D 204 -28.90 -15.31 -25.08
N ALA D 205 -27.82 -16.07 -25.30
CA ALA D 205 -27.13 -16.12 -26.59
C ALA D 205 -28.00 -16.69 -27.70
N ARG D 206 -28.99 -17.50 -27.31
CA ARG D 206 -29.91 -18.05 -28.31
C ARG D 206 -31.14 -17.16 -28.57
N LEU D 207 -31.23 -16.02 -27.88
CA LEU D 207 -32.31 -15.07 -28.15
C LEU D 207 -31.97 -14.12 -29.30
N ALA D 208 -32.89 -13.19 -29.58
CA ALA D 208 -32.70 -12.29 -30.71
C ALA D 208 -31.86 -11.09 -30.29
N PRO D 209 -30.72 -10.92 -30.96
CA PRO D 209 -29.74 -9.92 -30.55
C PRO D 209 -30.23 -8.49 -30.66
N LEU D 210 -31.02 -8.18 -31.69
CA LEU D 210 -31.48 -6.80 -31.84
C LEU D 210 -32.42 -6.46 -30.69
N ALA D 211 -33.23 -7.42 -30.26
CA ALA D 211 -34.13 -7.19 -29.14
C ALA D 211 -33.33 -6.84 -27.89
N ILE D 212 -32.22 -7.55 -27.68
CA ILE D 212 -31.38 -7.36 -26.52
C ILE D 212 -30.65 -6.01 -26.58
N GLN D 213 -30.09 -5.68 -27.74
CA GLN D 213 -29.40 -4.43 -27.93
C GLN D 213 -30.32 -3.26 -27.62
N HIS D 214 -31.57 -3.37 -28.08
CA HIS D 214 -32.54 -2.32 -27.88
C HIS D 214 -32.97 -2.21 -26.41
N ALA D 215 -33.25 -3.35 -25.77
CA ALA D 215 -33.60 -3.28 -24.36
C ALA D 215 -32.45 -2.68 -23.57
N LYS D 216 -31.24 -3.13 -23.89
CA LYS D 216 -30.06 -2.75 -23.12
C LYS D 216 -29.80 -1.25 -23.21
N ARG D 217 -29.86 -0.72 -24.43
CA ARG D 217 -29.63 0.69 -24.65
C ARG D 217 -30.64 1.56 -23.89
N VAL D 218 -31.91 1.19 -23.96
CA VAL D 218 -32.96 1.96 -23.30
C VAL D 218 -32.87 1.90 -21.78
N LEU D 219 -32.61 0.70 -21.25
CA LEU D 219 -32.42 0.56 -19.81
C LEU D 219 -31.26 1.41 -19.27
N ASN D 220 -30.15 1.42 -19.99
CA ASN D 220 -28.97 2.17 -19.55
C ASN D 220 -29.22 3.65 -19.71
N ASP D 221 -30.23 4.00 -20.51
CA ASP D 221 -30.51 5.40 -20.77
C ASP D 221 -31.60 5.90 -19.84
N ASP D 222 -31.76 5.25 -18.70
CA ASP D 222 -32.81 5.63 -17.73
C ASP D 222 -32.57 6.95 -16.94
N GLY D 223 -31.44 7.61 -17.17
CA GLY D 223 -31.10 8.78 -16.37
C GLY D 223 -29.84 8.61 -15.52
N ALA D 224 -29.45 7.38 -15.24
CA ALA D 224 -28.24 7.12 -14.44
C ALA D 224 -26.98 7.78 -15.04
N ILE D 225 -26.83 7.70 -16.35
CA ILE D 225 -25.77 8.43 -17.03
C ILE D 225 -25.96 9.95 -16.85
N GLU D 226 -25.66 10.45 -15.67
CA GLU D 226 -25.94 11.85 -15.36
C GLU D 226 -24.64 12.65 -15.20
N GLU D 227 -24.62 13.85 -15.76
CA GLU D 227 -23.51 14.75 -15.50
C GLU D 227 -23.73 15.50 -14.19
N ALA D 228 -22.67 15.58 -13.40
CA ALA D 228 -22.71 16.27 -12.12
C ALA D 228 -23.20 17.69 -12.27
N TRP D 229 -24.17 18.04 -11.43
CA TRP D 229 -24.57 19.43 -11.31
C TRP D 229 -23.36 20.19 -10.77
N PRO D 230 -23.31 21.52 -10.97
CA PRO D 230 -22.21 22.34 -10.42
C PRO D 230 -21.89 22.03 -8.96
N ALA D 231 -22.92 22.02 -8.11
CA ALA D 231 -22.72 21.81 -6.68
C ALA D 231 -22.13 20.44 -6.42
N HIS D 232 -22.54 19.48 -7.26
CA HIS D 232 -21.94 18.15 -7.21
C HIS D 232 -20.45 18.19 -7.55
N LYS D 233 -20.07 18.96 -8.58
CA LYS D 233 -18.67 19.03 -8.96
C LYS D 233 -17.86 19.69 -7.85
N GLU D 234 -18.41 20.76 -7.30
CA GLU D 234 -17.77 21.49 -6.22
C GLU D 234 -17.50 20.58 -5.02
N LEU D 235 -18.48 19.76 -4.66
CA LEU D 235 -18.40 18.86 -3.51
C LEU D 235 -17.52 17.65 -3.80
N PHE D 236 -17.51 17.22 -5.06
CA PHE D 236 -16.63 16.15 -5.51
C PHE D 236 -15.17 16.59 -5.45
N ASP D 237 -14.88 17.71 -6.09
CA ASP D 237 -13.54 18.30 -6.05
C ASP D 237 -13.02 18.57 -4.63
N LYS D 238 -13.90 19.03 -3.75
CA LYS D 238 -13.50 19.40 -2.39
C LYS D 238 -13.23 18.18 -1.52
N ALA D 239 -13.90 17.06 -1.80
CA ALA D 239 -13.65 15.84 -1.05
C ALA D 239 -12.31 15.24 -1.47
N TRP D 240 -12.06 15.25 -2.78
CA TRP D 240 -10.86 14.63 -3.33
C TRP D 240 -9.59 15.38 -2.98
N GLY D 241 -9.70 16.70 -2.94
CA GLY D 241 -8.55 17.53 -2.61
C GLY D 241 -8.44 17.81 -1.13
N SER D 242 -9.13 17.02 -0.32
CA SER D 242 -9.19 17.30 1.11
C SER D 242 -8.03 16.66 1.88
N GLN D 243 -7.66 17.32 2.97
CA GLN D 243 -6.69 16.74 3.87
C GLN D 243 -7.22 15.39 4.36
N ASP D 244 -8.54 15.28 4.48
CA ASP D 244 -9.12 14.08 5.05
C ASP D 244 -8.83 12.83 4.23
N VAL D 245 -8.79 13.00 2.90
CA VAL D 245 -8.51 11.89 2.01
C VAL D 245 -7.07 11.41 2.21
N ILE D 246 -6.17 12.38 2.38
CA ILE D 246 -4.79 12.09 2.70
C ILE D 246 -4.74 11.37 4.04
N GLU D 247 -5.40 11.92 5.04
CA GLU D 247 -5.44 11.33 6.36
C GLU D 247 -5.92 9.89 6.30
N ALA D 248 -6.81 9.59 5.38
CA ALA D 248 -7.40 8.27 5.33
C ALA D 248 -6.37 7.30 4.78
N GLN D 249 -5.56 7.79 3.84
CA GLN D 249 -4.52 6.97 3.25
C GLN D 249 -3.38 6.77 4.24
N VAL D 250 -2.96 7.86 4.88
CA VAL D 250 -1.90 7.83 5.89
C VAL D 250 -2.33 6.98 7.10
N ALA D 251 -3.64 6.94 7.36
CA ALA D 251 -4.12 6.13 8.46
C ALA D 251 -3.97 4.67 8.08
N ARG D 252 -4.50 4.32 6.92
CA ARG D 252 -4.48 2.94 6.40
C ARG D 252 -3.05 2.43 6.38
N MET D 253 -2.15 3.30 5.93
CA MET D 253 -0.73 2.99 5.80
C MET D 253 -0.07 2.78 7.15
N GLU D 254 -0.71 3.25 8.23
CA GLU D 254 -0.12 3.22 9.58
C GLU D 254 -0.85 2.25 10.49
N LYS D 255 -1.75 1.49 9.89
CA LYS D 255 -2.53 0.47 10.58
C LYS D 255 -3.27 1.04 11.80
N ARG D 256 -3.91 2.21 11.58
CA ARG D 256 -4.68 2.86 12.64
C ARG D 256 -6.02 3.42 12.13
N PRO D 257 -6.92 3.78 13.06
CA PRO D 257 -8.15 4.49 12.67
C PRO D 257 -7.94 5.99 12.43
N PRO D 258 -8.39 6.49 11.27
CA PRO D 258 -8.32 7.91 10.89
C PRO D 258 -9.10 8.82 11.82
N LYS D 259 -8.65 10.07 11.94
CA LYS D 259 -9.39 11.12 12.63
C LYS D 259 -9.67 12.22 11.63
N PHE D 260 -10.92 12.30 11.17
CA PHE D 260 -11.36 13.24 10.15
C PHE D 260 -11.64 14.65 10.72
N GLN D 261 -11.60 15.65 9.84
CA GLN D 261 -11.77 17.04 10.24
C GLN D 261 -12.86 17.72 9.43
N GLY D 262 -13.13 17.18 8.25
CA GLY D 262 -14.11 17.78 7.37
C GLY D 262 -13.47 18.90 6.60
N ALA D 263 -12.21 18.69 6.20
CA ALA D 263 -11.51 19.69 5.42
C ALA D 263 -10.39 19.07 4.58
N HIS E 20 -70.35 -7.47 -26.84
CA HIS E 20 -69.91 -8.33 -27.95
C HIS E 20 -68.52 -8.91 -27.68
N MET E 21 -67.59 -8.06 -27.22
CA MET E 21 -66.24 -8.52 -26.87
C MET E 21 -65.75 -8.10 -25.48
N ILE E 22 -66.54 -7.29 -24.78
CA ILE E 22 -66.26 -7.00 -23.37
C ILE E 22 -67.52 -7.04 -22.51
N GLY E 23 -67.37 -7.40 -21.23
CA GLY E 23 -68.49 -7.42 -20.32
C GLY E 23 -68.38 -6.31 -19.29
N ILE E 24 -69.44 -5.52 -19.15
CA ILE E 24 -69.44 -4.39 -18.22
C ILE E 24 -70.54 -4.50 -17.18
N THR E 25 -70.23 -4.92 -15.97
CA THR E 25 -71.25 -4.86 -14.92
C THR E 25 -70.98 -3.72 -13.96
N GLN E 26 -71.99 -3.34 -13.19
CA GLN E 26 -71.78 -2.40 -12.12
C GLN E 26 -72.51 -2.88 -10.86
N ALA E 27 -71.81 -2.85 -9.74
CA ALA E 27 -72.41 -3.12 -8.45
C ALA E 27 -72.04 -1.98 -7.48
N GLU E 28 -73.07 -1.38 -6.88
CA GLU E 28 -72.91 -0.21 -6.03
C GLU E 28 -72.16 0.90 -6.77
N ALA E 29 -70.91 1.14 -6.37
CA ALA E 29 -70.14 2.24 -6.92
C ALA E 29 -68.93 1.76 -7.71
N VAL E 30 -68.91 0.47 -8.05
CA VAL E 30 -67.79 -0.10 -8.79
C VAL E 30 -68.16 -0.59 -10.19
N LEU E 31 -67.47 -0.08 -11.21
CA LEU E 31 -67.67 -0.55 -12.57
C LEU E 31 -66.67 -1.65 -12.95
N THR E 32 -67.16 -2.87 -13.14
CA THR E 32 -66.27 -3.97 -13.52
C THR E 32 -66.31 -4.21 -15.03
N ILE E 33 -65.15 -4.06 -15.66
CA ILE E 33 -65.01 -4.33 -17.10
C ILE E 33 -64.29 -5.66 -17.30
N GLU E 34 -64.85 -6.54 -18.12
CA GLU E 34 -64.31 -7.88 -18.30
C GLU E 34 -63.93 -8.15 -19.76
N LEU E 35 -62.67 -8.51 -19.98
CA LEU E 35 -62.22 -8.90 -21.32
C LEU E 35 -62.81 -10.25 -21.68
N GLN E 36 -63.70 -10.24 -22.68
CA GLN E 36 -64.43 -11.45 -23.03
C GLN E 36 -63.99 -12.08 -24.34
N ARG E 37 -62.71 -12.47 -24.42
CA ARG E 37 -62.23 -13.22 -25.57
C ARG E 37 -61.44 -14.45 -25.11
N PRO E 38 -62.02 -15.23 -24.15
CA PRO E 38 -61.21 -16.24 -23.46
C PRO E 38 -60.75 -17.39 -24.33
N GLU E 39 -61.23 -17.45 -25.57
CA GLU E 39 -60.84 -18.53 -26.45
C GLU E 39 -59.50 -18.19 -27.08
N ARG E 40 -59.15 -16.91 -27.05
CA ARG E 40 -57.84 -16.45 -27.53
C ARG E 40 -57.01 -15.90 -26.37
N ARG E 41 -57.28 -16.44 -25.19
CA ARG E 41 -56.64 -16.03 -23.95
C ARG E 41 -56.69 -14.52 -23.79
N ASN E 42 -57.78 -13.93 -24.27
CA ASN E 42 -58.04 -12.49 -24.15
C ASN E 42 -57.07 -11.60 -24.91
N ALA E 43 -56.49 -12.11 -25.99
CA ALA E 43 -55.58 -11.31 -26.80
C ALA E 43 -56.31 -10.14 -27.43
N LEU E 44 -55.66 -8.98 -27.44
CA LEU E 44 -56.24 -7.77 -28.00
C LEU E 44 -56.30 -7.78 -29.51
N ASN E 45 -57.31 -7.11 -30.05
CA ASN E 45 -57.33 -6.80 -31.48
C ASN E 45 -58.13 -5.53 -31.78
N SER E 46 -58.38 -5.30 -33.06
CA SER E 46 -59.04 -4.09 -33.56
C SER E 46 -60.22 -3.64 -32.70
N GLN E 47 -61.19 -4.54 -32.53
CA GLN E 47 -62.44 -4.22 -31.86
C GLN E 47 -62.31 -4.20 -30.34
N LEU E 48 -61.58 -5.17 -29.80
CA LEU E 48 -61.40 -5.29 -28.35
C LEU E 48 -60.79 -4.02 -27.75
N VAL E 49 -59.89 -3.40 -28.49
CA VAL E 49 -59.33 -2.12 -28.07
C VAL E 49 -60.32 -0.95 -28.26
N GLU E 50 -61.09 -0.99 -29.36
CA GLU E 50 -62.13 0.02 -29.61
C GLU E 50 -63.12 0.04 -28.46
N GLU E 51 -63.62 -1.12 -28.07
CA GLU E 51 -64.64 -1.22 -27.05
C GLU E 51 -64.13 -0.83 -25.66
N LEU E 52 -62.91 -1.25 -25.31
CA LEU E 52 -62.34 -0.93 -24.00
C LEU E 52 -62.22 0.57 -23.80
N THR E 53 -61.79 1.23 -24.86
CA THR E 53 -61.58 2.67 -24.85
C THR E 53 -62.90 3.36 -24.49
N GLN E 54 -63.94 3.04 -25.28
CA GLN E 54 -65.29 3.52 -25.04
C GLN E 54 -65.68 3.31 -23.58
N ALA E 55 -65.55 2.07 -23.12
CA ALA E 55 -65.96 1.70 -21.78
C ALA E 55 -65.28 2.51 -20.66
N ILE E 56 -63.98 2.75 -20.80
CA ILE E 56 -63.24 3.56 -19.84
C ILE E 56 -63.72 5.01 -19.85
N ARG E 57 -63.92 5.56 -21.05
CA ARG E 57 -64.38 6.94 -21.19
C ARG E 57 -65.78 7.17 -20.59
N LYS E 58 -66.67 6.21 -20.79
CA LYS E 58 -68.05 6.38 -20.36
C LYS E 58 -68.25 5.91 -18.92
N ALA E 59 -67.19 5.41 -18.29
CA ALA E 59 -67.28 4.98 -16.91
C ALA E 59 -67.64 6.18 -16.05
N GLY E 60 -68.64 6.03 -15.20
CA GLY E 60 -69.13 7.15 -14.42
C GLY E 60 -69.91 8.16 -15.25
N ASP E 61 -70.81 7.64 -16.08
CA ASP E 61 -71.76 8.44 -16.86
C ASP E 61 -73.26 8.44 -16.45
N GLY E 62 -73.75 7.63 -15.51
CA GLY E 62 -73.01 6.70 -14.65
C GLY E 62 -72.56 7.41 -13.39
N SER E 63 -72.58 6.70 -12.27
CA SER E 63 -72.02 7.23 -11.03
C SER E 63 -70.88 6.33 -10.51
N ALA E 64 -70.20 5.65 -11.42
CA ALA E 64 -69.07 4.81 -11.02
C ALA E 64 -68.00 5.73 -10.42
N ARG E 65 -67.28 5.25 -9.40
CA ARG E 65 -66.20 6.01 -8.82
C ARG E 65 -64.89 5.20 -8.79
N ALA E 66 -65.00 3.91 -9.09
CA ALA E 66 -63.83 3.05 -9.18
C ALA E 66 -64.13 1.97 -10.20
N ILE E 67 -63.10 1.59 -10.94
CA ILE E 67 -63.23 0.61 -12.00
C ILE E 67 -62.37 -0.61 -11.70
N VAL E 68 -62.96 -1.81 -11.77
CA VAL E 68 -62.16 -3.02 -11.78
C VAL E 68 -62.05 -3.52 -13.22
N LEU E 69 -60.82 -3.77 -13.67
CA LEU E 69 -60.59 -4.36 -14.99
C LEU E 69 -60.06 -5.76 -14.78
N THR E 70 -60.49 -6.71 -15.60
CA THR E 70 -60.08 -8.10 -15.42
C THR E 70 -60.35 -8.94 -16.65
N GLY E 71 -59.92 -10.20 -16.61
CA GLY E 71 -60.12 -11.10 -17.73
C GLY E 71 -61.05 -12.25 -17.41
N GLN E 72 -61.71 -12.73 -18.45
CA GLN E 72 -62.58 -13.89 -18.37
C GLN E 72 -61.78 -15.10 -18.80
N GLY E 73 -61.74 -16.10 -17.93
CA GLY E 73 -61.01 -17.31 -18.23
C GLY E 73 -59.78 -17.42 -17.35
N THR E 74 -58.77 -18.09 -17.87
CA THR E 74 -57.59 -18.42 -17.10
C THR E 74 -56.44 -17.43 -17.34
N ALA E 75 -56.71 -16.44 -18.21
CA ALA E 75 -55.73 -15.42 -18.59
C ALA E 75 -56.29 -14.00 -18.43
N PHE E 76 -55.45 -13.07 -17.97
CA PHE E 76 -55.85 -11.67 -17.91
C PHE E 76 -55.80 -11.12 -19.31
N CYS E 77 -54.66 -11.28 -19.96
CA CYS E 77 -54.48 -10.91 -21.36
C CYS E 77 -53.14 -11.42 -21.86
N ALA E 78 -53.16 -12.19 -22.94
CA ALA E 78 -51.93 -12.88 -23.36
C ALA E 78 -51.29 -12.29 -24.60
N GLY E 79 -51.64 -11.06 -24.94
CA GLY E 79 -50.96 -10.38 -26.02
C GLY E 79 -51.86 -9.80 -27.07
N ALA E 80 -51.45 -9.93 -28.33
CA ALA E 80 -52.25 -9.43 -29.43
C ALA E 80 -52.44 -10.51 -30.48
N ASP E 81 -53.65 -10.59 -31.04
CA ASP E 81 -53.99 -11.56 -32.09
C ASP E 81 -54.96 -10.94 -33.10
N LEU E 82 -54.50 -10.79 -34.34
CA LEU E 82 -55.24 -10.08 -35.37
C LEU E 82 -55.76 -11.01 -36.50
N ALA E 88 -58.05 -3.75 -38.81
CA ALA E 88 -57.03 -4.38 -37.97
C ALA E 88 -55.62 -3.85 -38.26
N ALA E 89 -55.51 -2.87 -39.15
CA ALA E 89 -54.20 -2.32 -39.50
C ALA E 89 -54.00 -0.96 -38.83
N ASP E 90 -55.11 -0.40 -38.34
CA ASP E 90 -55.06 0.79 -37.51
C ASP E 90 -55.38 0.40 -36.06
N TYR E 91 -55.17 -0.88 -35.75
CA TYR E 91 -55.06 -1.39 -34.38
C TYR E 91 -53.99 -0.68 -33.53
N PRO E 92 -52.80 -0.40 -34.12
CA PRO E 92 -51.78 0.27 -33.29
C PRO E 92 -52.20 1.65 -32.82
N ASP E 93 -52.94 2.38 -33.63
CA ASP E 93 -53.43 3.69 -33.22
C ASP E 93 -54.37 3.55 -32.04
N ARG E 94 -55.30 2.60 -32.15
CA ARG E 94 -56.29 2.41 -31.10
C ARG E 94 -55.64 2.01 -29.77
N LEU E 95 -54.54 1.26 -29.84
CA LEU E 95 -53.84 0.83 -28.64
C LEU E 95 -53.36 2.04 -27.83
N ILE E 96 -52.78 3.00 -28.54
CA ILE E 96 -52.35 4.28 -27.96
C ILE E 96 -53.52 5.00 -27.30
N GLU E 97 -54.65 5.05 -28.01
CA GLU E 97 -55.85 5.69 -27.52
C GLU E 97 -56.31 5.04 -26.22
N LEU E 98 -56.28 3.71 -26.19
CA LEU E 98 -56.70 2.97 -25.03
C LEU E 98 -55.89 3.37 -23.80
N HIS E 99 -54.57 3.42 -23.95
CA HIS E 99 -53.73 3.84 -22.84
C HIS E 99 -53.91 5.33 -22.53
N LYS E 100 -54.19 6.14 -23.56
CA LYS E 100 -54.41 7.57 -23.33
C LYS E 100 -55.63 7.76 -22.45
N ALA E 101 -56.66 6.96 -22.71
CA ALA E 101 -57.91 7.07 -21.99
C ALA E 101 -57.68 6.64 -20.55
N MET E 102 -57.01 5.50 -20.35
CA MET E 102 -56.69 5.04 -18.99
C MET E 102 -55.87 6.08 -18.20
N ASP E 103 -54.81 6.57 -18.82
CA ASP E 103 -54.01 7.62 -18.22
C ASP E 103 -54.78 8.90 -17.89
N ALA E 104 -55.80 9.22 -18.69
CA ALA E 104 -56.54 10.48 -18.51
C ALA E 104 -57.78 10.34 -17.61
N SER E 105 -58.26 9.10 -17.47
CA SER E 105 -59.45 8.84 -16.67
C SER E 105 -59.25 9.22 -15.22
N PRO E 106 -60.13 10.10 -14.73
CA PRO E 106 -60.09 10.61 -13.36
C PRO E 106 -60.35 9.53 -12.30
N MET E 107 -60.62 8.29 -12.71
CA MET E 107 -60.86 7.26 -11.72
C MET E 107 -59.79 6.17 -11.64
N PRO E 108 -59.58 5.66 -10.42
CA PRO E 108 -58.61 4.61 -10.16
C PRO E 108 -59.02 3.34 -10.89
N VAL E 109 -58.10 2.70 -11.61
CA VAL E 109 -58.41 1.44 -12.25
C VAL E 109 -57.70 0.28 -11.57
N VAL E 110 -58.38 -0.41 -10.65
CA VAL E 110 -57.82 -1.62 -10.04
C VAL E 110 -57.79 -2.79 -11.02
N GLY E 111 -56.61 -3.20 -11.44
CA GLY E 111 -56.51 -4.41 -12.25
C GLY E 111 -56.69 -5.67 -11.42
N ALA E 112 -57.72 -6.45 -11.71
CA ALA E 112 -57.78 -7.80 -11.13
C ALA E 112 -57.12 -8.75 -12.11
N ILE E 113 -55.84 -9.03 -11.91
CA ILE E 113 -55.06 -9.85 -12.86
C ILE E 113 -55.29 -11.33 -12.57
N ASN E 114 -56.22 -11.92 -13.31
CA ASN E 114 -56.71 -13.25 -13.00
C ASN E 114 -55.78 -14.33 -13.51
N GLY E 115 -54.94 -13.99 -14.48
CA GLY E 115 -54.04 -14.95 -15.09
C GLY E 115 -52.90 -14.24 -15.79
N PRO E 116 -52.18 -14.97 -16.65
CA PRO E 116 -51.04 -14.45 -17.43
C PRO E 116 -51.31 -13.09 -18.05
N ALA E 117 -50.33 -12.19 -17.92
CA ALA E 117 -50.37 -10.88 -18.58
C ALA E 117 -49.10 -10.74 -19.39
N ILE E 118 -49.21 -10.97 -20.69
CA ILE E 118 -48.06 -11.08 -21.56
C ILE E 118 -48.14 -10.07 -22.70
N GLY E 119 -47.03 -9.42 -23.01
CA GLY E 119 -46.96 -8.46 -24.09
C GLY E 119 -47.87 -7.27 -23.82
N ALA E 120 -48.69 -6.93 -24.81
CA ALA E 120 -49.73 -5.90 -24.65
C ALA E 120 -50.54 -6.10 -23.37
N GLY E 121 -50.61 -7.34 -22.90
CA GLY E 121 -51.29 -7.65 -21.66
C GLY E 121 -50.53 -7.19 -20.43
N LEU E 122 -49.21 -7.22 -20.49
CA LEU E 122 -48.43 -6.59 -19.44
C LEU E 122 -48.65 -5.07 -19.54
N GLN E 123 -48.51 -4.50 -20.74
CA GLN E 123 -48.68 -3.07 -20.93
C GLN E 123 -50.01 -2.63 -20.35
N LEU E 124 -51.05 -3.40 -20.65
CA LEU E 124 -52.39 -3.11 -20.16
C LEU E 124 -52.46 -3.09 -18.64
N ALA E 125 -51.95 -4.14 -17.99
CA ALA E 125 -52.00 -4.27 -16.53
C ALA E 125 -51.19 -3.19 -15.80
N MET E 126 -50.07 -2.79 -16.38
CA MET E 126 -49.24 -1.74 -15.79
C MET E 126 -49.98 -0.38 -15.81
N GLN E 127 -50.83 -0.22 -16.82
CA GLN E 127 -51.58 1.01 -17.05
C GLN E 127 -52.67 1.17 -15.98
N CYS E 128 -53.04 0.07 -15.34
CA CYS E 128 -53.91 0.14 -14.17
C CYS E 128 -53.23 0.91 -13.06
N ASP E 129 -54.03 1.45 -12.14
CA ASP E 129 -53.48 2.25 -11.07
C ASP E 129 -53.10 1.44 -9.84
N LEU E 130 -53.66 0.24 -9.76
CA LEU E 130 -53.40 -0.70 -8.67
C LEU E 130 -53.62 -2.09 -9.25
N ARG E 131 -53.07 -3.10 -8.59
CA ARG E 131 -53.20 -4.46 -9.09
C ARG E 131 -53.42 -5.47 -7.96
N VAL E 132 -54.42 -6.32 -8.15
CA VAL E 132 -54.68 -7.47 -7.31
C VAL E 132 -54.41 -8.63 -8.24
N VAL E 133 -53.53 -9.54 -7.83
CA VAL E 133 -53.04 -10.56 -8.75
C VAL E 133 -53.32 -11.98 -8.27
N ALA E 134 -53.91 -12.77 -9.17
CA ALA E 134 -54.16 -14.18 -8.89
C ALA E 134 -52.84 -14.91 -8.59
N PRO E 135 -52.87 -15.84 -7.63
CA PRO E 135 -51.73 -16.67 -7.21
C PRO E 135 -51.02 -17.41 -8.35
N ASP E 136 -51.72 -17.71 -9.45
CA ASP E 136 -51.10 -18.48 -10.52
C ASP E 136 -50.85 -17.63 -11.75
N ALA E 137 -51.11 -16.34 -11.61
CA ALA E 137 -50.81 -15.36 -12.66
C ALA E 137 -49.31 -15.03 -12.73
N PHE E 138 -48.85 -14.68 -13.93
CA PHE E 138 -47.49 -14.17 -14.11
C PHE E 138 -47.43 -13.04 -15.13
N PHE E 139 -46.32 -12.32 -15.16
CA PHE E 139 -46.15 -11.22 -16.10
C PHE E 139 -44.93 -11.49 -16.97
N GLN E 140 -44.97 -11.08 -18.23
CA GLN E 140 -43.87 -11.36 -19.11
C GLN E 140 -43.85 -10.48 -20.34
N PHE E 141 -42.67 -9.97 -20.68
CA PHE E 141 -42.42 -9.49 -22.03
C PHE E 141 -41.49 -10.50 -22.64
N PRO E 142 -41.97 -11.26 -23.63
CA PRO E 142 -41.10 -12.28 -24.21
C PRO E 142 -40.56 -11.77 -25.53
N THR E 143 -40.41 -10.46 -25.64
CA THR E 143 -39.98 -9.88 -26.90
C THR E 143 -38.56 -10.23 -27.39
N SER E 144 -37.67 -10.64 -26.48
CA SER E 144 -36.36 -11.11 -26.93
C SER E 144 -36.44 -12.51 -27.58
N LYS E 145 -37.61 -13.16 -27.48
CA LYS E 145 -37.85 -14.44 -28.17
C LYS E 145 -38.41 -14.23 -29.57
N TYR E 146 -38.86 -13.02 -29.87
CA TYR E 146 -39.57 -12.76 -31.11
C TYR E 146 -38.86 -11.72 -31.98
N GLY E 147 -37.73 -11.23 -31.50
CA GLY E 147 -36.93 -10.28 -32.26
C GLY E 147 -37.45 -8.87 -32.17
N LEU E 148 -38.35 -8.63 -31.22
CA LEU E 148 -39.06 -7.38 -31.17
C LEU E 148 -38.48 -6.31 -30.23
N ALA E 149 -39.26 -5.26 -29.99
CA ALA E 149 -38.78 -4.09 -29.26
C ALA E 149 -39.96 -3.32 -28.69
N LEU E 150 -39.81 -2.84 -27.46
CA LEU E 150 -40.88 -2.17 -26.71
C LEU E 150 -40.78 -0.66 -26.78
N ASP E 151 -41.91 0.03 -26.64
CA ASP E 151 -41.92 1.49 -26.47
C ASP E 151 -41.23 1.81 -25.18
N ASN E 152 -40.72 3.03 -25.06
CA ASN E 152 -39.99 3.40 -23.84
C ASN E 152 -40.83 3.29 -22.56
N TRP E 153 -42.08 3.74 -22.61
CA TRP E 153 -42.93 3.77 -21.43
C TRP E 153 -43.00 2.42 -20.72
N SER E 154 -43.05 1.34 -21.51
CA SER E 154 -43.26 0.00 -20.98
C SER E 154 -42.06 -0.37 -20.14
N ILE E 155 -40.90 0.03 -20.63
CA ILE E 155 -39.66 -0.28 -19.96
C ILE E 155 -39.57 0.54 -18.67
N ARG E 156 -39.83 1.84 -18.76
CA ARG E 156 -39.75 2.73 -17.59
C ARG E 156 -40.68 2.31 -16.46
N ARG E 157 -41.97 2.21 -16.76
CA ARG E 157 -42.98 1.81 -15.80
C ARG E 157 -42.70 0.43 -15.21
N LEU E 158 -42.22 -0.49 -16.06
CA LEU E 158 -41.83 -1.83 -15.57
C LEU E 158 -40.68 -1.74 -14.58
N SER E 159 -39.66 -0.96 -14.93
CA SER E 159 -38.57 -0.70 -13.98
C SER E 159 -39.13 -0.15 -12.67
N SER E 160 -40.16 0.70 -12.78
CA SER E 160 -40.70 1.37 -11.60
C SER E 160 -41.45 0.38 -10.75
N LEU E 161 -42.05 -0.61 -11.39
CA LEU E 161 -42.86 -1.57 -10.64
C LEU E 161 -42.12 -2.82 -10.15
N VAL E 162 -41.14 -3.31 -10.92
CA VAL E 162 -40.39 -4.50 -10.49
C VAL E 162 -38.96 -4.26 -10.01
N GLY E 163 -38.49 -3.02 -10.11
CA GLY E 163 -37.11 -2.74 -9.78
C GLY E 163 -36.25 -2.86 -11.02
N HIS E 164 -35.35 -1.92 -11.19
CA HIS E 164 -34.46 -1.90 -12.35
C HIS E 164 -33.75 -3.26 -12.58
N GLY E 165 -33.28 -3.88 -11.51
CA GLY E 165 -32.65 -5.20 -11.61
C GLY E 165 -33.47 -6.26 -12.34
N ARG E 166 -34.60 -6.63 -11.73
CA ARG E 166 -35.50 -7.61 -12.31
C ARG E 166 -35.96 -7.16 -13.67
N ALA E 167 -36.09 -5.85 -13.85
CA ALA E 167 -36.44 -5.33 -15.17
C ALA E 167 -35.41 -5.74 -16.21
N ARG E 168 -34.13 -5.73 -15.85
CA ARG E 168 -33.13 -6.12 -16.83
C ARG E 168 -33.28 -7.60 -17.18
N ALA E 169 -33.64 -8.42 -16.19
CA ALA E 169 -33.81 -9.86 -16.44
C ALA E 169 -35.00 -10.15 -17.35
N MET E 170 -36.13 -9.58 -16.99
CA MET E 170 -37.35 -9.71 -17.78
C MET E 170 -37.17 -9.23 -19.22
N LEU E 171 -36.44 -8.14 -19.40
CA LEU E 171 -36.34 -7.53 -20.72
C LEU E 171 -35.25 -8.14 -21.60
N LEU E 172 -34.13 -8.54 -21.00
CA LEU E 172 -33.07 -9.15 -21.78
C LEU E 172 -33.19 -10.69 -21.87
N SER E 173 -33.83 -11.34 -20.89
CA SER E 173 -33.95 -12.80 -20.94
C SER E 173 -35.39 -13.34 -21.07
N ALA E 174 -36.35 -12.43 -21.19
CA ALA E 174 -37.77 -12.78 -21.27
C ALA E 174 -38.28 -13.51 -20.03
N GLU E 175 -37.59 -13.33 -18.90
CA GLU E 175 -37.96 -14.01 -17.68
C GLU E 175 -39.38 -13.65 -17.21
N LYS E 176 -40.14 -14.64 -16.77
CA LYS E 176 -41.48 -14.37 -16.23
C LYS E 176 -41.42 -13.84 -14.81
N LEU E 177 -42.27 -12.86 -14.51
CA LEU E 177 -42.45 -12.40 -13.14
C LEU E 177 -43.65 -13.09 -12.53
N THR E 178 -43.43 -14.03 -11.61
CA THR E 178 -44.53 -14.72 -10.96
C THR E 178 -45.20 -13.81 -9.93
N ALA E 179 -46.31 -14.31 -9.36
CA ALA E 179 -47.17 -13.52 -8.50
C ALA E 179 -46.57 -13.22 -7.14
N GLU E 180 -45.87 -14.20 -6.57
CA GLU E 180 -45.19 -14.00 -5.29
C GLU E 180 -44.22 -12.80 -5.35
N ILE E 181 -43.56 -12.65 -6.49
CA ILE E 181 -42.51 -11.66 -6.67
C ILE E 181 -43.08 -10.35 -7.23
N ALA E 182 -44.16 -10.47 -8.00
CA ALA E 182 -44.98 -9.30 -8.30
C ALA E 182 -45.36 -8.59 -7.01
N LEU E 183 -45.73 -9.37 -5.99
CA LEU E 183 -46.08 -8.88 -4.66
C LEU E 183 -44.86 -8.34 -3.90
N HIS E 184 -43.75 -9.06 -4.04
CA HIS E 184 -42.50 -8.70 -3.38
C HIS E 184 -41.99 -7.34 -3.83
N THR E 185 -42.08 -7.09 -5.13
CA THR E 185 -41.58 -5.86 -5.71
C THR E 185 -42.60 -4.72 -5.65
N GLY E 186 -43.87 -5.07 -5.61
CA GLY E 186 -44.93 -4.08 -5.53
C GLY E 186 -45.65 -3.92 -6.85
N MET E 187 -45.43 -4.87 -7.78
CA MET E 187 -46.19 -4.92 -9.03
C MET E 187 -47.58 -5.45 -8.73
N ALA E 188 -47.65 -6.37 -7.78
CA ALA E 188 -48.90 -6.74 -7.16
C ALA E 188 -48.99 -5.98 -5.84
N ASN E 189 -50.03 -5.16 -5.69
CA ASN E 189 -50.32 -4.59 -4.38
C ASN E 189 -50.87 -5.66 -3.44
N ARG E 190 -51.63 -6.60 -4.02
CA ARG E 190 -52.19 -7.75 -3.29
C ARG E 190 -52.19 -9.04 -4.11
N ILE E 191 -52.16 -10.16 -3.41
CA ILE E 191 -52.42 -11.44 -4.06
C ILE E 191 -53.87 -11.84 -3.75
N GLY E 192 -54.68 -11.95 -4.80
CA GLY E 192 -56.10 -12.24 -4.64
C GLY E 192 -56.94 -12.37 -5.90
N THR E 193 -58.24 -12.57 -5.68
CA THR E 193 -59.22 -12.89 -6.73
C THR E 193 -59.94 -11.64 -7.21
N LEU E 194 -60.72 -11.79 -8.26
CA LEU E 194 -61.53 -10.69 -8.79
C LEU E 194 -62.46 -10.06 -7.72
N ALA E 195 -62.95 -10.89 -6.81
CA ALA E 195 -63.81 -10.44 -5.71
C ALA E 195 -63.06 -9.57 -4.70
N ASP E 196 -61.84 -9.99 -4.35
CA ASP E 196 -60.97 -9.23 -3.44
C ASP E 196 -60.66 -7.84 -4.00
N ALA E 197 -60.50 -7.78 -5.32
CA ALA E 197 -60.28 -6.52 -6.01
C ALA E 197 -61.52 -5.67 -5.92
N GLN E 198 -62.68 -6.29 -6.13
CA GLN E 198 -63.95 -5.57 -6.05
C GLN E 198 -64.14 -4.89 -4.69
N ALA E 199 -63.89 -5.66 -3.63
CA ALA E 199 -64.08 -5.19 -2.26
C ALA E 199 -63.25 -3.94 -2.00
N TRP E 200 -61.97 -4.06 -2.32
CA TRP E 200 -61.03 -2.98 -2.17
C TRP E 200 -61.43 -1.80 -3.05
N ALA E 201 -61.77 -2.07 -4.31
CA ALA E 201 -62.27 -1.02 -5.20
C ALA E 201 -63.44 -0.22 -4.57
N ALA E 202 -64.38 -0.92 -3.94
CA ALA E 202 -65.50 -0.25 -3.29
C ALA E 202 -65.05 0.68 -2.15
N GLU E 203 -64.04 0.26 -1.40
CA GLU E 203 -63.50 1.07 -0.31
C GLU E 203 -62.86 2.34 -0.86
N ILE E 204 -62.29 2.22 -2.06
CA ILE E 204 -61.64 3.32 -2.78
C ILE E 204 -62.67 4.29 -3.38
N ALA E 205 -63.81 3.75 -3.78
CA ALA E 205 -64.92 4.54 -4.29
C ALA E 205 -65.48 5.46 -3.21
N ARG E 206 -65.26 5.08 -1.96
CA ARG E 206 -65.75 5.86 -0.82
C ARG E 206 -64.77 6.97 -0.41
N LEU E 207 -63.66 7.10 -1.13
CA LEU E 207 -62.66 8.14 -0.86
C LEU E 207 -62.86 9.37 -1.76
N ALA E 208 -62.22 10.49 -1.40
CA ALA E 208 -62.42 11.75 -2.13
C ALA E 208 -61.75 11.76 -3.48
N PRO E 209 -62.56 11.82 -4.56
CA PRO E 209 -62.11 11.73 -5.96
C PRO E 209 -61.06 12.77 -6.38
N LEU E 210 -61.09 13.95 -5.78
CA LEU E 210 -60.14 14.96 -6.20
C LEU E 210 -58.72 14.68 -5.68
N ALA E 211 -58.62 14.16 -4.46
CA ALA E 211 -57.33 13.78 -3.90
C ALA E 211 -56.72 12.69 -4.77
N ILE E 212 -57.56 11.77 -5.19
CA ILE E 212 -57.14 10.69 -6.05
C ILE E 212 -56.71 11.14 -7.45
N GLN E 213 -57.48 12.03 -8.08
CA GLN E 213 -57.17 12.47 -9.43
C GLN E 213 -55.80 13.13 -9.46
N HIS E 214 -55.56 13.97 -8.45
CA HIS E 214 -54.28 14.64 -8.30
C HIS E 214 -53.12 13.65 -8.19
N ALA E 215 -53.26 12.68 -7.27
CA ALA E 215 -52.23 11.67 -7.06
C ALA E 215 -51.95 10.85 -8.31
N LYS E 216 -53.03 10.44 -8.98
CA LYS E 216 -52.90 9.70 -10.22
C LYS E 216 -52.04 10.45 -11.25
N ARG E 217 -52.39 11.71 -11.53
CA ARG E 217 -51.68 12.54 -12.53
C ARG E 217 -50.21 12.64 -12.21
N VAL E 218 -49.92 12.92 -10.94
CA VAL E 218 -48.55 13.12 -10.52
C VAL E 218 -47.78 11.81 -10.67
N LEU E 219 -48.43 10.71 -10.33
CA LEU E 219 -47.80 9.38 -10.43
C LEU E 219 -47.47 9.01 -11.88
N ASN E 220 -48.42 9.20 -12.79
CA ASN E 220 -48.20 8.92 -14.21
C ASN E 220 -47.26 9.91 -14.84
N ASP E 221 -46.98 11.01 -14.16
CA ASP E 221 -46.04 12.00 -14.66
C ASP E 221 -44.64 11.89 -14.02
N ASP E 222 -44.29 10.69 -13.60
CA ASP E 222 -43.04 10.48 -12.89
C ASP E 222 -41.88 10.44 -13.86
N GLY E 223 -42.19 10.29 -15.15
CA GLY E 223 -41.18 10.25 -16.20
C GLY E 223 -41.31 9.02 -17.10
N ALA E 224 -42.02 8.00 -16.61
CA ALA E 224 -42.28 6.82 -17.42
C ALA E 224 -42.83 7.16 -18.82
N ILE E 225 -43.64 8.21 -18.93
CA ILE E 225 -44.10 8.64 -20.25
C ILE E 225 -42.99 9.41 -20.94
N GLU E 226 -42.26 8.72 -21.81
CA GLU E 226 -41.06 9.27 -22.42
C GLU E 226 -41.06 8.95 -23.90
N GLU E 227 -40.77 9.94 -24.73
CA GLU E 227 -40.56 9.69 -26.14
C GLU E 227 -39.21 9.01 -26.26
N ALA E 228 -39.13 8.01 -27.13
CA ALA E 228 -37.87 7.32 -27.39
C ALA E 228 -36.80 8.26 -27.96
N TRP E 229 -35.59 8.13 -27.45
CA TRP E 229 -34.42 8.85 -27.97
C TRP E 229 -34.14 8.38 -29.40
N PRO E 230 -33.46 9.23 -30.20
CA PRO E 230 -33.03 8.82 -31.56
C PRO E 230 -32.38 7.44 -31.59
N ALA E 231 -31.43 7.19 -30.69
CA ALA E 231 -30.77 5.89 -30.63
C ALA E 231 -31.76 4.77 -30.32
N HIS E 232 -32.76 5.06 -29.50
CA HIS E 232 -33.77 4.06 -29.15
C HIS E 232 -34.63 3.77 -30.37
N LYS E 233 -34.98 4.81 -31.12
CA LYS E 233 -35.78 4.64 -32.33
C LYS E 233 -35.04 3.84 -33.39
N GLU E 234 -33.74 4.10 -33.51
CA GLU E 234 -32.86 3.40 -34.43
C GLU E 234 -32.98 1.89 -34.29
N LEU E 235 -32.88 1.42 -33.06
CA LEU E 235 -32.86 0.00 -32.77
C LEU E 235 -34.25 -0.60 -32.78
N PHE E 236 -35.25 0.22 -32.40
CA PHE E 236 -36.65 -0.20 -32.45
C PHE E 236 -37.02 -0.56 -33.88
N ASP E 237 -36.70 0.33 -34.81
CA ASP E 237 -37.11 0.13 -36.19
C ASP E 237 -36.28 -0.98 -36.82
N LYS E 238 -35.04 -1.10 -36.36
CA LYS E 238 -34.15 -2.12 -36.88
C LYS E 238 -34.65 -3.50 -36.46
N ALA E 239 -35.13 -3.60 -35.24
CA ALA E 239 -35.55 -4.89 -34.72
C ALA E 239 -36.86 -5.33 -35.37
N TRP E 240 -37.84 -4.43 -35.42
CA TRP E 240 -39.12 -4.68 -36.08
C TRP E 240 -39.02 -4.94 -37.56
N GLY E 241 -37.96 -4.46 -38.20
CA GLY E 241 -37.81 -4.63 -39.64
C GLY E 241 -36.87 -5.78 -39.96
N SER E 242 -36.46 -6.49 -38.93
CA SER E 242 -35.38 -7.47 -39.09
C SER E 242 -35.86 -8.79 -39.69
N GLN E 243 -34.91 -9.54 -40.20
CA GLN E 243 -35.20 -10.88 -40.66
C GLN E 243 -35.45 -11.80 -39.47
N ASP E 244 -34.93 -11.44 -38.30
CA ASP E 244 -35.11 -12.28 -37.11
C ASP E 244 -36.55 -12.35 -36.62
N VAL E 245 -37.29 -11.26 -36.80
CA VAL E 245 -38.71 -11.26 -36.51
C VAL E 245 -39.37 -12.37 -37.34
N ILE E 246 -38.97 -12.49 -38.61
CA ILE E 246 -39.50 -13.53 -39.50
C ILE E 246 -39.05 -14.92 -39.02
N GLU E 247 -37.76 -15.08 -38.75
CA GLU E 247 -37.22 -16.35 -38.31
C GLU E 247 -37.86 -16.84 -37.02
N ALA E 248 -38.21 -15.93 -36.13
CA ALA E 248 -38.85 -16.34 -34.88
C ALA E 248 -40.19 -17.04 -35.15
N GLN E 249 -40.91 -16.56 -36.15
CA GLN E 249 -42.24 -17.07 -36.53
C GLN E 249 -42.15 -18.35 -37.32
N VAL E 250 -41.32 -18.35 -38.35
CA VAL E 250 -41.10 -19.54 -39.17
C VAL E 250 -40.59 -20.71 -38.34
N ALA E 251 -39.73 -20.43 -37.38
CA ALA E 251 -39.23 -21.51 -36.51
C ALA E 251 -40.35 -22.12 -35.66
N ARG E 252 -41.19 -21.27 -35.07
CA ARG E 252 -42.40 -21.75 -34.41
C ARG E 252 -43.26 -22.59 -35.37
N MET E 253 -43.45 -22.13 -36.60
CA MET E 253 -44.25 -22.88 -37.56
C MET E 253 -43.59 -24.20 -37.97
N GLU E 254 -42.27 -24.29 -37.77
CA GLU E 254 -41.52 -25.49 -38.18
C GLU E 254 -41.11 -26.33 -36.98
N LYS E 255 -41.67 -25.97 -35.81
CA LYS E 255 -41.46 -26.68 -34.54
C LYS E 255 -39.98 -26.97 -34.34
N ARG E 256 -39.19 -25.91 -34.40
CA ARG E 256 -37.75 -25.99 -34.37
C ARG E 256 -37.17 -24.76 -33.68
N PRO E 257 -35.94 -24.89 -33.15
CA PRO E 257 -35.35 -23.74 -32.45
C PRO E 257 -34.96 -22.68 -33.44
N PRO E 258 -35.23 -21.41 -33.09
CA PRO E 258 -34.82 -20.28 -33.92
C PRO E 258 -33.30 -20.12 -33.97
N LYS E 259 -32.78 -19.78 -35.14
CA LYS E 259 -31.36 -19.50 -35.31
C LYS E 259 -31.26 -18.04 -35.72
N PHE E 260 -31.16 -17.15 -34.74
CA PHE E 260 -31.12 -15.73 -35.09
C PHE E 260 -29.78 -15.35 -35.71
N GLN E 261 -29.80 -14.32 -36.56
CA GLN E 261 -28.59 -13.87 -37.20
C GLN E 261 -28.28 -12.41 -36.86
N GLY E 262 -29.11 -11.81 -36.00
CA GLY E 262 -28.85 -10.47 -35.53
C GLY E 262 -29.12 -9.43 -36.58
N ALA E 263 -29.97 -9.78 -37.53
CA ALA E 263 -30.36 -8.84 -38.57
C ALA E 263 -31.68 -9.27 -39.18
N HIS F 20 -39.02 25.79 23.66
CA HIS F 20 -40.11 25.29 24.50
C HIS F 20 -40.77 23.99 23.97
N MET F 21 -40.96 23.87 22.65
CA MET F 21 -41.56 22.67 22.04
C MET F 21 -40.59 21.50 21.71
N ILE F 22 -39.28 21.76 21.75
CA ILE F 22 -38.31 20.69 21.46
C ILE F 22 -37.28 20.49 22.55
N GLY F 23 -36.59 19.36 22.48
CA GLY F 23 -35.47 19.07 23.37
C GLY F 23 -34.20 18.81 22.58
N ILE F 24 -33.10 19.39 23.04
CA ILE F 24 -31.84 19.22 22.34
C ILE F 24 -30.77 18.77 23.31
N THR F 25 -30.13 17.63 23.02
CA THR F 25 -29.01 17.12 23.81
C THR F 25 -27.93 16.51 22.91
N GLN F 26 -26.71 16.42 23.44
CA GLN F 26 -25.57 15.92 22.67
C GLN F 26 -24.68 14.93 23.43
N ALA F 27 -24.39 13.79 22.78
CA ALA F 27 -23.52 12.76 23.34
C ALA F 27 -22.33 12.57 22.41
N GLU F 28 -21.15 12.96 22.89
CA GLU F 28 -19.95 13.05 22.06
C GLU F 28 -20.25 13.82 20.77
N ALA F 29 -20.44 13.13 19.65
CA ALA F 29 -20.61 13.84 18.38
C ALA F 29 -22.04 13.76 17.79
N VAL F 30 -22.99 13.34 18.62
CA VAL F 30 -24.37 13.17 18.18
C VAL F 30 -25.36 14.18 18.81
N LEU F 31 -25.96 15.01 17.95
CA LEU F 31 -27.01 15.94 18.39
C LEU F 31 -28.38 15.29 18.24
N THR F 32 -29.08 15.06 19.35
CA THR F 32 -30.42 14.47 19.29
C THR F 32 -31.52 15.50 19.55
N ILE F 33 -32.26 15.83 18.51
CA ILE F 33 -33.39 16.73 18.62
C ILE F 33 -34.63 15.90 18.84
N GLU F 34 -35.41 16.24 19.86
CA GLU F 34 -36.64 15.50 20.18
C GLU F 34 -37.91 16.37 20.09
N LEU F 35 -38.84 15.98 19.23
CA LEU F 35 -40.15 16.64 19.18
C LEU F 35 -40.82 16.42 20.53
N GLN F 36 -41.19 17.50 21.21
CA GLN F 36 -41.71 17.39 22.57
C GLN F 36 -43.13 17.92 22.70
N ARG F 37 -44.02 17.46 21.81
CA ARG F 37 -45.42 17.81 21.91
C ARG F 37 -46.21 16.51 21.96
N PRO F 38 -45.88 15.61 22.90
CA PRO F 38 -46.50 14.28 22.86
C PRO F 38 -48.02 14.33 23.07
N GLU F 39 -48.51 15.42 23.66
CA GLU F 39 -49.93 15.56 23.97
C GLU F 39 -50.80 15.67 22.71
N ARG F 40 -50.21 16.12 21.61
CA ARG F 40 -50.87 16.02 20.29
C ARG F 40 -50.11 15.06 19.37
N ARG F 41 -49.44 14.08 19.95
CA ARG F 41 -48.65 13.10 19.18
C ARG F 41 -47.60 13.75 18.26
N ASN F 42 -46.95 14.79 18.80
CA ASN F 42 -45.91 15.56 18.11
C ASN F 42 -46.34 16.18 16.79
N ALA F 43 -47.63 16.47 16.68
CA ALA F 43 -48.17 17.16 15.52
C ALA F 43 -47.59 18.56 15.40
N LEU F 44 -47.28 18.97 14.17
CA LEU F 44 -46.60 20.21 13.89
C LEU F 44 -47.48 21.42 14.05
N ASN F 45 -46.82 22.55 14.31
CA ASN F 45 -47.46 23.86 14.39
C ASN F 45 -46.32 24.86 14.25
N SER F 46 -46.64 26.14 14.06
CA SER F 46 -45.61 27.17 13.81
C SER F 46 -44.42 27.18 14.78
N GLN F 47 -44.69 27.09 16.09
CA GLN F 47 -43.63 27.11 17.08
C GLN F 47 -42.70 25.92 16.91
N LEU F 48 -43.27 24.72 16.97
CA LEU F 48 -42.54 23.48 16.76
C LEU F 48 -41.67 23.57 15.50
N VAL F 49 -42.31 23.84 14.36
CA VAL F 49 -41.58 23.96 13.10
C VAL F 49 -40.43 24.97 13.15
N GLU F 50 -40.66 26.11 13.77
CA GLU F 50 -39.64 27.16 13.87
C GLU F 50 -38.45 26.74 14.73
N GLU F 51 -38.73 26.12 15.87
CA GLU F 51 -37.69 25.68 16.80
C GLU F 51 -36.92 24.48 16.26
N LEU F 52 -37.60 23.67 15.45
CA LEU F 52 -36.93 22.61 14.70
C LEU F 52 -35.97 23.16 13.65
N THR F 53 -36.31 24.31 13.06
CA THR F 53 -35.49 24.89 12.00
C THR F 53 -34.18 25.46 12.52
N GLN F 54 -34.29 26.21 13.62
CA GLN F 54 -33.12 26.76 14.31
C GLN F 54 -32.21 25.63 14.76
N ALA F 55 -32.81 24.60 15.35
CA ALA F 55 -32.07 23.46 15.87
C ALA F 55 -31.28 22.72 14.78
N ILE F 56 -31.83 22.60 13.58
CA ILE F 56 -31.06 22.00 12.50
C ILE F 56 -29.97 22.96 12.03
N ARG F 57 -30.35 24.21 11.78
CA ARG F 57 -29.41 25.23 11.32
C ARG F 57 -28.21 25.41 12.27
N LYS F 58 -28.44 25.31 13.57
CA LYS F 58 -27.40 25.55 14.57
C LYS F 58 -26.70 24.25 15.04
N ALA F 59 -27.02 23.13 14.41
CA ALA F 59 -26.24 21.92 14.63
C ALA F 59 -24.87 22.20 14.02
N GLY F 60 -23.83 21.60 14.58
CA GLY F 60 -22.49 21.88 14.10
C GLY F 60 -22.12 23.35 14.28
N ASP F 61 -22.52 23.91 15.41
CA ASP F 61 -22.04 25.22 15.85
C ASP F 61 -20.95 25.32 16.96
N GLY F 62 -20.45 24.23 17.57
CA GLY F 62 -20.94 22.87 17.45
C GLY F 62 -19.89 21.87 17.05
N SER F 63 -19.77 20.82 17.85
CA SER F 63 -18.83 19.76 17.58
C SER F 63 -19.51 18.54 16.95
N ALA F 64 -20.84 18.59 16.82
CA ALA F 64 -21.61 17.44 16.35
C ALA F 64 -21.39 17.10 14.88
N ARG F 65 -21.49 15.82 14.53
CA ARG F 65 -21.25 15.39 13.17
C ARG F 65 -22.45 14.64 12.62
N ALA F 66 -23.33 14.22 13.52
CA ALA F 66 -24.53 13.52 13.16
C ALA F 66 -25.69 14.09 13.95
N ILE F 67 -26.90 13.97 13.40
CA ILE F 67 -28.12 14.39 14.07
C ILE F 67 -29.12 13.24 14.15
N VAL F 68 -29.69 13.02 15.34
CA VAL F 68 -30.80 12.08 15.48
C VAL F 68 -32.09 12.87 15.73
N LEU F 69 -33.02 12.80 14.78
CA LEU F 69 -34.35 13.42 14.91
C LEU F 69 -35.34 12.35 15.37
N THR F 70 -36.17 12.68 16.34
CA THR F 70 -37.01 11.68 17.01
C THR F 70 -38.22 12.28 17.75
N GLY F 71 -39.16 11.42 18.14
CA GLY F 71 -40.37 11.90 18.79
C GLY F 71 -40.52 11.41 20.23
N GLN F 72 -41.00 12.30 21.10
CA GLN F 72 -41.32 11.91 22.46
C GLN F 72 -42.68 11.23 22.53
N GLY F 73 -42.77 10.17 23.33
CA GLY F 73 -44.03 9.52 23.57
C GLY F 73 -44.25 8.40 22.58
N THR F 74 -45.46 8.32 22.02
CA THR F 74 -45.84 7.14 21.25
C THR F 74 -45.82 7.38 19.75
N ALA F 75 -45.80 8.64 19.34
CA ALA F 75 -45.73 8.95 17.92
C ALA F 75 -44.41 9.62 17.52
N PHE F 76 -44.00 9.42 16.27
CA PHE F 76 -42.95 10.24 15.71
C PHE F 76 -43.55 11.62 15.56
N CYS F 77 -44.55 11.70 14.69
CA CYS F 77 -45.23 12.96 14.41
C CYS F 77 -46.49 12.67 13.62
N ALA F 78 -47.63 13.01 14.21
CA ALA F 78 -48.93 12.58 13.69
C ALA F 78 -49.53 13.50 12.63
N GLY F 79 -48.78 14.51 12.21
CA GLY F 79 -49.27 15.44 11.20
C GLY F 79 -49.23 16.86 11.71
N ALA F 80 -50.29 17.60 11.43
CA ALA F 80 -50.33 19.01 11.81
C ALA F 80 -51.55 19.35 12.67
N ASP F 81 -51.32 20.11 13.73
CA ASP F 81 -52.42 20.65 14.54
C ASP F 81 -52.19 22.14 14.80
N LEU F 82 -52.97 23.00 14.15
CA LEU F 82 -52.75 24.44 14.28
C LEU F 82 -53.71 25.09 15.29
N SER F 83 -54.24 24.27 16.21
CA SER F 83 -55.21 24.79 17.17
C SER F 83 -54.57 25.75 18.16
N GLY F 84 -55.22 26.90 18.33
CA GLY F 84 -54.79 27.90 19.29
C GLY F 84 -53.51 28.59 18.87
N ASP F 85 -53.00 28.21 17.71
CA ASP F 85 -51.75 28.75 17.22
C ASP F 85 -51.96 30.09 16.51
N ALA F 86 -51.35 31.13 17.06
CA ALA F 86 -51.14 32.34 16.30
C ALA F 86 -50.04 32.00 15.29
N PHE F 87 -49.92 32.79 14.22
CA PHE F 87 -48.99 32.51 13.12
C PHE F 87 -49.34 31.24 12.34
N ALA F 88 -50.58 30.75 12.47
CA ALA F 88 -50.98 29.56 11.73
C ALA F 88 -51.02 29.85 10.24
N ALA F 89 -51.18 31.13 9.90
CA ALA F 89 -51.27 31.57 8.50
C ALA F 89 -49.99 31.32 7.72
N ASP F 90 -48.85 31.63 8.34
CA ASP F 90 -47.57 31.42 7.67
C ASP F 90 -46.84 30.15 8.15
N TYR F 91 -47.61 29.21 8.68
CA TYR F 91 -47.12 27.87 9.00
C TYR F 91 -46.59 27.12 7.77
N PRO F 92 -47.31 27.14 6.63
CA PRO F 92 -46.74 26.44 5.47
C PRO F 92 -45.45 27.09 4.98
N ASP F 93 -45.25 28.37 5.24
CA ASP F 93 -44.01 29.03 4.88
C ASP F 93 -42.85 28.50 5.70
N ARG F 94 -43.07 28.40 7.01
CA ARG F 94 -42.05 27.93 7.94
C ARG F 94 -41.73 26.44 7.74
N LEU F 95 -42.66 25.70 7.16
CA LEU F 95 -42.47 24.27 6.95
C LEU F 95 -41.52 24.09 5.78
N ILE F 96 -41.71 24.91 4.75
CA ILE F 96 -40.80 24.93 3.62
C ILE F 96 -39.38 25.23 4.10
N GLU F 97 -39.27 26.12 5.09
CA GLU F 97 -37.97 26.52 5.62
C GLU F 97 -37.31 25.35 6.34
N LEU F 98 -38.08 24.66 7.19
CA LEU F 98 -37.61 23.47 7.88
C LEU F 98 -37.02 22.44 6.91
N HIS F 99 -37.67 22.23 5.77
CA HIS F 99 -37.22 21.23 4.82
C HIS F 99 -36.01 21.68 4.00
N LYS F 100 -35.93 22.97 3.69
CA LYS F 100 -34.74 23.51 3.04
C LYS F 100 -33.52 23.34 3.94
N ALA F 101 -33.74 23.55 5.24
CA ALA F 101 -32.66 23.52 6.22
C ALA F 101 -32.12 22.10 6.36
N MET F 102 -33.04 21.14 6.53
CA MET F 102 -32.68 19.73 6.54
C MET F 102 -31.91 19.31 5.28
N ASP F 103 -32.51 19.52 4.12
CA ASP F 103 -31.84 19.30 2.84
C ASP F 103 -30.44 19.94 2.74
N ALA F 104 -30.29 21.16 3.25
CA ALA F 104 -29.07 21.93 3.12
C ALA F 104 -28.05 21.60 4.22
N SER F 105 -28.51 20.94 5.28
CA SER F 105 -27.59 20.55 6.35
C SER F 105 -26.54 19.61 5.78
N PRO F 106 -25.25 19.89 6.10
CA PRO F 106 -24.16 19.00 5.72
C PRO F 106 -24.13 17.80 6.67
N MET F 107 -24.99 17.83 7.68
CA MET F 107 -25.03 16.78 8.69
C MET F 107 -26.07 15.73 8.36
N PRO F 108 -25.66 14.45 8.45
CA PRO F 108 -26.57 13.34 8.26
C PRO F 108 -27.60 13.35 9.38
N VAL F 109 -28.87 13.42 9.04
CA VAL F 109 -29.94 13.32 10.02
C VAL F 109 -30.47 11.90 10.00
N VAL F 110 -30.20 11.16 11.06
CA VAL F 110 -30.80 9.84 11.21
C VAL F 110 -32.11 10.00 11.95
N GLY F 111 -33.21 9.66 11.28
CA GLY F 111 -34.49 9.69 11.94
C GLY F 111 -34.69 8.48 12.84
N ALA F 112 -34.93 8.73 14.12
CA ALA F 112 -35.37 7.67 15.02
C ALA F 112 -36.89 7.67 15.06
N ILE F 113 -37.52 6.89 14.19
CA ILE F 113 -38.99 6.89 14.09
C ILE F 113 -39.63 5.97 15.15
N ASN F 114 -39.97 6.56 16.30
CA ASN F 114 -40.39 5.85 17.50
C ASN F 114 -41.87 5.48 17.52
N GLY F 115 -42.62 6.07 16.61
CA GLY F 115 -44.00 5.72 16.44
C GLY F 115 -44.47 6.16 15.07
N PRO F 116 -45.79 6.21 14.86
CA PRO F 116 -46.44 6.52 13.58
C PRO F 116 -46.01 7.87 13.06
N ALA F 117 -45.81 7.98 11.75
CA ALA F 117 -45.52 9.26 11.11
C ALA F 117 -46.54 9.43 10.00
N ILE F 118 -47.40 10.43 10.16
CA ILE F 118 -48.59 10.57 9.32
C ILE F 118 -48.62 11.97 8.73
N GLY F 119 -48.92 12.07 7.44
CA GLY F 119 -49.10 13.37 6.81
C GLY F 119 -47.79 14.13 6.86
N ALA F 120 -47.83 15.33 7.45
CA ALA F 120 -46.63 16.13 7.64
C ALA F 120 -45.53 15.31 8.32
N GLY F 121 -45.94 14.38 9.18
CA GLY F 121 -45.01 13.53 9.90
C GLY F 121 -44.27 12.60 8.98
N LEU F 122 -44.93 12.11 7.94
CA LEU F 122 -44.30 11.26 6.94
C LEU F 122 -43.36 12.09 6.06
N GLN F 123 -43.72 13.34 5.78
CA GLN F 123 -42.83 14.21 5.00
C GLN F 123 -41.58 14.56 5.80
N LEU F 124 -41.74 14.69 7.11
CA LEU F 124 -40.63 14.95 8.00
C LEU F 124 -39.68 13.75 8.07
N ALA F 125 -40.25 12.55 8.25
CA ALA F 125 -39.44 11.32 8.29
C ALA F 125 -38.73 11.07 6.96
N MET F 126 -39.37 11.40 5.83
CA MET F 126 -38.75 11.18 4.52
C MET F 126 -37.57 12.12 4.25
N GLN F 127 -37.53 13.23 4.97
CA GLN F 127 -36.49 14.22 4.80
C GLN F 127 -35.24 13.89 5.62
N CYS F 128 -35.37 12.98 6.59
CA CYS F 128 -34.17 12.48 7.26
C CYS F 128 -33.31 11.73 6.25
N ASP F 129 -32.03 11.56 6.55
CA ASP F 129 -31.13 10.93 5.61
C ASP F 129 -31.20 9.41 5.70
N LEU F 130 -31.49 8.91 6.90
CA LEU F 130 -31.56 7.49 7.21
C LEU F 130 -32.63 7.29 8.28
N ARG F 131 -33.27 6.13 8.29
CA ARG F 131 -34.35 5.92 9.26
C ARG F 131 -34.18 4.64 10.05
N VAL F 132 -34.20 4.79 11.37
CA VAL F 132 -34.33 3.66 12.29
C VAL F 132 -35.72 3.71 12.92
N VAL F 133 -36.50 2.68 12.61
CA VAL F 133 -37.93 2.66 12.84
C VAL F 133 -38.30 1.60 13.86
N ALA F 134 -39.06 2.01 14.88
CA ALA F 134 -39.57 1.10 15.91
C ALA F 134 -40.60 0.13 15.33
N PRO F 135 -40.77 -1.05 15.95
CA PRO F 135 -41.71 -2.07 15.43
C PRO F 135 -43.15 -1.57 15.33
N ASP F 136 -43.57 -0.74 16.28
CA ASP F 136 -44.95 -0.26 16.36
C ASP F 136 -45.30 0.69 15.24
N ALA F 137 -44.34 1.52 14.87
CA ALA F 137 -44.54 2.62 13.94
C ALA F 137 -45.18 2.18 12.63
N PHE F 138 -45.77 3.15 11.95
CA PHE F 138 -46.20 2.97 10.56
C PHE F 138 -46.08 4.29 9.82
N PHE F 139 -46.38 4.28 8.54
CA PHE F 139 -46.26 5.47 7.73
C PHE F 139 -47.53 5.60 6.89
N GLN F 140 -48.11 6.79 6.85
CA GLN F 140 -49.32 6.96 6.08
C GLN F 140 -49.46 8.38 5.55
N PHE F 141 -49.94 8.47 4.31
CA PHE F 141 -50.52 9.66 3.73
C PHE F 141 -52.03 9.45 3.62
N PRO F 142 -52.78 9.91 4.61
CA PRO F 142 -54.22 9.67 4.52
C PRO F 142 -54.89 10.82 3.78
N THR F 143 -54.17 11.44 2.87
CA THR F 143 -54.67 12.60 2.12
C THR F 143 -55.94 12.29 1.29
N SER F 144 -56.09 11.05 0.85
CA SER F 144 -57.30 10.65 0.14
C SER F 144 -58.50 10.49 1.09
N LYS F 145 -58.26 10.62 2.39
CA LYS F 145 -59.35 10.59 3.35
C LYS F 145 -59.79 11.99 3.81
N TYR F 146 -59.10 13.02 3.32
CA TYR F 146 -59.48 14.39 3.63
C TYR F 146 -59.57 15.26 2.38
N GLY F 147 -59.45 14.62 1.22
CA GLY F 147 -59.55 15.32 -0.04
C GLY F 147 -58.41 16.27 -0.28
N LEU F 148 -57.35 16.14 0.50
CA LEU F 148 -56.20 17.00 0.31
C LEU F 148 -55.33 16.51 -0.85
N ALA F 149 -54.22 17.19 -1.09
CA ALA F 149 -53.26 16.78 -2.10
C ALA F 149 -51.87 17.21 -1.70
N LEU F 150 -50.88 16.46 -2.19
CA LEU F 150 -49.49 16.62 -1.83
C LEU F 150 -48.67 17.39 -2.87
N ASP F 151 -47.61 18.02 -2.39
CA ASP F 151 -46.57 18.61 -3.23
C ASP F 151 -45.89 17.48 -3.99
N ASN F 152 -45.28 17.78 -5.13
CA ASN F 152 -44.62 16.73 -5.90
C ASN F 152 -43.50 16.02 -5.16
N TRP F 153 -42.65 16.78 -4.48
CA TRP F 153 -41.53 16.17 -3.74
C TRP F 153 -41.94 14.97 -2.89
N SER F 154 -43.00 15.13 -2.10
CA SER F 154 -43.44 14.10 -1.18
C SER F 154 -43.76 12.84 -1.95
N ILE F 155 -44.30 13.05 -3.14
CA ILE F 155 -44.73 11.93 -3.96
C ILE F 155 -43.52 11.19 -4.55
N ARG F 156 -42.58 11.92 -5.13
CA ARG F 156 -41.37 11.33 -5.67
C ARG F 156 -40.57 10.59 -4.59
N ARG F 157 -40.30 11.28 -3.48
CA ARG F 157 -39.44 10.72 -2.43
C ARG F 157 -40.06 9.47 -1.82
N LEU F 158 -41.40 9.46 -1.68
CA LEU F 158 -42.14 8.25 -1.30
C LEU F 158 -41.89 7.14 -2.33
N SER F 159 -42.16 7.44 -3.60
CA SER F 159 -41.90 6.52 -4.68
C SER F 159 -40.51 5.93 -4.58
N SER F 160 -39.50 6.75 -4.33
CA SER F 160 -38.13 6.23 -4.25
C SER F 160 -37.96 5.26 -3.09
N LEU F 161 -38.70 5.49 -2.01
CA LEU F 161 -38.48 4.77 -0.76
C LEU F 161 -39.28 3.48 -0.62
N VAL F 162 -40.44 3.38 -1.28
CA VAL F 162 -41.28 2.21 -1.09
C VAL F 162 -41.52 1.49 -2.40
N GLY F 163 -41.05 2.10 -3.48
CA GLY F 163 -41.29 1.57 -4.83
C GLY F 163 -42.59 2.10 -5.42
N HIS F 164 -42.59 2.31 -6.73
CA HIS F 164 -43.73 2.94 -7.41
C HIS F 164 -45.08 2.26 -7.10
N GLY F 165 -45.11 0.94 -7.18
CA GLY F 165 -46.28 0.15 -6.89
C GLY F 165 -46.94 0.45 -5.56
N ARG F 166 -46.19 0.35 -4.48
CA ARG F 166 -46.78 0.61 -3.18
C ARG F 166 -47.10 2.09 -2.98
N ALA F 167 -46.51 2.95 -3.80
CA ALA F 167 -46.76 4.37 -3.68
C ALA F 167 -48.17 4.67 -4.17
N ARG F 168 -48.55 4.01 -5.26
CA ARG F 168 -49.90 4.13 -5.77
C ARG F 168 -50.88 3.74 -4.67
N ALA F 169 -50.62 2.65 -3.97
CA ALA F 169 -51.54 2.19 -2.94
C ALA F 169 -51.66 3.17 -1.79
N MET F 170 -50.54 3.73 -1.38
CA MET F 170 -50.52 4.67 -0.26
C MET F 170 -51.21 5.98 -0.62
N LEU F 171 -50.95 6.45 -1.83
CA LEU F 171 -51.49 7.71 -2.28
C LEU F 171 -52.96 7.63 -2.74
N LEU F 172 -53.32 6.55 -3.44
CA LEU F 172 -54.67 6.36 -3.95
C LEU F 172 -55.65 5.67 -2.99
N SER F 173 -55.18 5.15 -1.87
CA SER F 173 -56.09 4.46 -0.95
C SER F 173 -55.67 4.64 0.50
N ALA F 174 -54.76 5.57 0.75
CA ALA F 174 -54.29 5.89 2.11
C ALA F 174 -53.76 4.67 2.88
N GLU F 175 -53.22 3.70 2.13
CA GLU F 175 -52.57 2.52 2.70
C GLU F 175 -51.49 2.87 3.71
N LYS F 176 -51.56 2.25 4.89
CA LYS F 176 -50.52 2.38 5.90
C LYS F 176 -49.36 1.45 5.57
N LEU F 177 -48.15 1.97 5.64
CA LEU F 177 -46.96 1.17 5.48
C LEU F 177 -46.47 0.75 6.87
N THR F 178 -46.38 -0.55 7.11
CA THR F 178 -45.91 -1.01 8.42
C THR F 178 -44.39 -0.92 8.58
N ALA F 179 -43.93 -1.18 9.80
CA ALA F 179 -42.52 -1.19 10.07
C ALA F 179 -41.91 -2.28 9.21
N GLU F 180 -42.54 -3.45 9.23
CA GLU F 180 -42.03 -4.61 8.53
C GLU F 180 -41.83 -4.32 7.06
N ILE F 181 -42.80 -3.65 6.47
CA ILE F 181 -42.77 -3.40 5.04
C ILE F 181 -41.87 -2.23 4.69
N ALA F 182 -41.68 -1.33 5.63
CA ALA F 182 -40.77 -0.22 5.46
C ALA F 182 -39.37 -0.79 5.30
N LEU F 183 -39.07 -1.79 6.12
CA LEU F 183 -37.77 -2.45 6.10
C LEU F 183 -37.60 -3.23 4.80
N HIS F 184 -38.70 -3.80 4.33
CA HIS F 184 -38.73 -4.59 3.11
C HIS F 184 -38.35 -3.70 1.93
N THR F 185 -38.85 -2.46 1.89
CA THR F 185 -38.66 -1.63 0.70
C THR F 185 -37.47 -0.70 0.86
N GLY F 186 -37.03 -0.51 2.11
CA GLY F 186 -35.94 0.38 2.42
C GLY F 186 -36.33 1.73 2.99
N MET F 187 -37.62 1.93 3.28
CA MET F 187 -38.09 3.14 3.97
C MET F 187 -37.48 3.18 5.35
N ALA F 188 -37.61 2.06 6.06
CA ALA F 188 -36.84 1.80 7.25
C ALA F 188 -35.51 1.16 6.82
N ASN F 189 -34.40 1.79 7.22
CA ASN F 189 -33.07 1.20 7.07
C ASN F 189 -32.83 0.15 8.12
N ARG F 190 -33.27 0.45 9.33
CA ARG F 190 -33.19 -0.53 10.40
C ARG F 190 -34.50 -0.52 11.13
N ILE F 191 -34.81 -1.66 11.74
CA ILE F 191 -35.82 -1.67 12.79
C ILE F 191 -35.13 -1.65 14.15
N GLY F 192 -35.41 -0.63 14.95
CA GLY F 192 -34.85 -0.53 16.30
C GLY F 192 -35.32 0.67 17.09
N THR F 193 -34.59 0.97 18.17
CA THR F 193 -34.99 2.00 19.11
C THR F 193 -34.16 3.26 18.94
N LEU F 194 -34.52 4.32 19.66
CA LEU F 194 -33.74 5.56 19.68
C LEU F 194 -32.28 5.29 20.00
N ALA F 195 -32.05 4.51 21.06
CA ALA F 195 -30.70 4.12 21.44
C ALA F 195 -29.96 3.44 20.27
N ASP F 196 -30.65 2.57 19.53
CA ASP F 196 -30.04 1.99 18.32
C ASP F 196 -29.67 3.08 17.33
N ALA F 197 -30.65 3.90 16.96
CA ALA F 197 -30.40 5.07 16.13
C ALA F 197 -29.18 5.87 16.60
N GLN F 198 -29.14 6.20 17.90
CA GLN F 198 -28.03 6.99 18.41
C GLN F 198 -26.67 6.31 18.29
N ALA F 199 -26.60 5.00 18.51
CA ALA F 199 -25.36 4.25 18.29
C ALA F 199 -24.90 4.32 16.83
N TRP F 200 -25.80 3.98 15.91
CA TRP F 200 -25.49 4.11 14.48
C TRP F 200 -25.13 5.56 14.07
N ALA F 201 -25.74 6.55 14.71
CA ALA F 201 -25.34 7.95 14.46
C ALA F 201 -23.89 8.17 14.88
N ALA F 202 -23.52 7.64 16.04
CA ALA F 202 -22.18 7.84 16.57
C ALA F 202 -21.11 7.24 15.65
N GLU F 203 -21.39 6.08 15.08
CA GLU F 203 -20.49 5.49 14.08
C GLU F 203 -20.34 6.43 12.90
N ILE F 204 -21.48 6.90 12.41
CA ILE F 204 -21.52 7.81 11.27
C ILE F 204 -20.75 9.11 11.56
N ALA F 205 -20.80 9.53 12.82
CA ALA F 205 -20.02 10.69 13.25
C ALA F 205 -18.50 10.47 13.13
N ARG F 206 -18.06 9.25 12.95
CA ARG F 206 -16.62 9.01 12.80
C ARG F 206 -16.18 8.98 11.33
N LEU F 207 -17.15 8.99 10.42
CA LEU F 207 -16.83 8.95 9.01
C LEU F 207 -16.51 10.35 8.48
N ALA F 208 -16.05 10.40 7.23
CA ALA F 208 -15.54 11.61 6.61
C ALA F 208 -16.66 12.52 6.11
N PRO F 209 -16.85 13.65 6.81
CA PRO F 209 -17.98 14.57 6.60
C PRO F 209 -18.09 15.03 5.15
N LEU F 210 -16.96 15.29 4.51
CA LEU F 210 -16.99 15.71 3.09
C LEU F 210 -17.58 14.66 2.13
N ALA F 211 -17.25 13.38 2.33
CA ALA F 211 -17.84 12.29 1.54
C ALA F 211 -19.33 12.19 1.82
N ILE F 212 -19.72 12.36 3.07
CA ILE F 212 -21.15 12.37 3.40
C ILE F 212 -21.92 13.55 2.78
N GLN F 213 -21.37 14.75 2.87
CA GLN F 213 -22.02 15.93 2.30
C GLN F 213 -22.24 15.74 0.80
N HIS F 214 -21.19 15.31 0.09
CA HIS F 214 -21.33 15.09 -1.34
C HIS F 214 -22.42 14.06 -1.69
N ALA F 215 -22.44 12.92 -1.01
CA ALA F 215 -23.42 11.88 -1.35
C ALA F 215 -24.86 12.29 -0.96
N LYS F 216 -25.00 13.01 0.15
CA LYS F 216 -26.28 13.56 0.57
C LYS F 216 -26.83 14.52 -0.47
N ARG F 217 -26.01 15.48 -0.88
CA ARG F 217 -26.40 16.41 -1.92
C ARG F 217 -26.84 15.69 -3.21
N VAL F 218 -26.01 14.77 -3.69
CA VAL F 218 -26.30 14.11 -4.96
C VAL F 218 -27.56 13.25 -4.85
N LEU F 219 -27.70 12.48 -3.76
CA LEU F 219 -28.92 11.72 -3.53
C LEU F 219 -30.17 12.60 -3.46
N ASN F 220 -30.05 13.76 -2.79
CA ASN F 220 -31.21 14.66 -2.66
C ASN F 220 -31.64 15.31 -3.98
N ASP F 221 -30.66 15.46 -4.87
CA ASP F 221 -30.88 15.92 -6.23
C ASP F 221 -31.15 14.75 -7.20
N ASP F 222 -31.93 13.76 -6.78
CA ASP F 222 -32.26 12.65 -7.69
C ASP F 222 -33.43 13.00 -8.61
N GLY F 223 -34.02 14.17 -8.38
CA GLY F 223 -35.17 14.64 -9.14
C GLY F 223 -36.40 14.79 -8.27
N ALA F 224 -36.36 14.22 -7.07
CA ALA F 224 -37.50 14.27 -6.18
C ALA F 224 -37.95 15.70 -5.86
N ILE F 225 -37.00 16.64 -5.83
CA ILE F 225 -37.37 18.04 -5.68
C ILE F 225 -37.94 18.52 -7.03
N GLU F 226 -39.24 18.42 -7.20
CA GLU F 226 -39.83 18.77 -8.49
C GLU F 226 -40.84 19.88 -8.38
N GLU F 227 -40.65 20.92 -9.18
CA GLU F 227 -41.67 21.93 -9.29
C GLU F 227 -42.83 21.26 -9.98
N ALA F 228 -44.03 21.45 -9.43
CA ALA F 228 -45.25 20.90 -10.01
C ALA F 228 -45.47 21.35 -11.47
N TRP F 229 -46.00 20.43 -12.27
CA TRP F 229 -46.41 20.73 -13.65
C TRP F 229 -47.71 21.53 -13.60
N PRO F 230 -47.96 22.36 -14.63
CA PRO F 230 -49.20 23.16 -14.63
C PRO F 230 -50.44 22.32 -14.28
N ALA F 231 -50.56 21.13 -14.88
CA ALA F 231 -51.66 20.24 -14.56
C ALA F 231 -51.67 19.80 -13.09
N HIS F 232 -50.48 19.67 -12.49
CA HIS F 232 -50.41 19.29 -11.08
C HIS F 232 -50.87 20.44 -10.17
N LYS F 233 -50.37 21.65 -10.43
CA LYS F 233 -50.86 22.88 -9.74
C LYS F 233 -52.38 23.03 -9.83
N GLU F 234 -52.93 22.81 -11.02
CA GLU F 234 -54.37 22.87 -11.24
C GLU F 234 -55.14 21.92 -10.30
N LEU F 235 -54.82 20.63 -10.39
CA LEU F 235 -55.53 19.62 -9.62
C LEU F 235 -55.29 19.80 -8.13
N PHE F 236 -54.08 20.21 -7.77
CA PHE F 236 -53.72 20.52 -6.39
C PHE F 236 -54.65 21.58 -5.83
N ASP F 237 -54.86 22.66 -6.59
CA ASP F 237 -55.77 23.72 -6.14
C ASP F 237 -57.24 23.31 -6.09
N LYS F 238 -57.71 22.57 -7.09
CA LYS F 238 -59.07 22.06 -7.10
C LYS F 238 -59.36 21.26 -5.84
N ALA F 239 -58.43 20.41 -5.43
CA ALA F 239 -58.63 19.62 -4.23
C ALA F 239 -58.64 20.47 -2.95
N TRP F 240 -57.72 21.42 -2.84
CA TRP F 240 -57.59 22.18 -1.60
C TRP F 240 -58.75 23.14 -1.32
N GLY F 241 -59.36 23.63 -2.40
CA GLY F 241 -60.49 24.54 -2.30
C GLY F 241 -61.85 23.87 -2.46
N SER F 242 -61.83 22.57 -2.71
CA SER F 242 -63.06 21.81 -2.96
C SER F 242 -63.95 21.75 -1.74
N GLN F 243 -65.22 21.42 -1.96
CA GLN F 243 -66.20 21.31 -0.88
C GLN F 243 -65.92 20.07 -0.04
N ASP F 244 -65.56 18.99 -0.72
CA ASP F 244 -65.20 17.72 -0.09
C ASP F 244 -64.23 17.86 1.10
N VAL F 245 -63.29 18.79 1.01
CA VAL F 245 -62.37 19.07 2.10
C VAL F 245 -63.13 19.50 3.36
N ILE F 246 -64.14 20.36 3.17
CA ILE F 246 -65.00 20.76 4.27
C ILE F 246 -65.83 19.58 4.80
N GLU F 247 -66.35 18.76 3.88
CA GLU F 247 -67.13 17.58 4.25
C GLU F 247 -66.32 16.56 5.08
N ALA F 248 -65.07 16.33 4.71
CA ALA F 248 -64.22 15.38 5.45
C ALA F 248 -64.05 15.81 6.91
N GLN F 249 -63.86 17.11 7.11
CA GLN F 249 -63.75 17.69 8.45
C GLN F 249 -65.04 17.52 9.23
N VAL F 250 -66.16 17.88 8.59
CA VAL F 250 -67.47 17.80 9.19
C VAL F 250 -67.79 16.38 9.62
N ALA F 251 -67.64 15.44 8.68
CA ALA F 251 -67.96 14.03 8.92
C ALA F 251 -67.16 13.49 10.08
N ARG F 252 -65.91 13.92 10.18
CA ARG F 252 -65.04 13.54 11.29
C ARG F 252 -65.61 14.15 12.56
N MET F 253 -65.90 15.45 12.50
CA MET F 253 -66.45 16.15 13.65
C MET F 253 -67.95 15.86 13.82
N GLU F 254 -68.40 14.75 13.26
CA GLU F 254 -69.77 14.27 13.44
C GLU F 254 -69.83 12.75 13.54
N LYS F 255 -68.68 12.12 13.77
CA LYS F 255 -68.58 10.69 14.02
C LYS F 255 -69.16 9.77 12.92
N ARG F 256 -69.56 10.37 11.81
CA ARG F 256 -70.16 9.61 10.72
C ARG F 256 -69.20 9.44 9.56
N PRO F 257 -69.46 8.48 8.67
CA PRO F 257 -68.69 8.39 7.42
C PRO F 257 -68.99 9.58 6.50
N PRO F 258 -67.98 10.02 5.73
CA PRO F 258 -68.19 11.18 4.84
C PRO F 258 -68.87 10.76 3.57
N LYS F 259 -69.41 11.73 2.85
CA LYS F 259 -70.07 11.48 1.57
C LYS F 259 -69.54 12.47 0.56
N PHE F 260 -68.50 12.07 -0.18
CA PHE F 260 -67.82 12.97 -1.10
C PHE F 260 -68.57 13.10 -2.42
N GLN F 261 -68.51 14.28 -3.03
CA GLN F 261 -69.25 14.55 -4.26
C GLN F 261 -68.32 14.95 -5.41
N GLY F 262 -67.00 14.92 -5.15
CA GLY F 262 -66.01 15.18 -6.19
C GLY F 262 -65.86 16.64 -6.63
N ALA F 263 -65.98 17.57 -5.69
CA ALA F 263 -65.94 18.99 -6.00
C ALA F 263 -65.87 19.85 -4.75
#